data_1BCC
#
_entry.id   1BCC
#
_cell.length_a   169.590
_cell.length_b   182.518
_cell.length_c   240.573
_cell.angle_alpha   90.00
_cell.angle_beta   90.00
_cell.angle_gamma   90.00
#
_symmetry.space_group_name_H-M   'P 21 21 21'
#
loop_
_entity.id
_entity.type
_entity.pdbx_description
1 polymer 'UBIQUINOL CYTOCHROME C OXIDOREDUCTASE'
2 polymer 'UBIQUINOL CYTOCHROME C OXIDOREDUCTASE'
3 polymer 'UBIQUINOL CYTOCHROME C OXIDOREDUCTASE'
4 polymer 'UBIQUINOL CYTOCHROME C OXIDOREDUCTASE'
5 polymer 'UBIQUINOL CYTOCHROME C OXIDOREDUCTASE'
6 polymer 'UBIQUINOL CYTOCHROME C OXIDOREDUCTASE'
7 polymer 'UBIQUINOL CYTOCHROME C OXIDOREDUCTASE'
8 polymer 'UBIQUINOL CYTOCHROME C OXIDOREDUCTASE'
9 polymer 'UBIQUINOL CYTOCHROME C OXIDOREDUCTASE'
10 polymer 'UBIQUINOL CYTOCHROME C OXIDOREDUCTASE'
11 non-polymer 'PROTOPORPHYRIN IX CONTAINING FE'
12 non-polymer UBIQUINONE-10
13 non-polymer 1,2-dioleoyl-sn-glycero-3-phosphoethanolamine
14 non-polymer 'octyl beta-D-glucopyranoside'
15 non-polymer 'FE2/S2 (INORGANIC) CLUSTER'
#
loop_
_entity_poly.entity_id
_entity_poly.type
_entity_poly.pdbx_seq_one_letter_code
_entity_poly.pdbx_strand_id
1 'polypeptide(L)'
;TAYYAQALQSVPETQVSQLDNGVRVASEQSSQPTCTVGVWIDAGSRYESEKNNGAGYFLEHLAFKGTKNRPQNALEKEVE
SMGAHLNAYSSREHTAYYIKALSKDVPKAVELLADIVQNCSLEDSQIEKERDVIVRELQENDTSMREVVFNYLHATAFQG
TGLAQSVEGPSENIRKLSRADLTEYLSTHYTAPRMVLAAAGGVEHQQLLELAQKHFGGVPFTYDDDAVPTLSKCRFTGSQ
IRHREDGLPLAHVAIAVEGPGWAHPDLVALQVANAIIGHYDRTYGGGLHSSSPLASIAVTNKLCQSFQTFSICYSETGLF
GFYFVCDRMSIDDMMFVLQGQWMRLCTSISESEVLRGKNFLRNALVSHLDGTTPVCEDIGRELLTYGRRIPLEEWEERLA
EVDARMVREVCSKYIYDQCPAVAGPGPIEQLPDYNRIRSGMFWLRF
;
A
2 'polypeptide(L)'
;PPHPQDLEITKLPNGLVIASLENYSPGSTIGVFIKAGSRYENSSNLGTSHLLRLASSLTTKGASSFKITRGIEAVGGKLS
VESTRENMAYTVECLRDDVEILMEFLLNVTTAPEFRPWEVADLQPQLKIDKAVAFQNPQTHVIENLHAAAYRNALADSLY
CPDYRIGKVTSVELHDFVQNHFTSARMALVGLGVSHPVLKNVAEQLLNIRGGLGLSGAKAKYRGGEIREQNGDSLVHAAI
VAESAAIGGAEANAFSVLQHVLGANPHVKRGLNATSSLYQAVAKGVHNPFDVSAFNASYSDSGLFGFYTISQAAYAGQVI
KAAYNQVKTIAQGNVSNENVQAAKNKLKAKYLMSVESSEGFLEEVGSQALAAGSYNPPSTVLQQIDAVADADVIKAAKKF
VSRQKSMAASGNLGHTPFVDEL
;
B
3 'polypeptide(L)'
;MAPNIRKSHPLLKMINNSLIDLPAPSNISAWWNFGSLLAVCLMTQILTGLLLAMHYTADTSLAFSSVAHTCRNVQYGWLI
RNLHANGASFFFICIFLHIGRGLYYGSYLYKETWNTGVILLLTLMATAFVGYVLPWGQMSFWGATVITNLFSAIPYIGHT
LVEWAWGGFSVDNPTLTRFFALHFLLPFAIAGITIIHLTFLHESGSNNPLGISSDSDKIPFHPYYSFKDILGLTLMLTPF
LTLALFSPNLLGDPENFTPANPLVTPPHIKPEWYFLFAYAILRSIPNKLGGVLALAASVLILFLIPFLHKSKQRTMTFRP
LSQTLFWLLVANLLILTWIGSQPVEHPFIIIGQMASLSYFTILLILFPTIGTLENKMLNY
;
C
4 'polypeptide(L)'
;SDLELHPPSYPWSHRGPLSSLDHTSIRRGFQVYKQVCSSCHSMDYVAYRHLVGVCYTEDEAKALAEEVEVQDGPNEDGEM
FMRPGKLSDYFPKPYPNPEAARAANNGALPPDLSYIVRARHGGEDYVFSLLTGYCEPPTGVSVREGLYFNPYFPGQAIGM
APPIYNDVLEFDDGTPATMSQVAKDVCTFLRWAAEPEHDHRKRMGLKMLLMMGLLVPLVYYMKRHKWSVLKSRKLAYRPP
K
;
D
5 'polypeptide(L)'
;SHTDIKVPNFSDYRRPPDDYSTKSSRESDPSRKGFSYLVTAVTTLGVAYAAKNVVTQFVSSMSASADVLAMSKIEIKLSD
IPEGKNMAFKWRGKPLFVRHRTKKEIDQEAAVEVSQLRDPQHDLERVKKPEWVILIGVCTHLGCVPIANAGDFGGYYCPC
HGSHYDASGRIRKGPAPLNLEVPSYEFTSDDMVIVG
;
E
6 'polypeptide(L)'
;AGRPAVSASSRWLEGIRKWYYNAAGFNKYGLMRDDTIYENDDVKEAIRRLPENLYDDRMFRIKRALDLNMRQQILPKEQW
TKYEEDVPYLEPYLKEVIRERKEREEWDK
;
F
7 'polypeptide(L)'
;GRQFGHLTRVRHLITYSLSPFEQRPFPHYFSKGVPNVWRRLRACILRVAPPFLAFYLLYTWGTQEFEKSKRKNPAAYVND
R
;
G
8 'polypeptide(L)' GDPKEEEEEEEELVDPLTTVREQCEQLEKCVKARERLELCDERVSSRSQTEEDCTEELFDFLHARDHCVAHKLFNSLK H
9 'polypeptide(L)'
;(UNK)(UNK)(UNK)(UNK)(UNK)(UNK)(UNK)(UNK)(UNK)(UNK)(UNK)(UNK)(UNK)(UNK)(UNK)(UNK)
(UNK)(UNK)(UNK)(UNK)(UNK)(UNK)(UNK)(UNK)(UNK)(UNK)(UNK)(UNK)(UNK)(UNK)(UNK)(UNK)
(UNK)
;
I
10 'polypeptide(L)' VAPTLTARLYSLLFRRTSTFALTIVVGALLFERAFDQGADAIYEHINEGKLWKHIKHKYENK J
#
# COMPACT_ATOMS: atom_id res chain seq x y z
N TYR A 4 -30.65 -42.60 3.56
CA TYR A 4 -30.04 -41.54 2.69
C TYR A 4 -29.13 -42.12 1.63
N ALA A 5 -28.05 -42.76 2.07
CA ALA A 5 -27.12 -43.36 1.15
C ALA A 5 -27.91 -44.31 0.24
N GLN A 6 -28.91 -44.96 0.82
CA GLN A 6 -29.75 -45.88 0.06
C GLN A 6 -30.58 -45.04 -0.90
N ALA A 7 -31.19 -43.98 -0.39
CA ALA A 7 -32.01 -43.09 -1.21
C ALA A 7 -31.21 -42.76 -2.46
N LEU A 8 -29.92 -42.51 -2.29
CA LEU A 8 -29.03 -42.18 -3.40
C LEU A 8 -28.79 -43.40 -4.26
N GLN A 9 -28.53 -44.51 -3.58
CA GLN A 9 -28.25 -45.78 -4.24
C GLN A 9 -29.46 -46.26 -5.05
N SER A 10 -30.66 -45.88 -4.61
CA SER A 10 -31.89 -46.28 -5.28
C SER A 10 -32.36 -45.24 -6.30
N VAL A 11 -31.50 -44.26 -6.58
CA VAL A 11 -31.85 -43.23 -7.57
C VAL A 11 -31.52 -43.80 -8.95
N PRO A 12 -32.55 -43.98 -9.79
CA PRO A 12 -32.43 -44.52 -11.14
C PRO A 12 -31.29 -43.94 -11.96
N GLU A 13 -30.68 -44.82 -12.77
CA GLU A 13 -29.57 -44.42 -13.62
C GLU A 13 -30.06 -43.57 -14.80
N THR A 14 -29.17 -42.72 -15.32
CA THR A 14 -29.51 -41.85 -16.43
C THR A 14 -29.07 -42.40 -17.77
N GLN A 15 -30.03 -42.94 -18.52
CA GLN A 15 -29.77 -43.51 -19.83
C GLN A 15 -29.16 -42.54 -20.83
N VAL A 16 -28.15 -43.02 -21.54
CA VAL A 16 -27.43 -42.24 -22.53
C VAL A 16 -27.13 -43.08 -23.78
N SER A 17 -27.16 -42.44 -24.95
CA SER A 17 -26.85 -43.13 -26.21
C SER A 17 -26.74 -42.14 -27.38
N GLN A 18 -25.67 -42.25 -28.15
CA GLN A 18 -25.44 -41.37 -29.30
C GLN A 18 -26.07 -41.95 -30.56
N LEU A 19 -26.37 -41.08 -31.54
CA LEU A 19 -26.96 -41.54 -32.78
C LEU A 19 -25.86 -41.80 -33.81
N ASP A 20 -26.25 -42.35 -34.96
CA ASP A 20 -25.30 -42.58 -36.04
C ASP A 20 -25.02 -41.16 -36.55
N ASN A 21 -25.75 -40.21 -35.98
CA ASN A 21 -25.62 -38.82 -36.34
C ASN A 21 -24.47 -38.18 -35.58
N GLY A 22 -24.56 -38.21 -34.25
CA GLY A 22 -23.55 -37.65 -33.39
C GLY A 22 -24.19 -37.07 -32.14
N VAL A 23 -25.50 -36.82 -32.22
CA VAL A 23 -26.25 -36.28 -31.09
C VAL A 23 -26.25 -37.28 -29.95
N ARG A 24 -26.16 -36.78 -28.72
CA ARG A 24 -26.18 -37.66 -27.56
C ARG A 24 -27.58 -37.49 -26.96
N VAL A 25 -28.28 -38.60 -26.79
CA VAL A 25 -29.61 -38.54 -26.22
C VAL A 25 -29.63 -39.19 -24.86
N ALA A 26 -29.88 -38.38 -23.82
CA ALA A 26 -29.91 -38.87 -22.46
C ALA A 26 -31.16 -38.43 -21.73
N SER A 27 -31.47 -39.12 -20.63
CA SER A 27 -32.66 -38.80 -19.88
C SER A 27 -32.76 -39.54 -18.57
N GLU A 28 -33.68 -39.09 -17.71
CA GLU A 28 -33.93 -39.73 -16.43
C GLU A 28 -35.42 -39.97 -16.28
N GLN A 29 -35.83 -41.24 -16.35
CA GLN A 29 -37.23 -41.62 -16.22
C GLN A 29 -37.62 -41.58 -14.75
N SER A 30 -38.73 -40.92 -14.45
CA SER A 30 -39.20 -40.78 -13.07
C SER A 30 -40.56 -41.41 -12.81
N SER A 31 -41.61 -40.69 -13.18
CA SER A 31 -43.00 -41.11 -12.99
C SER A 31 -43.84 -39.89 -13.30
N GLN A 32 -43.40 -38.75 -12.78
CA GLN A 32 -44.07 -37.46 -12.95
C GLN A 32 -44.80 -37.33 -14.28
N PRO A 33 -46.13 -37.10 -14.23
CA PRO A 33 -46.97 -36.94 -15.41
C PRO A 33 -46.40 -35.87 -16.32
N THR A 34 -45.59 -34.99 -15.73
CA THR A 34 -44.97 -33.90 -16.45
C THR A 34 -43.54 -34.28 -16.76
N CYS A 35 -42.83 -33.38 -17.43
CA CYS A 35 -41.43 -33.61 -17.77
C CYS A 35 -40.95 -32.37 -18.50
N THR A 36 -39.69 -32.40 -18.91
CA THR A 36 -39.08 -31.30 -19.64
C THR A 36 -37.96 -31.88 -20.49
N VAL A 37 -37.97 -31.52 -21.77
CA VAL A 37 -36.94 -31.98 -22.69
C VAL A 37 -36.42 -30.76 -23.44
N GLY A 38 -35.17 -30.84 -23.86
CA GLY A 38 -34.58 -29.74 -24.59
C GLY A 38 -33.20 -30.10 -25.06
N VAL A 39 -32.67 -29.29 -25.96
CA VAL A 39 -31.33 -29.52 -26.49
C VAL A 39 -30.39 -28.47 -25.87
N TRP A 40 -29.16 -28.88 -25.60
CA TRP A 40 -28.16 -28.03 -25.00
C TRP A 40 -26.95 -27.99 -25.93
N ILE A 41 -26.71 -26.82 -26.50
CA ILE A 41 -25.63 -26.63 -27.45
C ILE A 41 -24.25 -26.29 -26.87
N ASP A 42 -23.22 -26.75 -27.57
CA ASP A 42 -21.82 -26.53 -27.23
C ASP A 42 -21.46 -25.22 -27.97
N ALA A 43 -22.24 -24.18 -27.67
CA ALA A 43 -22.03 -22.88 -28.30
C ALA A 43 -22.36 -21.75 -27.35
N GLY A 44 -21.56 -20.69 -27.43
CA GLY A 44 -21.75 -19.53 -26.57
C GLY A 44 -21.23 -18.30 -27.28
N SER A 45 -20.97 -17.24 -26.53
CA SER A 45 -20.47 -16.03 -27.12
C SER A 45 -18.98 -16.27 -27.28
N ARG A 46 -18.45 -17.15 -26.47
CA ARG A 46 -17.04 -17.43 -26.58
C ARG A 46 -16.70 -17.78 -28.00
N TYR A 47 -17.61 -18.46 -28.68
CA TYR A 47 -17.34 -18.88 -30.05
C TYR A 47 -17.47 -17.79 -31.11
N GLU A 48 -17.85 -16.59 -30.73
CA GLU A 48 -18.02 -15.53 -31.72
C GLU A 48 -16.72 -14.81 -32.04
N SER A 49 -16.77 -13.92 -33.03
CA SER A 49 -15.63 -13.13 -33.50
C SER A 49 -15.89 -11.70 -33.09
N GLU A 50 -14.97 -10.81 -33.45
CA GLU A 50 -15.12 -9.40 -33.13
C GLU A 50 -16.31 -8.83 -33.89
N LYS A 51 -16.68 -9.51 -34.96
CA LYS A 51 -17.78 -9.05 -35.80
C LYS A 51 -18.96 -10.01 -35.76
N ASN A 52 -18.70 -11.20 -35.24
CA ASN A 52 -19.69 -12.25 -35.14
C ASN A 52 -20.43 -12.12 -33.81
N ASN A 53 -19.72 -11.65 -32.78
CA ASN A 53 -20.26 -11.49 -31.42
C ASN A 53 -21.64 -10.84 -31.30
N GLY A 54 -22.54 -11.58 -30.65
CA GLY A 54 -23.90 -11.13 -30.46
C GLY A 54 -24.86 -11.99 -31.25
N ALA A 55 -24.35 -12.59 -32.33
CA ALA A 55 -25.16 -13.45 -33.19
C ALA A 55 -25.97 -14.39 -32.29
N GLY A 56 -25.27 -15.35 -31.68
CA GLY A 56 -25.92 -16.30 -30.80
C GLY A 56 -27.05 -15.75 -29.96
N TYR A 57 -26.96 -14.48 -29.58
CA TYR A 57 -28.00 -13.87 -28.77
C TYR A 57 -29.10 -13.33 -29.67
N PHE A 58 -28.71 -12.69 -30.77
CA PHE A 58 -29.66 -12.15 -31.72
C PHE A 58 -30.47 -13.36 -32.11
N LEU A 59 -29.75 -14.46 -32.33
CA LEU A 59 -30.33 -15.74 -32.68
C LEU A 59 -31.35 -16.24 -31.65
N GLU A 60 -31.01 -16.16 -30.38
CA GLU A 60 -31.92 -16.62 -29.33
C GLU A 60 -33.24 -15.90 -29.45
N HIS A 61 -33.22 -14.58 -29.59
CA HIS A 61 -34.45 -13.81 -29.71
C HIS A 61 -35.32 -14.12 -30.93
N LEU A 62 -34.88 -15.04 -31.78
CA LEU A 62 -35.65 -15.39 -32.97
C LEU A 62 -35.99 -16.87 -32.97
N ALA A 63 -35.25 -17.65 -32.20
CA ALA A 63 -35.45 -19.08 -32.15
C ALA A 63 -36.90 -19.49 -32.00
N PHE A 64 -37.65 -18.69 -31.25
CA PHE A 64 -39.04 -19.01 -31.01
C PHE A 64 -40.03 -18.41 -32.00
N LYS A 65 -39.73 -17.22 -32.49
CA LYS A 65 -40.62 -16.53 -33.43
C LYS A 65 -41.00 -17.23 -34.74
N GLY A 66 -40.86 -18.55 -34.77
CA GLY A 66 -41.27 -19.30 -35.95
C GLY A 66 -40.25 -19.95 -36.87
N THR A 67 -40.68 -21.06 -37.48
CA THR A 67 -39.84 -21.81 -38.42
C THR A 67 -40.46 -21.74 -39.80
N LYS A 68 -39.73 -22.22 -40.81
CA LYS A 68 -40.25 -22.22 -42.17
C LYS A 68 -41.39 -23.23 -42.23
N ASN A 69 -41.20 -24.37 -41.57
CA ASN A 69 -42.19 -25.44 -41.54
C ASN A 69 -43.49 -24.96 -40.87
N ARG A 70 -43.37 -23.96 -40.01
CA ARG A 70 -44.56 -23.43 -39.33
C ARG A 70 -44.28 -22.05 -38.71
N PRO A 71 -44.68 -20.98 -39.43
CA PRO A 71 -44.53 -19.58 -39.05
C PRO A 71 -44.90 -19.24 -37.60
N GLN A 72 -44.58 -18.01 -37.20
CA GLN A 72 -44.82 -17.52 -35.84
C GLN A 72 -46.20 -17.84 -35.29
N ASN A 73 -47.20 -17.12 -35.78
CA ASN A 73 -48.58 -17.30 -35.33
C ASN A 73 -48.87 -18.74 -34.92
N ALA A 74 -48.39 -19.68 -35.74
CA ALA A 74 -48.60 -21.10 -35.50
C ALA A 74 -47.75 -21.66 -34.36
N LEU A 75 -46.43 -21.69 -34.53
CA LEU A 75 -45.56 -22.24 -33.49
C LEU A 75 -46.06 -21.79 -32.13
N GLU A 76 -46.21 -20.49 -31.96
CA GLU A 76 -46.67 -19.98 -30.68
C GLU A 76 -48.01 -20.64 -30.32
N LYS A 77 -48.95 -20.58 -31.25
CA LYS A 77 -50.29 -21.15 -31.04
C LYS A 77 -50.25 -22.62 -30.67
N GLU A 78 -49.44 -23.38 -31.39
CA GLU A 78 -49.33 -24.81 -31.14
C GLU A 78 -48.75 -25.16 -29.77
N VAL A 79 -47.84 -24.34 -29.26
CA VAL A 79 -47.25 -24.64 -27.96
C VAL A 79 -48.19 -24.22 -26.85
N GLU A 80 -48.62 -22.97 -26.91
CA GLU A 80 -49.56 -22.43 -25.92
C GLU A 80 -50.71 -23.43 -25.78
N SER A 81 -51.28 -23.79 -26.93
CA SER A 81 -52.41 -24.70 -27.01
C SER A 81 -52.23 -26.04 -26.32
N MET A 82 -51.00 -26.49 -26.16
CA MET A 82 -50.78 -27.76 -25.50
C MET A 82 -50.29 -27.62 -24.08
N GLY A 83 -50.34 -26.40 -23.57
CA GLY A 83 -49.93 -26.11 -22.22
C GLY A 83 -48.46 -26.37 -21.96
N ALA A 84 -47.66 -26.39 -23.02
CA ALA A 84 -46.22 -26.61 -22.88
C ALA A 84 -45.48 -25.29 -22.76
N HIS A 85 -44.36 -25.32 -22.05
CA HIS A 85 -43.52 -24.13 -21.86
C HIS A 85 -42.17 -24.24 -22.59
N LEU A 86 -41.88 -23.25 -23.42
CA LEU A 86 -40.63 -23.19 -24.18
C LEU A 86 -39.80 -22.00 -23.70
N ASN A 87 -38.62 -22.28 -23.16
CA ASN A 87 -37.72 -21.24 -22.66
C ASN A 87 -36.30 -21.67 -22.93
N ALA A 88 -35.35 -20.76 -22.73
CA ALA A 88 -33.94 -21.05 -22.99
C ALA A 88 -32.95 -19.93 -22.67
N TYR A 89 -31.68 -20.19 -22.93
CA TYR A 89 -30.61 -19.23 -22.64
C TYR A 89 -29.30 -19.50 -23.39
N SER A 90 -28.33 -18.63 -23.17
CA SER A 90 -27.01 -18.77 -23.78
C SER A 90 -25.96 -18.04 -22.94
N SER A 91 -24.90 -18.75 -22.58
CA SER A 91 -23.81 -18.18 -21.79
C SER A 91 -22.63 -17.89 -22.70
N ARG A 92 -21.42 -18.12 -22.19
CA ARG A 92 -20.22 -17.88 -22.98
C ARG A 92 -19.82 -19.16 -23.67
N GLU A 93 -20.10 -20.30 -23.05
CA GLU A 93 -19.78 -21.61 -23.64
C GLU A 93 -20.95 -22.58 -23.52
N HIS A 94 -22.20 -22.15 -23.61
CA HIS A 94 -23.25 -23.13 -23.35
C HIS A 94 -24.58 -22.47 -23.61
N THR A 95 -25.33 -23.01 -24.58
CA THR A 95 -26.65 -22.50 -24.95
C THR A 95 -27.63 -23.65 -24.84
N ALA A 96 -28.91 -23.34 -24.68
CA ALA A 96 -29.90 -24.40 -24.57
C ALA A 96 -31.35 -23.93 -24.79
N TYR A 97 -32.19 -24.83 -25.29
CA TYR A 97 -33.60 -24.54 -25.49
C TYR A 97 -34.32 -25.73 -24.91
N TYR A 98 -35.28 -25.47 -24.04
CA TYR A 98 -36.03 -26.54 -23.41
C TYR A 98 -37.52 -26.33 -23.32
N ILE A 99 -38.25 -27.43 -23.35
CA ILE A 99 -39.69 -27.39 -23.25
C ILE A 99 -40.14 -28.28 -22.12
N LYS A 100 -41.23 -27.87 -21.49
CA LYS A 100 -41.81 -28.62 -20.39
C LYS A 100 -43.29 -28.88 -20.62
N ALA A 101 -43.60 -30.15 -20.87
CA ALA A 101 -44.97 -30.60 -21.11
C ALA A 101 -45.30 -31.84 -20.26
N LEU A 102 -46.34 -32.55 -20.68
CA LEU A 102 -46.83 -33.69 -19.91
C LEU A 102 -46.32 -35.08 -20.28
N SER A 103 -45.06 -35.19 -20.70
CA SER A 103 -44.48 -36.48 -21.07
C SER A 103 -45.41 -37.35 -21.93
N LYS A 104 -46.51 -36.75 -22.35
CA LYS A 104 -47.48 -37.41 -23.19
C LYS A 104 -47.16 -36.82 -24.55
N ASP A 105 -46.14 -35.97 -24.56
CA ASP A 105 -45.81 -35.30 -25.79
C ASP A 105 -44.32 -35.29 -26.15
N VAL A 106 -43.56 -36.22 -25.57
CA VAL A 106 -42.15 -36.31 -25.88
C VAL A 106 -42.03 -36.16 -27.40
N PRO A 107 -42.70 -37.03 -28.15
CA PRO A 107 -42.64 -36.94 -29.61
C PRO A 107 -42.96 -35.55 -30.19
N LYS A 108 -44.02 -34.93 -29.72
CA LYS A 108 -44.38 -33.61 -30.25
C LYS A 108 -43.31 -32.60 -29.83
N ALA A 109 -43.01 -32.56 -28.54
CA ALA A 109 -41.99 -31.64 -28.06
C ALA A 109 -40.74 -31.86 -28.92
N VAL A 110 -40.21 -33.08 -28.86
CA VAL A 110 -39.03 -33.44 -29.62
C VAL A 110 -39.05 -32.88 -31.02
N GLU A 111 -40.18 -33.01 -31.70
CA GLU A 111 -40.26 -32.48 -33.05
C GLU A 111 -40.13 -30.96 -33.03
N LEU A 112 -40.93 -30.30 -32.20
CA LEU A 112 -40.86 -28.86 -32.10
C LEU A 112 -39.41 -28.41 -31.95
N LEU A 113 -38.73 -28.99 -30.96
CA LEU A 113 -37.33 -28.70 -30.69
C LEU A 113 -36.56 -28.65 -31.99
N ALA A 114 -36.34 -29.82 -32.56
CA ALA A 114 -35.63 -29.98 -33.81
C ALA A 114 -35.95 -28.90 -34.82
N ASP A 115 -37.24 -28.71 -35.07
CA ASP A 115 -37.69 -27.72 -36.04
C ASP A 115 -37.11 -26.33 -35.77
N ILE A 116 -36.69 -26.10 -34.53
CA ILE A 116 -36.12 -24.80 -34.17
C ILE A 116 -34.62 -24.76 -34.36
N VAL A 117 -33.93 -25.71 -33.74
CA VAL A 117 -32.49 -25.77 -33.86
C VAL A 117 -32.08 -26.12 -35.28
N GLN A 118 -33.03 -26.19 -36.19
CA GLN A 118 -32.72 -26.53 -37.58
C GLN A 118 -33.33 -25.66 -38.68
N ASN A 119 -34.49 -25.07 -38.41
CA ASN A 119 -35.17 -24.22 -39.42
C ASN A 119 -35.79 -22.88 -38.98
N CYS A 120 -35.08 -22.05 -38.23
CA CYS A 120 -35.66 -20.78 -37.81
C CYS A 120 -35.94 -19.91 -39.00
N SER A 121 -37.15 -19.38 -39.05
CA SER A 121 -37.55 -18.53 -40.16
C SER A 121 -36.53 -17.46 -40.49
N LEU A 122 -36.02 -16.78 -39.47
CA LEU A 122 -35.06 -15.71 -39.69
C LEU A 122 -35.67 -14.74 -40.67
N GLU A 123 -36.95 -14.44 -40.44
CA GLU A 123 -37.67 -13.54 -41.31
C GLU A 123 -36.97 -12.19 -41.32
N ASP A 124 -36.45 -11.82 -42.48
CA ASP A 124 -35.74 -10.55 -42.66
C ASP A 124 -36.59 -9.42 -42.06
N SER A 125 -37.89 -9.65 -41.93
CA SER A 125 -38.81 -8.65 -41.38
C SER A 125 -38.93 -8.72 -39.86
N GLN A 126 -38.76 -9.91 -39.29
CA GLN A 126 -38.83 -10.13 -37.85
C GLN A 126 -37.53 -9.67 -37.23
N ILE A 127 -36.43 -10.15 -37.81
CA ILE A 127 -35.11 -9.78 -37.35
C ILE A 127 -35.03 -8.29 -37.05
N GLU A 128 -35.09 -7.46 -38.07
CA GLU A 128 -35.04 -6.01 -37.91
C GLU A 128 -35.82 -5.51 -36.68
N LYS A 129 -36.85 -6.24 -36.27
CA LYS A 129 -37.65 -5.85 -35.09
C LYS A 129 -36.91 -6.18 -33.79
N GLU A 130 -36.58 -7.46 -33.62
CA GLU A 130 -35.84 -7.90 -32.44
C GLU A 130 -34.55 -7.11 -32.29
N ARG A 131 -34.01 -6.65 -33.41
CA ARG A 131 -32.79 -5.87 -33.40
C ARG A 131 -32.98 -4.69 -32.45
N ASP A 132 -34.08 -3.98 -32.60
CA ASP A 132 -34.33 -2.83 -31.76
C ASP A 132 -34.86 -3.26 -30.39
N VAL A 133 -35.30 -4.50 -30.27
CA VAL A 133 -35.80 -5.01 -29.01
C VAL A 133 -34.62 -5.28 -28.09
N ILE A 134 -33.54 -5.79 -28.67
CA ILE A 134 -32.35 -6.10 -27.92
C ILE A 134 -31.70 -4.81 -27.52
N VAL A 135 -31.38 -3.98 -28.50
CA VAL A 135 -30.74 -2.71 -28.23
C VAL A 135 -31.39 -2.03 -27.02
N ARG A 136 -32.68 -2.32 -26.81
CA ARG A 136 -33.43 -1.76 -25.68
C ARG A 136 -33.21 -2.66 -24.47
N GLU A 137 -33.52 -3.92 -24.64
CA GLU A 137 -33.37 -4.93 -23.61
C GLU A 137 -31.95 -4.84 -23.04
N LEU A 138 -31.02 -4.43 -23.89
CA LEU A 138 -29.61 -4.33 -23.52
C LEU A 138 -29.40 -3.15 -22.61
N GLN A 139 -30.12 -2.06 -22.89
CA GLN A 139 -30.02 -0.85 -22.11
C GLN A 139 -30.76 -1.02 -20.79
N GLU A 140 -31.36 -2.18 -20.59
CA GLU A 140 -32.07 -2.46 -19.35
C GLU A 140 -31.13 -3.36 -18.56
N ASN A 141 -30.48 -4.31 -19.24
CA ASN A 141 -29.51 -5.20 -18.61
C ASN A 141 -28.47 -4.30 -17.95
N ASP A 142 -28.29 -3.12 -18.55
CA ASP A 142 -27.30 -2.14 -18.11
C ASP A 142 -27.45 -1.64 -16.69
N THR A 143 -28.55 -0.98 -16.36
CA THR A 143 -28.65 -0.49 -15.00
C THR A 143 -28.62 -1.57 -13.90
N SER A 144 -28.53 -2.84 -14.26
CA SER A 144 -28.42 -3.89 -13.26
C SER A 144 -26.97 -4.01 -12.84
N MET A 145 -26.46 -3.02 -12.12
CA MET A 145 -25.05 -2.98 -11.70
C MET A 145 -24.47 -4.28 -11.16
N ARG A 146 -25.35 -5.24 -10.89
CA ARG A 146 -24.95 -6.54 -10.35
C ARG A 146 -24.40 -7.39 -11.50
N GLU A 147 -24.85 -7.11 -12.72
CA GLU A 147 -24.40 -7.85 -13.91
C GLU A 147 -23.28 -7.13 -14.65
N VAL A 148 -23.40 -5.83 -14.83
CA VAL A 148 -22.33 -5.10 -15.51
C VAL A 148 -21.04 -5.43 -14.79
N VAL A 149 -21.07 -5.39 -13.47
CA VAL A 149 -19.89 -5.72 -12.68
C VAL A 149 -19.28 -7.06 -13.13
N PHE A 150 -20.04 -8.15 -13.14
CA PHE A 150 -19.48 -9.42 -13.58
C PHE A 150 -18.91 -9.35 -14.99
N ASN A 151 -19.64 -8.69 -15.89
CA ASN A 151 -19.16 -8.55 -17.26
C ASN A 151 -17.79 -7.90 -17.20
N TYR A 152 -17.72 -6.71 -16.61
CA TYR A 152 -16.46 -6.04 -16.47
C TYR A 152 -15.41 -6.97 -15.88
N LEU A 153 -15.81 -7.83 -14.94
CA LEU A 153 -14.86 -8.75 -14.33
C LEU A 153 -14.27 -9.59 -15.44
N HIS A 154 -15.12 -10.36 -16.11
CA HIS A 154 -14.67 -11.19 -17.20
C HIS A 154 -13.81 -10.39 -18.15
N ALA A 155 -14.32 -9.23 -18.56
CA ALA A 155 -13.61 -8.34 -19.48
C ALA A 155 -12.15 -8.28 -19.12
N THR A 156 -11.85 -7.72 -17.95
CA THR A 156 -10.47 -7.57 -17.49
C THR A 156 -9.80 -8.89 -17.12
N ALA A 157 -10.54 -9.79 -16.48
CA ALA A 157 -10.00 -11.09 -16.07
C ALA A 157 -9.41 -11.84 -17.25
N PHE A 158 -10.20 -11.92 -18.33
CA PHE A 158 -9.77 -12.59 -19.57
C PHE A 158 -9.61 -11.58 -20.70
N GLN A 159 -9.06 -10.41 -20.37
CA GLN A 159 -8.86 -9.33 -21.34
C GLN A 159 -8.10 -9.81 -22.55
N GLY A 160 -8.55 -9.37 -23.72
CA GLY A 160 -7.89 -9.73 -24.97
C GLY A 160 -8.20 -11.12 -25.52
N THR A 161 -9.15 -11.84 -24.91
CA THR A 161 -9.51 -13.17 -25.35
C THR A 161 -11.01 -13.34 -25.61
N GLY A 162 -11.37 -14.47 -26.22
CA GLY A 162 -12.76 -14.77 -26.55
C GLY A 162 -13.69 -14.66 -25.35
N LEU A 163 -13.21 -15.02 -24.17
CA LEU A 163 -14.05 -14.94 -22.98
C LEU A 163 -14.43 -13.52 -22.62
N ALA A 164 -13.49 -12.59 -22.79
CA ALA A 164 -13.69 -11.17 -22.44
C ALA A 164 -14.94 -10.51 -23.03
N GLN A 165 -15.41 -11.05 -24.15
CA GLN A 165 -16.60 -10.54 -24.82
C GLN A 165 -17.86 -10.92 -24.03
N SER A 166 -18.80 -9.97 -23.90
CA SER A 166 -20.05 -10.22 -23.17
C SER A 166 -21.01 -11.03 -24.01
N VAL A 167 -21.82 -11.89 -23.38
CA VAL A 167 -22.78 -12.77 -24.08
C VAL A 167 -23.80 -12.08 -24.97
N GLU A 168 -24.15 -10.84 -24.69
CA GLU A 168 -25.10 -10.15 -25.53
C GLU A 168 -24.38 -9.48 -26.69
N GLY A 169 -23.24 -8.84 -26.43
CA GLY A 169 -22.48 -8.19 -27.50
C GLY A 169 -22.64 -6.68 -27.65
N PRO A 170 -21.71 -5.99 -28.35
CA PRO A 170 -21.76 -4.54 -28.55
C PRO A 170 -22.98 -4.08 -29.32
N SER A 171 -23.38 -2.83 -29.07
CA SER A 171 -24.55 -2.27 -29.72
C SER A 171 -24.29 -2.17 -31.21
N GLU A 172 -23.05 -1.89 -31.58
CA GLU A 172 -22.72 -1.77 -33.00
C GLU A 172 -23.08 -3.08 -33.69
N ASN A 173 -22.53 -4.19 -33.22
CA ASN A 173 -22.83 -5.50 -33.78
C ASN A 173 -24.34 -5.74 -33.91
N ILE A 174 -25.06 -5.55 -32.82
CA ILE A 174 -26.49 -5.75 -32.86
C ILE A 174 -27.14 -4.80 -33.83
N ARG A 175 -26.70 -3.56 -33.85
CA ARG A 175 -27.27 -2.61 -34.79
C ARG A 175 -27.06 -3.05 -36.24
N LYS A 176 -26.07 -3.89 -36.50
CA LYS A 176 -25.78 -4.25 -37.89
C LYS A 176 -25.66 -5.71 -38.35
N LEU A 177 -25.79 -6.69 -37.46
CA LEU A 177 -25.70 -8.08 -37.89
C LEU A 177 -26.69 -8.33 -39.02
N SER A 178 -26.25 -9.12 -40.01
CA SER A 178 -27.08 -9.42 -41.17
C SER A 178 -27.84 -10.73 -41.11
N ARG A 179 -29.01 -10.71 -41.74
CA ARG A 179 -29.89 -11.87 -41.81
C ARG A 179 -28.97 -13.07 -42.05
N ALA A 180 -27.90 -12.82 -42.79
CA ALA A 180 -26.92 -13.82 -43.13
C ALA A 180 -26.15 -14.30 -41.90
N ASP A 181 -25.39 -13.40 -41.30
CA ASP A 181 -24.57 -13.70 -40.13
C ASP A 181 -25.26 -14.64 -39.17
N LEU A 182 -26.53 -14.40 -38.94
CA LEU A 182 -27.32 -15.23 -38.04
C LEU A 182 -27.33 -16.66 -38.57
N THR A 183 -27.67 -16.80 -39.84
CA THR A 183 -27.69 -18.11 -40.47
C THR A 183 -26.30 -18.69 -40.37
N GLU A 184 -25.31 -17.85 -40.68
CA GLU A 184 -23.91 -18.24 -40.64
C GLU A 184 -23.57 -18.78 -39.25
N TYR A 185 -24.10 -18.15 -38.19
CA TYR A 185 -23.84 -18.63 -36.83
C TYR A 185 -24.54 -19.96 -36.55
N LEU A 186 -25.77 -20.08 -37.02
CA LEU A 186 -26.55 -21.30 -36.82
C LEU A 186 -25.97 -22.54 -37.43
N SER A 187 -25.73 -22.48 -38.74
CA SER A 187 -25.21 -23.59 -39.53
C SER A 187 -23.76 -23.95 -39.19
N THR A 188 -23.12 -23.15 -38.37
CA THR A 188 -21.74 -23.40 -37.99
C THR A 188 -21.63 -24.06 -36.61
N HIS A 189 -22.52 -23.73 -35.69
CA HIS A 189 -22.43 -24.31 -34.37
C HIS A 189 -23.51 -25.28 -33.93
N TYR A 190 -24.68 -25.24 -34.54
CA TYR A 190 -25.75 -26.16 -34.14
C TYR A 190 -25.67 -27.57 -34.73
N THR A 191 -24.55 -28.25 -34.52
CA THR A 191 -24.40 -29.59 -35.07
C THR A 191 -24.45 -30.70 -34.04
N ALA A 192 -25.17 -31.75 -34.41
CA ALA A 192 -25.38 -32.93 -33.59
C ALA A 192 -24.25 -33.31 -32.64
N PRO A 193 -23.01 -33.38 -33.14
CA PRO A 193 -21.91 -33.75 -32.27
C PRO A 193 -21.80 -32.87 -31.02
N ARG A 194 -22.11 -31.59 -31.17
CA ARG A 194 -22.04 -30.64 -30.06
C ARG A 194 -23.36 -30.48 -29.32
N MET A 195 -24.43 -31.09 -29.82
CA MET A 195 -25.72 -30.95 -29.18
C MET A 195 -26.12 -32.16 -28.34
N VAL A 196 -27.01 -31.94 -27.37
CA VAL A 196 -27.49 -33.00 -26.51
C VAL A 196 -28.98 -32.86 -26.34
N LEU A 197 -29.69 -33.98 -26.47
CA LEU A 197 -31.14 -33.99 -26.32
C LEU A 197 -31.31 -34.72 -24.98
N ALA A 198 -31.74 -33.99 -23.97
CA ALA A 198 -31.92 -34.56 -22.64
C ALA A 198 -33.36 -34.47 -22.14
N ALA A 199 -33.70 -35.32 -21.18
CA ALA A 199 -35.04 -35.31 -20.66
C ALA A 199 -35.16 -35.97 -19.31
N ALA A 200 -36.26 -35.67 -18.63
CA ALA A 200 -36.54 -36.26 -17.34
C ALA A 200 -38.04 -36.13 -17.07
N GLY A 201 -38.64 -37.24 -16.66
CA GLY A 201 -40.06 -37.27 -16.37
C GLY A 201 -40.61 -38.69 -16.51
N GLY A 202 -41.82 -38.81 -17.04
CA GLY A 202 -42.43 -40.11 -17.23
C GLY A 202 -41.94 -40.75 -18.51
N VAL A 203 -41.14 -40.00 -19.24
CA VAL A 203 -40.60 -40.45 -20.51
C VAL A 203 -39.70 -41.68 -20.38
N GLU A 204 -39.84 -42.58 -21.35
CA GLU A 204 -39.03 -43.80 -21.42
C GLU A 204 -38.01 -43.56 -22.51
N HIS A 205 -36.75 -43.86 -22.21
CA HIS A 205 -35.67 -43.63 -23.15
C HIS A 205 -35.95 -43.95 -24.62
N GLN A 206 -36.25 -45.21 -24.89
CA GLN A 206 -36.51 -45.65 -26.26
C GLN A 206 -37.45 -44.71 -27.01
N GLN A 207 -38.66 -44.52 -26.52
CA GLN A 207 -39.58 -43.62 -27.22
C GLN A 207 -38.88 -42.30 -27.54
N LEU A 208 -37.96 -41.90 -26.66
CA LEU A 208 -37.23 -40.66 -26.87
C LEU A 208 -36.26 -40.84 -28.04
N LEU A 209 -35.31 -41.76 -27.87
CA LEU A 209 -34.31 -42.04 -28.89
C LEU A 209 -34.92 -42.02 -30.29
N GLU A 210 -35.83 -42.95 -30.51
CA GLU A 210 -36.51 -43.10 -31.78
C GLU A 210 -37.05 -41.76 -32.25
N LEU A 211 -37.83 -41.11 -31.40
CA LEU A 211 -38.41 -39.83 -31.73
C LEU A 211 -37.35 -38.84 -32.22
N ALA A 212 -36.22 -38.84 -31.52
CA ALA A 212 -35.13 -37.95 -31.88
C ALA A 212 -34.47 -38.47 -33.15
N GLN A 213 -34.16 -39.77 -33.13
CA GLN A 213 -33.52 -40.46 -34.25
C GLN A 213 -34.35 -40.29 -35.51
N LYS A 214 -35.60 -39.88 -35.32
CA LYS A 214 -36.55 -39.68 -36.41
C LYS A 214 -36.64 -38.24 -36.91
N HIS A 215 -36.62 -37.27 -36.00
CA HIS A 215 -36.72 -35.85 -36.40
C HIS A 215 -35.36 -35.16 -36.55
N PHE A 216 -34.31 -35.80 -36.07
CA PHE A 216 -32.93 -35.31 -36.17
C PHE A 216 -32.24 -36.13 -37.27
N GLY A 217 -32.76 -36.00 -38.48
CA GLY A 217 -32.23 -36.75 -39.61
C GLY A 217 -30.95 -36.20 -40.23
N GLY A 218 -30.03 -35.75 -39.38
CA GLY A 218 -28.78 -35.22 -39.86
C GLY A 218 -27.87 -36.31 -40.39
N VAL A 219 -27.02 -35.95 -41.35
CA VAL A 219 -26.08 -36.90 -41.94
C VAL A 219 -24.71 -36.27 -42.18
N PRO A 220 -23.65 -36.89 -41.63
CA PRO A 220 -22.27 -36.41 -41.76
C PRO A 220 -21.52 -37.05 -42.93
N PHE A 221 -20.96 -36.22 -43.81
CA PHE A 221 -20.18 -36.74 -44.93
C PHE A 221 -18.69 -36.82 -44.58
N THR A 222 -18.04 -35.66 -44.55
CA THR A 222 -16.61 -35.55 -44.23
C THR A 222 -16.30 -35.88 -42.77
N TYR A 223 -15.04 -35.66 -42.37
CA TYR A 223 -14.66 -35.96 -41.00
C TYR A 223 -14.82 -34.73 -40.11
N ASP A 224 -14.78 -33.55 -40.71
CA ASP A 224 -14.92 -32.33 -39.92
C ASP A 224 -16.25 -32.40 -39.20
N ASP A 225 -17.32 -32.47 -39.99
CA ASP A 225 -18.68 -32.55 -39.48
C ASP A 225 -18.75 -33.41 -38.22
N ASP A 226 -18.17 -34.60 -38.33
CA ASP A 226 -18.18 -35.58 -37.25
C ASP A 226 -17.32 -35.20 -36.04
N ALA A 227 -16.36 -34.29 -36.23
CA ALA A 227 -15.46 -33.88 -35.15
C ALA A 227 -15.84 -32.55 -34.49
N VAL A 228 -15.41 -32.39 -33.24
CA VAL A 228 -15.67 -31.19 -32.44
C VAL A 228 -14.41 -30.37 -32.18
N PRO A 229 -14.34 -29.16 -32.76
CA PRO A 229 -13.20 -28.22 -32.62
C PRO A 229 -12.98 -27.68 -31.20
N THR A 230 -11.72 -27.73 -30.73
CA THR A 230 -11.35 -27.23 -29.41
C THR A 230 -10.98 -25.75 -29.56
N LEU A 231 -11.41 -24.95 -28.58
CA LEU A 231 -11.16 -23.52 -28.60
C LEU A 231 -9.78 -23.07 -28.17
N SER A 232 -9.46 -21.84 -28.55
CA SER A 232 -8.18 -21.22 -28.24
C SER A 232 -8.17 -20.91 -26.74
N LYS A 233 -7.11 -21.29 -26.04
CA LYS A 233 -7.01 -21.08 -24.59
C LYS A 233 -7.22 -19.59 -24.27
N CYS A 234 -7.70 -19.28 -23.07
CA CYS A 234 -7.90 -17.89 -22.67
C CYS A 234 -6.96 -17.47 -21.53
N ARG A 235 -6.18 -16.44 -21.79
CA ARG A 235 -5.21 -15.94 -20.84
C ARG A 235 -5.81 -15.13 -19.71
N PHE A 236 -5.57 -15.56 -18.48
CA PHE A 236 -6.06 -14.83 -17.33
C PHE A 236 -5.10 -13.70 -17.09
N THR A 237 -5.53 -12.65 -16.42
CA THR A 237 -4.66 -11.53 -16.13
C THR A 237 -4.97 -10.80 -14.85
N GLY A 238 -4.03 -10.86 -13.92
CA GLY A 238 -4.21 -10.17 -12.66
C GLY A 238 -4.32 -8.70 -13.00
N SER A 239 -5.54 -8.16 -12.95
CA SER A 239 -5.74 -6.77 -13.26
C SER A 239 -7.04 -6.26 -12.66
N GLN A 240 -7.26 -4.95 -12.79
CA GLN A 240 -8.46 -4.31 -12.27
C GLN A 240 -9.07 -3.42 -13.33
N ILE A 241 -10.33 -3.04 -13.11
CA ILE A 241 -11.09 -2.14 -13.96
C ILE A 241 -12.05 -1.42 -13.01
N ARG A 242 -12.02 -0.09 -13.03
CA ARG A 242 -12.85 0.68 -12.13
C ARG A 242 -13.78 1.65 -12.85
N HIS A 243 -15.06 1.33 -12.82
CA HIS A 243 -16.06 2.17 -13.45
C HIS A 243 -16.63 2.98 -12.32
N ARG A 244 -16.10 4.17 -12.14
CA ARG A 244 -16.58 4.98 -11.03
C ARG A 244 -17.67 5.97 -11.34
N GLU A 245 -18.48 6.20 -10.32
CA GLU A 245 -19.59 7.13 -10.34
C GLU A 245 -20.26 7.26 -9.00
N ASP A 246 -19.84 8.25 -8.23
CA ASP A 246 -20.40 8.48 -6.93
C ASP A 246 -21.92 8.74 -7.05
N GLY A 247 -22.43 8.73 -8.26
CA GLY A 247 -23.84 8.98 -8.46
C GLY A 247 -24.74 7.83 -8.04
N LEU A 248 -24.16 6.65 -7.88
CA LEU A 248 -24.96 5.50 -7.49
C LEU A 248 -25.05 5.37 -5.98
N PRO A 249 -26.17 4.80 -5.48
CA PRO A 249 -26.54 4.54 -4.09
C PRO A 249 -25.50 3.74 -3.36
N LEU A 250 -24.91 2.76 -4.04
CA LEU A 250 -23.87 1.97 -3.40
C LEU A 250 -22.94 1.33 -4.43
N ALA A 251 -21.83 0.79 -3.95
CA ALA A 251 -20.83 0.21 -4.82
C ALA A 251 -20.87 -1.31 -4.94
N HIS A 252 -20.27 -1.81 -6.00
CA HIS A 252 -20.17 -3.24 -6.26
C HIS A 252 -18.71 -3.62 -6.46
N VAL A 253 -18.28 -4.72 -5.85
CA VAL A 253 -16.90 -5.16 -5.99
C VAL A 253 -16.85 -6.65 -6.29
N ALA A 254 -15.90 -7.08 -7.11
CA ALA A 254 -15.75 -8.48 -7.46
C ALA A 254 -14.28 -8.74 -7.68
N ILE A 255 -13.74 -9.69 -6.94
CA ILE A 255 -12.32 -10.04 -7.06
C ILE A 255 -12.25 -11.55 -7.32
N ALA A 256 -11.24 -12.01 -8.06
CA ALA A 256 -11.15 -13.43 -8.36
C ALA A 256 -9.85 -13.88 -8.97
N VAL A 257 -9.57 -15.17 -8.81
CA VAL A 257 -8.38 -15.78 -9.32
C VAL A 257 -8.84 -16.72 -10.42
N GLU A 258 -7.92 -17.24 -11.22
CA GLU A 258 -8.30 -18.15 -12.31
C GLU A 258 -8.75 -19.49 -11.75
N GLY A 259 -9.77 -20.07 -12.39
CA GLY A 259 -10.30 -21.36 -11.98
C GLY A 259 -9.77 -22.49 -12.85
N PRO A 260 -9.75 -23.73 -12.34
CA PRO A 260 -9.29 -24.95 -13.00
C PRO A 260 -10.04 -25.42 -14.26
N GLY A 261 -11.36 -25.44 -14.21
CA GLY A 261 -12.10 -25.90 -15.37
C GLY A 261 -12.82 -27.21 -15.08
N TRP A 262 -14.06 -27.32 -15.57
CA TRP A 262 -14.90 -28.49 -15.35
C TRP A 262 -14.15 -29.78 -15.09
N ALA A 263 -13.45 -30.25 -16.11
CA ALA A 263 -12.69 -31.51 -16.04
C ALA A 263 -12.00 -31.76 -14.70
N HIS A 264 -11.31 -30.76 -14.18
CA HIS A 264 -10.57 -30.90 -12.93
C HIS A 264 -11.40 -31.28 -11.69
N PRO A 265 -10.88 -32.21 -10.89
CA PRO A 265 -11.52 -32.71 -9.68
C PRO A 265 -11.57 -31.69 -8.56
N ASP A 266 -10.43 -31.06 -8.27
CA ASP A 266 -10.38 -30.09 -7.20
C ASP A 266 -11.58 -29.16 -7.15
N LEU A 267 -12.23 -28.96 -8.29
CA LEU A 267 -13.42 -28.11 -8.34
C LEU A 267 -14.43 -28.55 -7.29
N VAL A 268 -14.14 -29.65 -6.62
CA VAL A 268 -15.03 -30.11 -5.58
C VAL A 268 -14.51 -29.52 -4.28
N ALA A 269 -13.25 -29.78 -3.96
CA ALA A 269 -12.67 -29.25 -2.73
C ALA A 269 -12.91 -27.74 -2.78
N LEU A 270 -12.60 -27.15 -3.92
CA LEU A 270 -12.76 -25.72 -4.11
C LEU A 270 -14.22 -25.30 -3.98
N GLN A 271 -15.11 -26.19 -4.37
CA GLN A 271 -16.56 -25.93 -4.30
C GLN A 271 -16.97 -25.98 -2.82
N VAL A 272 -16.25 -26.80 -2.04
CA VAL A 272 -16.47 -26.98 -0.59
C VAL A 272 -16.00 -25.81 0.25
N ALA A 273 -14.93 -25.18 -0.23
CA ALA A 273 -14.36 -24.04 0.46
C ALA A 273 -15.35 -22.89 0.41
N ASN A 274 -15.89 -22.60 -0.78
CA ASN A 274 -16.86 -21.52 -0.95
C ASN A 274 -18.06 -21.71 -0.05
N ALA A 275 -18.35 -22.96 0.27
CA ALA A 275 -19.48 -23.28 1.12
C ALA A 275 -19.15 -22.80 2.54
N ILE A 276 -17.87 -22.63 2.80
CA ILE A 276 -17.43 -22.18 4.11
C ILE A 276 -17.63 -20.69 4.29
N ILE A 277 -17.28 -19.89 3.29
CA ILE A 277 -17.45 -18.44 3.43
C ILE A 277 -18.89 -18.08 3.07
N GLY A 278 -19.55 -18.97 2.33
CA GLY A 278 -20.94 -18.78 1.94
C GLY A 278 -21.40 -17.41 1.45
N HIS A 279 -22.58 -16.97 1.89
CA HIS A 279 -23.09 -15.67 1.48
C HIS A 279 -24.03 -14.97 2.47
N TYR A 280 -24.07 -13.65 2.40
CA TYR A 280 -24.91 -12.86 3.29
C TYR A 280 -25.92 -12.05 2.50
N ASP A 281 -26.87 -11.47 3.21
CA ASP A 281 -27.94 -10.70 2.59
C ASP A 281 -28.86 -10.18 3.70
N ARG A 282 -28.82 -8.86 3.95
CA ARG A 282 -29.61 -8.19 4.99
C ARG A 282 -30.94 -8.77 5.38
N THR A 283 -31.41 -9.80 4.69
CA THR A 283 -32.66 -10.43 5.06
C THR A 283 -32.30 -11.84 5.50
N TYR A 284 -31.64 -11.96 6.65
CA TYR A 284 -31.19 -13.26 7.14
C TYR A 284 -31.50 -13.69 8.58
N GLY A 285 -31.36 -12.79 9.54
CA GLY A 285 -31.59 -13.20 10.92
C GLY A 285 -30.40 -14.05 11.32
N GLY A 286 -29.29 -13.40 11.69
CA GLY A 286 -28.13 -14.15 12.08
C GLY A 286 -26.83 -13.39 12.33
N GLY A 287 -26.69 -12.85 13.53
CA GLY A 287 -25.46 -12.17 13.91
C GLY A 287 -24.74 -13.34 14.55
N LEU A 288 -25.42 -14.47 14.50
CA LEU A 288 -24.97 -15.73 15.07
C LEU A 288 -24.75 -16.77 13.98
N HIS A 289 -24.72 -16.34 12.72
CA HIS A 289 -24.52 -17.27 11.62
C HIS A 289 -23.36 -18.18 11.82
N SER A 290 -23.61 -19.47 11.66
CA SER A 290 -22.57 -20.47 11.80
C SER A 290 -21.48 -19.94 10.89
N SER A 291 -20.24 -20.08 11.34
CA SER A 291 -19.08 -19.60 10.60
C SER A 291 -19.47 -18.46 9.65
N SER A 292 -19.03 -18.53 8.39
CA SER A 292 -19.33 -17.48 7.44
C SER A 292 -19.11 -16.22 8.25
N PRO A 293 -17.97 -16.16 8.97
CA PRO A 293 -17.69 -14.98 9.78
C PRO A 293 -17.83 -13.77 8.90
N LEU A 294 -17.50 -13.95 7.63
CA LEU A 294 -17.61 -12.86 6.71
C LEU A 294 -19.01 -12.32 6.88
N ALA A 295 -19.98 -13.22 7.02
CA ALA A 295 -21.38 -12.81 7.19
C ALA A 295 -21.59 -12.24 8.57
N SER A 296 -21.04 -12.93 9.57
CA SER A 296 -21.15 -12.47 10.94
C SER A 296 -20.53 -11.09 11.04
N ILE A 297 -19.26 -11.02 10.68
CA ILE A 297 -18.58 -9.74 10.70
C ILE A 297 -19.40 -8.74 9.91
N ALA A 298 -19.84 -9.13 8.72
CA ALA A 298 -20.65 -8.25 7.90
C ALA A 298 -21.80 -7.70 8.70
N VAL A 299 -22.29 -8.48 9.66
CA VAL A 299 -23.43 -8.04 10.47
C VAL A 299 -23.03 -7.20 11.67
N THR A 300 -21.98 -7.64 12.35
CA THR A 300 -21.50 -6.93 13.52
C THR A 300 -21.07 -5.54 13.16
N ASN A 301 -20.21 -5.44 12.15
CA ASN A 301 -19.70 -4.13 11.74
C ASN A 301 -20.40 -3.50 10.55
N LYS A 302 -21.53 -4.07 10.14
CA LYS A 302 -22.31 -3.57 9.00
C LYS A 302 -21.45 -3.37 7.76
N LEU A 303 -20.76 -4.43 7.35
CA LEU A 303 -19.89 -4.36 6.20
C LEU A 303 -20.50 -4.35 4.81
N CYS A 304 -21.72 -4.83 4.64
CA CYS A 304 -22.27 -4.85 3.29
C CYS A 304 -23.74 -5.17 3.21
N GLN A 305 -24.30 -5.00 2.03
CA GLN A 305 -25.70 -5.27 1.76
C GLN A 305 -25.84 -6.76 1.46
N SER A 306 -24.74 -7.36 1.02
CA SER A 306 -24.74 -8.76 0.67
C SER A 306 -23.43 -9.11 0.02
N PHE A 307 -23.23 -10.40 -0.22
CA PHE A 307 -22.03 -10.87 -0.87
C PHE A 307 -22.25 -12.31 -1.26
N GLN A 308 -21.49 -12.77 -2.23
CA GLN A 308 -21.63 -14.13 -2.71
C GLN A 308 -20.31 -14.72 -3.14
N THR A 309 -20.09 -15.96 -2.76
CA THR A 309 -18.88 -16.69 -3.11
C THR A 309 -19.29 -17.52 -4.33
N PHE A 310 -18.40 -17.62 -5.33
CA PHE A 310 -18.71 -18.34 -6.56
C PHE A 310 -17.56 -19.01 -7.27
N SER A 311 -17.79 -20.21 -7.81
CA SER A 311 -16.77 -20.90 -8.58
C SER A 311 -17.30 -21.13 -9.98
N ILE A 312 -17.44 -20.05 -10.72
CA ILE A 312 -17.90 -20.10 -12.09
C ILE A 312 -16.75 -20.67 -12.91
N CYS A 313 -17.02 -21.74 -13.66
CA CYS A 313 -15.98 -22.36 -14.47
C CYS A 313 -16.36 -22.61 -15.91
N TYR A 314 -15.35 -22.83 -16.74
CA TYR A 314 -15.54 -23.08 -18.16
C TYR A 314 -14.76 -24.33 -18.60
N SER A 315 -14.81 -24.61 -19.90
CA SER A 315 -14.15 -25.77 -20.48
C SER A 315 -12.76 -26.04 -19.93
N GLU A 316 -11.85 -25.07 -20.13
CA GLU A 316 -10.46 -25.19 -19.67
C GLU A 316 -9.97 -24.09 -18.75
N THR A 317 -10.89 -23.34 -18.15
CA THR A 317 -10.54 -22.24 -17.24
C THR A 317 -11.75 -21.88 -16.38
N GLY A 318 -11.65 -20.81 -15.60
CA GLY A 318 -12.75 -20.37 -14.76
C GLY A 318 -12.49 -19.18 -13.85
N LEU A 319 -13.40 -18.90 -12.94
CA LEU A 319 -13.22 -17.80 -12.02
C LEU A 319 -13.65 -18.15 -10.61
N PHE A 320 -12.71 -18.12 -9.68
CA PHE A 320 -13.01 -18.45 -8.30
C PHE A 320 -12.88 -17.17 -7.53
N GLY A 321 -13.99 -16.54 -7.18
CA GLY A 321 -13.87 -15.31 -6.42
C GLY A 321 -15.04 -14.96 -5.52
N PHE A 322 -15.29 -13.67 -5.37
CA PHE A 322 -16.40 -13.23 -4.56
C PHE A 322 -16.81 -11.82 -4.96
N TYR A 323 -18.03 -11.46 -4.55
CA TYR A 323 -18.62 -10.20 -4.93
C TYR A 323 -19.50 -9.59 -3.86
N PHE A 324 -19.21 -8.37 -3.44
CA PHE A 324 -20.05 -7.76 -2.44
C PHE A 324 -20.61 -6.43 -2.90
N VAL A 325 -21.76 -6.10 -2.34
CA VAL A 325 -22.48 -4.88 -2.63
C VAL A 325 -22.36 -4.12 -1.33
N CYS A 326 -21.90 -2.88 -1.36
CA CYS A 326 -21.75 -2.15 -0.11
C CYS A 326 -21.88 -0.66 -0.25
N ASP A 327 -22.09 -0.01 0.88
CA ASP A 327 -22.26 1.44 0.95
C ASP A 327 -20.95 2.11 0.65
N ARG A 328 -21.04 3.35 0.18
CA ARG A 328 -19.87 4.09 -0.16
C ARG A 328 -18.75 4.01 0.90
N MET A 329 -19.15 4.03 2.17
CA MET A 329 -18.21 4.05 3.30
C MET A 329 -17.69 2.76 3.91
N SER A 330 -18.32 1.63 3.63
CA SER A 330 -17.83 0.38 4.22
C SER A 330 -17.15 -0.52 3.20
N ILE A 331 -16.83 0.01 2.02
CA ILE A 331 -16.20 -0.79 1.00
C ILE A 331 -14.92 -1.40 1.51
N ASP A 332 -14.04 -0.57 2.06
CA ASP A 332 -12.75 -1.02 2.54
C ASP A 332 -12.76 -2.15 3.56
N ASP A 333 -13.30 -1.89 4.75
CA ASP A 333 -13.36 -2.92 5.76
C ASP A 333 -13.87 -4.22 5.17
N MET A 334 -14.98 -4.14 4.43
CA MET A 334 -15.57 -5.34 3.84
C MET A 334 -14.53 -6.12 3.09
N MET A 335 -13.87 -5.47 2.14
CA MET A 335 -12.85 -6.09 1.33
C MET A 335 -11.76 -6.64 2.24
N PHE A 336 -11.36 -5.82 3.21
CA PHE A 336 -10.32 -6.21 4.15
C PHE A 336 -10.68 -7.54 4.80
N VAL A 337 -11.81 -7.52 5.50
CA VAL A 337 -12.33 -8.68 6.21
C VAL A 337 -12.48 -9.93 5.33
N LEU A 338 -13.08 -9.77 4.15
CA LEU A 338 -13.28 -10.88 3.23
C LEU A 338 -11.97 -11.49 2.78
N GLN A 339 -11.17 -10.66 2.13
CA GLN A 339 -9.87 -11.06 1.62
C GLN A 339 -9.10 -11.74 2.76
N GLY A 340 -9.49 -11.43 3.98
CA GLY A 340 -8.81 -12.05 5.10
C GLY A 340 -9.28 -13.48 5.25
N GLN A 341 -10.53 -13.72 4.88
CA GLN A 341 -11.12 -15.05 5.00
C GLN A 341 -10.55 -16.04 4.01
N TRP A 342 -10.19 -15.58 2.82
CA TRP A 342 -9.61 -16.47 1.84
C TRP A 342 -8.31 -16.98 2.43
N MET A 343 -7.52 -16.07 2.97
CA MET A 343 -6.25 -16.46 3.57
C MET A 343 -6.53 -17.48 4.65
N ARG A 344 -7.35 -17.08 5.62
CA ARG A 344 -7.71 -17.95 6.72
C ARG A 344 -8.12 -19.30 6.12
N LEU A 345 -8.99 -19.22 5.12
CA LEU A 345 -9.48 -20.39 4.40
C LEU A 345 -8.39 -21.38 4.01
N CYS A 346 -7.37 -20.89 3.33
CA CYS A 346 -6.29 -21.75 2.87
C CYS A 346 -5.04 -21.75 3.73
N THR A 347 -5.11 -21.18 4.93
CA THR A 347 -3.91 -21.13 5.74
C THR A 347 -4.12 -21.72 7.13
N SER A 348 -5.37 -21.75 7.58
CA SER A 348 -5.66 -22.26 8.89
C SER A 348 -7.11 -22.68 9.03
N ILE A 349 -7.56 -23.54 8.12
CA ILE A 349 -8.93 -24.04 8.14
C ILE A 349 -9.05 -25.14 9.19
N SER A 350 -10.28 -25.50 9.53
CA SER A 350 -10.50 -26.54 10.54
C SER A 350 -11.53 -27.56 10.09
N GLU A 351 -11.45 -28.74 10.68
CA GLU A 351 -12.36 -29.86 10.39
C GLU A 351 -13.79 -29.49 10.72
N SER A 352 -13.97 -28.88 11.89
CA SER A 352 -15.28 -28.47 12.32
C SER A 352 -15.92 -27.66 11.19
N GLU A 353 -15.10 -26.90 10.46
CA GLU A 353 -15.58 -26.08 9.35
C GLU A 353 -15.93 -26.91 8.11
N VAL A 354 -14.92 -27.58 7.55
CA VAL A 354 -15.11 -28.40 6.37
C VAL A 354 -16.26 -29.36 6.56
N LEU A 355 -16.43 -29.89 7.77
CA LEU A 355 -17.51 -30.84 8.00
C LEU A 355 -18.83 -30.24 7.55
N ARG A 356 -19.15 -29.07 8.10
CA ARG A 356 -20.39 -28.42 7.72
C ARG A 356 -20.30 -28.11 6.23
N GLY A 357 -19.25 -27.40 5.84
CA GLY A 357 -19.05 -27.04 4.45
C GLY A 357 -19.65 -28.11 3.56
N LYS A 358 -19.16 -29.33 3.75
CA LYS A 358 -19.61 -30.48 2.98
C LYS A 358 -21.13 -30.55 3.02
N ASN A 359 -21.68 -30.80 4.20
CA ASN A 359 -23.12 -30.89 4.38
C ASN A 359 -23.87 -29.83 3.61
N PHE A 360 -23.56 -28.57 3.85
CA PHE A 360 -24.23 -27.49 3.13
C PHE A 360 -24.17 -27.71 1.63
N LEU A 361 -23.06 -28.28 1.15
CA LEU A 361 -22.92 -28.52 -0.27
C LEU A 361 -23.89 -29.61 -0.66
N ARG A 362 -23.75 -30.76 -0.01
CA ARG A 362 -24.62 -31.90 -0.29
C ARG A 362 -26.08 -31.50 -0.36
N ASN A 363 -26.51 -30.60 0.51
CA ASN A 363 -27.90 -30.16 0.50
C ASN A 363 -28.17 -29.36 -0.79
N ALA A 364 -27.17 -28.63 -1.26
CA ALA A 364 -27.32 -27.87 -2.49
C ALA A 364 -27.29 -28.91 -3.58
N LEU A 365 -26.17 -29.62 -3.63
CA LEU A 365 -25.92 -30.69 -4.58
C LEU A 365 -27.20 -31.43 -4.93
N VAL A 366 -28.01 -31.68 -3.92
CA VAL A 366 -29.27 -32.38 -4.12
C VAL A 366 -30.35 -31.44 -4.61
N SER A 367 -30.60 -30.34 -3.90
CA SER A 367 -31.64 -29.45 -4.39
C SER A 367 -31.29 -28.90 -5.77
N HIS A 368 -30.12 -29.31 -6.27
CA HIS A 368 -29.68 -28.88 -7.58
C HIS A 368 -30.57 -29.60 -8.58
N LEU A 369 -31.24 -30.64 -8.09
CA LEU A 369 -32.12 -31.46 -8.91
C LEU A 369 -33.55 -31.51 -8.36
N ASP A 370 -34.12 -30.35 -8.12
CA ASP A 370 -35.47 -30.28 -7.59
C ASP A 370 -36.45 -29.95 -8.72
N GLY A 371 -36.99 -31.00 -9.32
CA GLY A 371 -37.93 -30.80 -10.40
C GLY A 371 -37.44 -31.50 -11.65
N THR A 372 -38.15 -31.29 -12.76
CA THR A 372 -37.74 -31.91 -14.02
C THR A 372 -36.83 -30.98 -14.80
N THR A 373 -37.30 -29.75 -15.04
CA THR A 373 -36.51 -28.77 -15.78
C THR A 373 -35.06 -28.77 -15.30
N PRO A 374 -34.85 -28.60 -13.99
CA PRO A 374 -33.49 -28.59 -13.45
C PRO A 374 -32.69 -29.88 -13.67
N VAL A 375 -33.34 -31.03 -13.52
CA VAL A 375 -32.63 -32.28 -13.72
C VAL A 375 -32.10 -32.30 -15.14
N CYS A 376 -33.01 -32.07 -16.07
CA CYS A 376 -32.67 -32.04 -17.48
C CYS A 376 -31.42 -31.17 -17.67
N GLU A 377 -31.39 -30.04 -16.95
CA GLU A 377 -30.27 -29.11 -17.02
C GLU A 377 -28.95 -29.78 -16.70
N ASP A 378 -28.97 -30.72 -15.76
CA ASP A 378 -27.76 -31.43 -15.37
C ASP A 378 -27.29 -32.40 -16.44
N ILE A 379 -28.23 -33.19 -16.93
CA ILE A 379 -27.92 -34.15 -17.96
C ILE A 379 -27.39 -33.35 -19.13
N GLY A 380 -28.13 -32.32 -19.51
CA GLY A 380 -27.72 -31.47 -20.62
C GLY A 380 -26.28 -31.01 -20.43
N ARG A 381 -26.03 -30.38 -19.30
CA ARG A 381 -24.71 -29.89 -18.97
C ARG A 381 -23.74 -31.03 -18.78
N GLU A 382 -23.82 -31.72 -17.65
CA GLU A 382 -22.94 -32.84 -17.37
C GLU A 382 -22.32 -33.45 -18.62
N LEU A 383 -23.16 -33.98 -19.51
CA LEU A 383 -22.66 -34.59 -20.73
C LEU A 383 -21.76 -33.64 -21.47
N LEU A 384 -22.36 -32.54 -21.87
CA LEU A 384 -21.71 -31.48 -22.63
C LEU A 384 -20.36 -31.00 -22.08
N THR A 385 -20.24 -30.85 -20.76
CA THR A 385 -18.99 -30.38 -20.17
C THR A 385 -18.10 -31.45 -19.52
N TYR A 386 -18.71 -32.41 -18.83
CA TYR A 386 -17.95 -33.50 -18.18
C TYR A 386 -17.65 -34.69 -19.08
N GLY A 387 -18.64 -35.15 -19.85
CA GLY A 387 -18.45 -36.29 -20.75
C GLY A 387 -19.57 -37.30 -20.59
N ARG A 388 -20.11 -37.36 -19.38
CA ARG A 388 -21.21 -38.24 -19.08
C ARG A 388 -21.96 -37.59 -17.92
N ARG A 389 -22.65 -38.40 -17.12
CA ARG A 389 -23.39 -37.87 -15.98
C ARG A 389 -22.76 -38.28 -14.67
N ILE A 390 -22.81 -37.37 -13.70
CA ILE A 390 -22.28 -37.63 -12.37
C ILE A 390 -23.50 -37.76 -11.46
N PRO A 391 -23.76 -38.98 -10.93
CA PRO A 391 -24.90 -39.26 -10.05
C PRO A 391 -24.68 -38.68 -8.67
N LEU A 392 -25.75 -38.21 -8.04
CA LEU A 392 -25.58 -37.67 -6.71
C LEU A 392 -24.73 -38.66 -5.93
N GLU A 393 -25.01 -39.94 -6.14
CA GLU A 393 -24.25 -40.98 -5.46
C GLU A 393 -22.77 -40.73 -5.62
N GLU A 394 -22.36 -40.20 -6.77
CA GLU A 394 -20.94 -39.94 -6.99
C GLU A 394 -20.53 -38.63 -6.31
N TRP A 395 -21.08 -37.50 -6.78
CA TRP A 395 -20.79 -36.19 -6.21
C TRP A 395 -20.57 -36.38 -4.72
N GLU A 396 -21.43 -37.19 -4.11
CA GLU A 396 -21.35 -37.53 -2.71
C GLU A 396 -19.90 -37.84 -2.34
N GLU A 397 -19.43 -39.02 -2.74
CA GLU A 397 -18.07 -39.45 -2.44
C GLU A 397 -17.09 -38.32 -2.73
N ARG A 398 -17.00 -37.92 -4.00
CA ARG A 398 -16.11 -36.83 -4.41
C ARG A 398 -15.96 -35.80 -3.30
N LEU A 399 -17.09 -35.25 -2.85
CA LEU A 399 -17.09 -34.21 -1.84
C LEU A 399 -17.42 -34.72 -0.44
N ALA A 400 -17.43 -36.04 -0.28
CA ALA A 400 -17.72 -36.63 1.02
C ALA A 400 -16.40 -37.09 1.66
N GLU A 401 -15.29 -36.81 0.97
CA GLU A 401 -13.98 -37.22 1.45
C GLU A 401 -12.99 -36.05 1.46
N VAL A 402 -13.53 -34.84 1.56
CA VAL A 402 -12.71 -33.63 1.61
C VAL A 402 -12.49 -33.30 3.07
N ASP A 403 -11.24 -33.34 3.52
CA ASP A 403 -10.93 -33.02 4.91
C ASP A 403 -10.37 -31.61 4.94
N ALA A 404 -9.96 -31.15 6.12
CA ALA A 404 -9.39 -29.81 6.26
C ALA A 404 -8.16 -29.65 5.39
N ARG A 405 -7.11 -30.36 5.74
CA ARG A 405 -5.87 -30.30 4.99
C ARG A 405 -6.09 -30.28 3.49
N MET A 406 -7.21 -30.83 3.03
CA MET A 406 -7.48 -30.87 1.60
C MET A 406 -7.89 -29.49 1.10
N VAL A 407 -8.73 -28.83 1.88
CA VAL A 407 -9.19 -27.51 1.52
C VAL A 407 -7.99 -26.59 1.42
N ARG A 408 -7.24 -26.53 2.51
CA ARG A 408 -6.06 -25.68 2.54
C ARG A 408 -5.25 -25.96 1.29
N GLU A 409 -4.57 -27.10 1.27
CA GLU A 409 -3.75 -27.45 0.11
C GLU A 409 -4.25 -26.89 -1.22
N VAL A 410 -5.55 -27.01 -1.47
CA VAL A 410 -6.12 -26.53 -2.72
C VAL A 410 -6.31 -25.03 -2.77
N CYS A 411 -7.15 -24.52 -1.88
CA CYS A 411 -7.39 -23.09 -1.85
C CYS A 411 -6.08 -22.37 -1.98
N SER A 412 -5.14 -22.70 -1.11
CA SER A 412 -3.85 -22.06 -1.19
C SER A 412 -3.21 -22.29 -2.54
N LYS A 413 -3.45 -23.46 -3.14
CA LYS A 413 -2.90 -23.75 -4.46
C LYS A 413 -3.46 -22.78 -5.52
N TYR A 414 -4.69 -22.35 -5.33
CA TYR A 414 -5.33 -21.45 -6.28
C TYR A 414 -5.47 -19.97 -5.85
N ILE A 415 -5.26 -19.69 -4.58
CA ILE A 415 -5.45 -18.33 -4.11
C ILE A 415 -4.21 -17.60 -3.61
N TYR A 416 -3.44 -18.27 -2.78
CA TYR A 416 -2.25 -17.66 -2.18
C TYR A 416 -1.26 -16.98 -3.12
N ASP A 417 -0.98 -15.72 -2.82
CA ASP A 417 -0.05 -14.90 -3.58
C ASP A 417 -0.31 -14.94 -5.07
N GLN A 418 -1.57 -14.97 -5.48
CA GLN A 418 -1.90 -14.97 -6.90
C GLN A 418 -2.32 -13.55 -7.24
N CYS A 419 -2.12 -13.13 -8.48
CA CYS A 419 -2.53 -11.77 -8.86
C CYS A 419 -4.00 -11.82 -9.24
N PRO A 420 -4.88 -11.34 -8.37
CA PRO A 420 -6.32 -11.32 -8.60
C PRO A 420 -6.84 -10.39 -9.68
N ALA A 421 -8.12 -10.51 -9.99
CA ALA A 421 -8.74 -9.68 -10.98
C ALA A 421 -9.96 -9.06 -10.34
N VAL A 422 -9.89 -7.77 -10.05
CA VAL A 422 -11.00 -7.07 -9.41
C VAL A 422 -11.71 -6.14 -10.41
N ALA A 423 -12.96 -5.80 -10.09
CA ALA A 423 -13.81 -4.93 -10.90
C ALA A 423 -14.73 -4.19 -9.95
N GLY A 424 -14.97 -2.91 -10.18
CA GLY A 424 -15.85 -2.21 -9.29
C GLY A 424 -16.47 -0.96 -9.88
N PRO A 425 -17.80 -0.89 -9.96
CA PRO A 425 -18.67 0.19 -10.46
C PRO A 425 -19.30 0.84 -9.24
N GLY A 426 -19.69 2.11 -9.40
CA GLY A 426 -20.32 2.84 -8.31
C GLY A 426 -19.35 3.75 -7.59
N PRO A 427 -19.75 4.26 -6.42
CA PRO A 427 -18.98 5.14 -5.54
C PRO A 427 -17.88 4.33 -4.86
N ILE A 428 -16.77 4.15 -5.56
CA ILE A 428 -15.70 3.35 -5.03
C ILE A 428 -14.41 4.09 -4.64
N GLU A 429 -14.51 5.37 -4.28
CA GLU A 429 -13.32 6.11 -3.91
C GLU A 429 -12.57 5.47 -2.76
N GLN A 430 -13.29 4.84 -1.85
CA GLN A 430 -12.65 4.22 -0.72
C GLN A 430 -11.94 2.90 -1.01
N LEU A 431 -12.13 2.31 -2.19
CA LEU A 431 -11.48 1.03 -2.46
C LEU A 431 -10.00 1.27 -2.71
N PRO A 432 -9.13 0.76 -1.82
CA PRO A 432 -7.67 0.92 -1.92
C PRO A 432 -7.12 0.51 -3.30
N ASP A 433 -5.87 0.87 -3.60
CA ASP A 433 -5.28 0.56 -4.91
C ASP A 433 -5.05 -0.94 -5.12
N TYR A 434 -4.66 -1.31 -6.33
CA TYR A 434 -4.43 -2.70 -6.66
C TYR A 434 -3.36 -3.26 -5.77
N ASN A 435 -2.21 -2.59 -5.76
CA ASN A 435 -1.11 -3.04 -4.94
C ASN A 435 -1.56 -3.52 -3.59
N ARG A 436 -2.44 -2.75 -2.96
CA ARG A 436 -2.92 -3.12 -1.64
C ARG A 436 -3.76 -4.38 -1.66
N ILE A 437 -4.84 -4.42 -2.44
CA ILE A 437 -5.64 -5.64 -2.47
C ILE A 437 -4.73 -6.78 -2.90
N ARG A 438 -3.63 -6.45 -3.58
CA ARG A 438 -2.73 -7.47 -4.05
C ARG A 438 -2.02 -8.13 -2.89
N SER A 439 -1.39 -7.31 -2.06
CA SER A 439 -0.68 -7.83 -0.91
C SER A 439 -1.65 -8.27 0.17
N GLY A 440 -2.90 -8.40 -0.23
CA GLY A 440 -3.93 -8.85 0.67
C GLY A 440 -4.14 -10.27 0.23
N MET A 441 -3.19 -10.79 -0.53
CA MET A 441 -3.27 -12.12 -1.04
C MET A 441 -2.26 -13.03 -0.35
N PHE A 442 -1.49 -12.44 0.56
CA PHE A 442 -0.55 -13.24 1.34
C PHE A 442 -0.65 -12.83 2.79
N TRP A 443 -0.74 -13.85 3.65
CA TRP A 443 -0.88 -13.69 5.08
C TRP A 443 0.50 -13.53 5.68
N LEU A 444 0.61 -12.64 6.64
CA LEU A 444 1.88 -12.43 7.29
C LEU A 444 2.04 -13.58 8.28
N ARG A 445 1.96 -14.81 7.77
CA ARG A 445 2.09 -16.02 8.58
C ARG A 445 3.25 -15.83 9.55
N PRO B 1 -39.02 -49.70 -4.35
CA PRO B 1 -39.51 -50.64 -5.41
C PRO B 1 -40.16 -49.95 -6.60
N PRO B 2 -41.37 -49.42 -6.38
CA PRO B 2 -42.08 -48.73 -7.43
C PRO B 2 -42.23 -47.25 -7.07
N HIS B 3 -41.75 -46.91 -5.87
CA HIS B 3 -41.81 -45.54 -5.32
C HIS B 3 -43.24 -45.07 -4.93
N PRO B 4 -44.14 -46.02 -4.52
CA PRO B 4 -45.52 -45.76 -4.10
C PRO B 4 -45.80 -46.11 -2.62
N GLN B 5 -46.26 -45.12 -1.86
CA GLN B 5 -46.60 -45.34 -0.45
C GLN B 5 -47.61 -44.31 0.07
N ASP B 6 -48.84 -44.48 -0.42
CA ASP B 6 -50.00 -43.64 -0.08
C ASP B 6 -49.77 -42.63 1.06
N LEU B 7 -49.84 -41.35 0.72
CA LEU B 7 -49.65 -40.30 1.72
C LEU B 7 -50.64 -40.48 2.85
N GLU B 8 -50.16 -40.96 4.00
CA GLU B 8 -50.99 -41.20 5.17
C GLU B 8 -51.32 -39.93 5.99
N ILE B 9 -52.61 -39.72 6.25
CA ILE B 9 -53.09 -38.59 7.02
C ILE B 9 -53.79 -39.09 8.29
N THR B 10 -53.34 -38.63 9.46
CA THR B 10 -53.95 -39.05 10.71
C THR B 10 -54.25 -37.90 11.69
N LYS B 11 -55.51 -37.46 11.68
CA LYS B 11 -56.00 -36.37 12.53
C LYS B 11 -55.98 -36.71 14.04
N LEU B 12 -54.97 -36.20 14.74
CA LEU B 12 -54.83 -36.44 16.18
C LEU B 12 -56.08 -36.02 16.98
N PRO B 13 -56.18 -36.46 18.25
CA PRO B 13 -57.35 -36.11 19.08
C PRO B 13 -57.53 -34.59 19.21
N ASN B 14 -56.43 -33.84 19.07
CA ASN B 14 -56.42 -32.38 19.13
C ASN B 14 -57.21 -31.76 17.96
N GLY B 15 -56.83 -32.21 16.78
CA GLY B 15 -57.43 -31.71 15.55
C GLY B 15 -56.24 -31.45 14.65
N LEU B 16 -55.05 -31.73 15.20
CA LEU B 16 -53.78 -31.55 14.51
C LEU B 16 -53.56 -32.58 13.44
N VAL B 17 -54.06 -32.30 12.24
CA VAL B 17 -53.91 -33.22 11.13
C VAL B 17 -52.43 -33.45 10.85
N ILE B 18 -52.06 -34.71 10.64
CA ILE B 18 -50.68 -35.08 10.36
C ILE B 18 -50.66 -35.82 9.02
N ALA B 19 -49.96 -35.26 8.05
CA ALA B 19 -49.86 -35.90 6.73
C ALA B 19 -48.41 -36.11 6.36
N SER B 20 -48.12 -37.17 5.62
CA SER B 20 -46.75 -37.46 5.20
C SER B 20 -46.72 -38.13 3.82
N LEU B 21 -45.52 -38.44 3.34
CA LEU B 21 -45.35 -39.06 2.03
C LEU B 21 -43.89 -39.40 1.77
N GLU B 22 -43.54 -40.65 1.99
CA GLU B 22 -42.17 -41.11 1.76
C GLU B 22 -41.88 -41.36 0.28
N ASN B 23 -41.49 -40.30 -0.44
CA ASN B 23 -41.19 -40.38 -1.88
C ASN B 23 -39.78 -40.88 -2.14
N TYR B 24 -39.05 -41.13 -1.07
CA TYR B 24 -37.69 -41.63 -1.20
C TYR B 24 -36.61 -40.68 -1.70
N SER B 25 -36.82 -39.37 -1.56
CA SER B 25 -35.82 -38.39 -1.99
C SER B 25 -34.66 -38.37 -1.01
N PRO B 26 -33.44 -38.13 -1.51
CA PRO B 26 -32.25 -38.09 -0.65
C PRO B 26 -32.38 -37.01 0.42
N GLY B 27 -33.24 -36.03 0.16
CA GLY B 27 -33.46 -34.94 1.11
C GLY B 27 -34.94 -34.74 1.38
N SER B 28 -35.30 -34.48 2.63
CA SER B 28 -36.71 -34.29 3.00
C SER B 28 -37.01 -32.93 3.61
N THR B 29 -38.29 -32.62 3.77
CA THR B 29 -38.68 -31.34 4.34
C THR B 29 -39.97 -31.44 5.17
N ILE B 30 -39.89 -31.02 6.42
CA ILE B 30 -41.05 -31.07 7.28
C ILE B 30 -41.61 -29.66 7.34
N GLY B 31 -42.90 -29.52 7.62
CA GLY B 31 -43.49 -28.19 7.67
C GLY B 31 -44.78 -27.99 8.46
N VAL B 32 -44.82 -26.95 9.26
CA VAL B 32 -46.00 -26.66 10.06
C VAL B 32 -46.86 -25.58 9.43
N PHE B 33 -48.02 -25.97 8.92
CA PHE B 33 -48.94 -25.01 8.33
C PHE B 33 -49.87 -24.57 9.44
N ILE B 34 -50.35 -23.33 9.34
CA ILE B 34 -51.24 -22.78 10.35
C ILE B 34 -52.20 -21.78 9.74
N LYS B 35 -53.39 -21.67 10.35
CA LYS B 35 -54.39 -20.74 9.87
C LYS B 35 -54.26 -19.38 10.54
N ALA B 36 -53.02 -18.88 10.63
CA ALA B 36 -52.75 -17.58 11.22
C ALA B 36 -52.64 -16.57 10.08
N GLY B 37 -52.28 -15.33 10.39
CA GLY B 37 -52.16 -14.32 9.35
C GLY B 37 -52.64 -12.95 9.79
N SER B 38 -52.32 -11.95 8.97
CA SER B 38 -52.70 -10.58 9.27
C SER B 38 -54.21 -10.39 9.12
N ARG B 39 -54.87 -11.44 8.65
CA ARG B 39 -56.31 -11.43 8.44
C ARG B 39 -57.05 -11.37 9.79
N TYR B 40 -56.28 -11.58 10.85
CA TYR B 40 -56.83 -11.60 12.20
C TYR B 40 -56.44 -10.39 13.06
N GLU B 41 -55.90 -9.36 12.45
CA GLU B 41 -55.47 -8.19 13.21
C GLU B 41 -56.56 -7.13 13.37
N ASN B 42 -56.35 -6.21 14.31
CA ASN B 42 -57.29 -5.13 14.62
C ASN B 42 -56.67 -3.77 14.32
N SER B 43 -57.45 -2.69 14.49
CA SER B 43 -56.94 -1.34 14.23
C SER B 43 -55.66 -1.18 15.05
N SER B 44 -55.47 -2.09 15.99
CA SER B 44 -54.28 -2.10 16.82
C SER B 44 -53.63 -3.45 16.58
N ASN B 45 -52.51 -3.73 17.25
CA ASN B 45 -51.82 -5.02 17.08
C ASN B 45 -51.35 -5.33 15.65
N LEU B 46 -51.76 -4.49 14.68
CA LEU B 46 -51.38 -4.67 13.27
C LEU B 46 -49.91 -5.05 13.15
N GLY B 47 -49.57 -5.61 11.98
CA GLY B 47 -48.21 -6.03 11.72
C GLY B 47 -47.67 -7.11 12.64
N THR B 48 -48.30 -7.30 13.80
CA THR B 48 -47.84 -8.31 14.72
C THR B 48 -47.61 -9.65 14.03
N SER B 49 -48.37 -9.90 12.97
CA SER B 49 -48.23 -11.13 12.19
C SER B 49 -46.86 -11.10 11.51
N HIS B 50 -46.61 -10.02 10.75
CA HIS B 50 -45.37 -9.78 10.03
C HIS B 50 -44.17 -9.93 10.95
N LEU B 51 -44.12 -9.12 12.00
CA LEU B 51 -43.01 -9.19 12.94
C LEU B 51 -42.84 -10.64 13.39
N LEU B 52 -43.96 -11.30 13.61
CA LEU B 52 -43.98 -12.68 14.06
C LEU B 52 -43.27 -13.49 12.97
N ARG B 53 -43.53 -13.14 11.73
CA ARG B 53 -42.91 -13.83 10.62
C ARG B 53 -41.39 -13.64 10.61
N LEU B 54 -40.91 -12.58 11.26
CA LEU B 54 -39.47 -12.30 11.30
C LEU B 54 -38.80 -12.85 12.54
N ALA B 55 -39.58 -13.05 13.59
CA ALA B 55 -39.05 -13.55 14.85
C ALA B 55 -38.63 -15.02 14.77
N SER B 56 -38.91 -15.65 13.64
CA SER B 56 -38.56 -17.06 13.43
C SER B 56 -37.37 -17.52 14.23
N SER B 57 -36.29 -16.76 14.13
CA SER B 57 -35.04 -17.10 14.77
C SER B 57 -34.75 -16.64 16.17
N LEU B 58 -35.71 -16.00 16.83
CA LEU B 58 -35.49 -15.53 18.21
C LEU B 58 -35.48 -16.70 19.19
N THR B 59 -34.85 -16.51 20.34
CA THR B 59 -34.78 -17.58 21.35
C THR B 59 -36.12 -18.20 21.74
N THR B 60 -36.05 -19.47 22.12
CA THR B 60 -37.20 -20.27 22.53
C THR B 60 -36.88 -20.86 23.90
N LYS B 61 -37.67 -21.86 24.33
CA LYS B 61 -37.45 -22.52 25.62
C LYS B 61 -36.55 -23.76 25.49
N GLY B 62 -36.62 -24.41 24.34
CA GLY B 62 -35.82 -25.61 24.11
C GLY B 62 -34.47 -25.36 23.45
N ALA B 63 -34.31 -24.18 22.85
CA ALA B 63 -33.06 -23.83 22.18
C ALA B 63 -32.93 -22.33 22.04
N SER B 64 -31.70 -21.84 22.21
CA SER B 64 -31.39 -20.42 22.12
C SER B 64 -31.20 -19.95 20.69
N SER B 65 -31.54 -18.68 20.44
CA SER B 65 -31.43 -18.05 19.13
C SER B 65 -30.10 -18.38 18.46
N PHE B 66 -29.09 -18.60 19.29
CA PHE B 66 -27.78 -18.97 18.79
C PHE B 66 -27.89 -20.41 18.32
N LYS B 67 -28.02 -21.31 19.29
CA LYS B 67 -28.12 -22.75 19.06
C LYS B 67 -29.04 -23.08 17.88
N ILE B 68 -30.19 -22.45 17.81
CA ILE B 68 -31.06 -22.76 16.69
C ILE B 68 -30.45 -22.39 15.34
N THR B 69 -29.95 -21.16 15.18
CA THR B 69 -29.39 -20.81 13.89
C THR B 69 -28.15 -21.66 13.56
N ARG B 70 -27.20 -21.73 14.47
CA ARG B 70 -26.04 -22.55 14.15
C ARG B 70 -26.41 -24.01 14.16
N GLY B 71 -27.38 -24.35 15.00
CA GLY B 71 -27.81 -25.72 15.09
C GLY B 71 -28.24 -26.23 13.73
N ILE B 72 -29.20 -25.53 13.14
CA ILE B 72 -29.71 -25.91 11.83
C ILE B 72 -28.58 -25.93 10.81
N GLU B 73 -27.75 -24.89 10.84
CA GLU B 73 -26.65 -24.76 9.90
C GLU B 73 -25.59 -25.85 9.95
N ALA B 74 -25.31 -26.37 11.14
CA ALA B 74 -24.31 -27.43 11.27
C ALA B 74 -24.70 -28.68 10.50
N VAL B 75 -25.99 -28.78 10.20
CA VAL B 75 -26.53 -29.91 9.48
C VAL B 75 -26.75 -29.64 8.02
N GLY B 76 -26.84 -28.37 7.67
CA GLY B 76 -27.05 -28.06 6.27
C GLY B 76 -28.53 -27.91 6.09
N GLY B 77 -29.18 -27.54 7.19
CA GLY B 77 -30.61 -27.35 7.18
C GLY B 77 -31.03 -26.01 6.63
N LYS B 78 -32.33 -25.74 6.68
CA LYS B 78 -32.88 -24.51 6.17
C LYS B 78 -34.17 -24.20 6.88
N LEU B 79 -34.18 -23.19 7.73
CA LEU B 79 -35.41 -22.83 8.41
C LEU B 79 -35.93 -21.60 7.68
N SER B 80 -37.23 -21.56 7.39
CA SER B 80 -37.84 -20.42 6.70
C SER B 80 -39.35 -20.34 6.92
N VAL B 81 -39.94 -19.16 6.69
CA VAL B 81 -41.37 -19.00 6.91
C VAL B 81 -42.15 -18.26 5.80
N GLU B 82 -43.04 -18.98 5.10
CA GLU B 82 -43.84 -18.35 4.06
C GLU B 82 -45.24 -18.01 4.62
N SER B 83 -45.61 -16.75 4.58
CA SER B 83 -46.90 -16.32 5.13
C SER B 83 -47.83 -15.63 4.10
N THR B 84 -49.14 -15.82 4.29
CA THR B 84 -50.17 -15.22 3.41
C THR B 84 -51.10 -14.45 4.33
N ARG B 85 -52.01 -13.67 3.77
CA ARG B 85 -52.93 -12.92 4.62
C ARG B 85 -53.69 -13.82 5.60
N GLU B 86 -53.80 -15.10 5.29
CA GLU B 86 -54.52 -15.99 6.19
C GLU B 86 -53.96 -17.39 6.42
N ASN B 87 -52.63 -17.51 6.40
CA ASN B 87 -51.99 -18.80 6.63
C ASN B 87 -50.46 -18.71 6.64
N MET B 88 -49.85 -19.28 7.67
CA MET B 88 -48.41 -19.25 7.83
C MET B 88 -47.80 -20.65 7.85
N ALA B 89 -46.91 -20.92 6.91
CA ALA B 89 -46.26 -22.22 6.87
C ALA B 89 -44.80 -22.10 7.34
N TYR B 90 -44.43 -22.86 8.37
CA TYR B 90 -43.06 -22.86 8.88
C TYR B 90 -42.38 -24.12 8.36
N THR B 91 -41.55 -23.98 7.34
CA THR B 91 -40.87 -25.15 6.78
C THR B 91 -39.42 -25.29 7.27
N VAL B 92 -38.75 -26.31 6.78
CA VAL B 92 -37.37 -26.57 7.16
C VAL B 92 -36.92 -27.84 6.44
N GLU B 93 -35.85 -27.73 5.65
CA GLU B 93 -35.34 -28.87 4.89
C GLU B 93 -34.01 -29.39 5.41
N CYS B 94 -33.59 -30.54 4.89
CA CYS B 94 -32.34 -31.19 5.25
C CYS B 94 -32.27 -32.55 4.58
N LEU B 95 -31.62 -33.52 5.21
CA LEU B 95 -31.50 -34.84 4.62
C LEU B 95 -31.41 -35.98 5.63
N ARG B 96 -31.04 -37.16 5.13
CA ARG B 96 -30.92 -38.39 5.94
C ARG B 96 -31.58 -38.32 7.30
N ASP B 97 -30.83 -38.70 8.33
CA ASP B 97 -31.38 -38.70 9.67
C ASP B 97 -31.23 -37.28 10.24
N ASP B 98 -30.57 -36.43 9.46
CA ASP B 98 -30.38 -35.04 9.87
C ASP B 98 -31.72 -34.30 9.94
N VAL B 99 -32.81 -35.02 9.74
CA VAL B 99 -34.16 -34.46 9.82
C VAL B 99 -34.52 -34.46 11.29
N GLU B 100 -34.22 -35.59 11.92
CA GLU B 100 -34.47 -35.81 13.33
C GLU B 100 -33.87 -34.65 14.11
N ILE B 101 -32.62 -34.34 13.76
CA ILE B 101 -31.87 -33.26 14.40
C ILE B 101 -32.47 -31.90 14.07
N LEU B 102 -33.07 -31.81 12.90
CA LEU B 102 -33.68 -30.58 12.45
C LEU B 102 -34.94 -30.24 13.24
N MET B 103 -35.81 -31.24 13.40
CA MET B 103 -37.09 -31.10 14.10
C MET B 103 -37.12 -30.36 15.42
N GLU B 104 -36.13 -30.60 16.27
CA GLU B 104 -36.09 -29.95 17.57
C GLU B 104 -36.33 -28.46 17.45
N PHE B 105 -35.57 -27.82 16.55
CA PHE B 105 -35.72 -26.39 16.37
C PHE B 105 -37.10 -26.03 15.83
N LEU B 106 -37.53 -26.71 14.78
CA LEU B 106 -38.86 -26.44 14.22
C LEU B 106 -39.91 -26.58 15.31
N LEU B 107 -39.79 -27.65 16.10
CA LEU B 107 -40.73 -27.91 17.18
C LEU B 107 -40.78 -26.67 18.07
N ASN B 108 -39.61 -26.27 18.56
CA ASN B 108 -39.48 -25.10 19.43
C ASN B 108 -40.00 -23.81 18.82
N VAL B 109 -39.54 -23.50 17.62
CA VAL B 109 -39.94 -22.27 16.94
C VAL B 109 -41.43 -21.99 16.90
N THR B 110 -42.24 -23.02 16.66
CA THR B 110 -43.69 -22.84 16.55
C THR B 110 -44.53 -22.96 17.82
N THR B 111 -44.02 -23.63 18.85
CA THR B 111 -44.81 -23.82 20.07
C THR B 111 -44.21 -23.28 21.36
N ALA B 112 -42.89 -23.13 21.39
CA ALA B 112 -42.19 -22.64 22.58
C ALA B 112 -41.47 -21.29 22.39
N PRO B 113 -42.05 -20.40 21.59
CA PRO B 113 -41.48 -19.08 21.31
C PRO B 113 -41.55 -18.15 22.50
N GLU B 114 -40.45 -17.96 23.22
CA GLU B 114 -40.50 -17.03 24.34
C GLU B 114 -39.89 -15.68 23.95
N PHE B 115 -40.64 -14.95 23.14
CA PHE B 115 -40.24 -13.64 22.66
C PHE B 115 -39.78 -12.79 23.83
N ARG B 116 -38.48 -12.50 23.86
CA ARG B 116 -37.90 -11.68 24.92
C ARG B 116 -38.00 -10.21 24.52
N PRO B 117 -38.48 -9.37 25.45
CA PRO B 117 -38.65 -7.92 25.22
C PRO B 117 -37.46 -7.22 24.58
N TRP B 118 -36.26 -7.75 24.78
CA TRP B 118 -35.09 -7.15 24.18
C TRP B 118 -35.07 -7.66 22.75
N GLU B 119 -34.85 -8.96 22.59
CA GLU B 119 -34.79 -9.55 21.28
C GLU B 119 -35.76 -8.96 20.26
N VAL B 120 -36.98 -8.65 20.69
CA VAL B 120 -37.92 -8.08 19.73
C VAL B 120 -37.60 -6.58 19.55
N ALA B 121 -37.44 -5.87 20.67
CA ALA B 121 -37.12 -4.44 20.66
C ALA B 121 -35.91 -4.22 19.76
N ASP B 122 -35.09 -5.24 19.65
CA ASP B 122 -33.88 -5.17 18.85
C ASP B 122 -34.08 -5.71 17.43
N LEU B 123 -35.21 -6.36 17.20
CA LEU B 123 -35.53 -6.96 15.91
C LEU B 123 -36.37 -6.07 15.04
N GLN B 124 -37.38 -5.46 15.64
CA GLN B 124 -38.32 -4.61 14.90
C GLN B 124 -37.80 -3.67 13.81
N PRO B 125 -36.65 -3.05 14.01
CA PRO B 125 -36.17 -2.15 12.96
C PRO B 125 -36.02 -2.92 11.64
N GLN B 126 -36.01 -4.24 11.72
CA GLN B 126 -35.88 -5.04 10.50
C GLN B 126 -37.06 -4.69 9.59
N LEU B 127 -38.26 -4.83 10.12
CA LEU B 127 -39.46 -4.52 9.37
C LEU B 127 -39.20 -3.43 8.35
N LYS B 128 -38.62 -2.33 8.83
CA LYS B 128 -38.31 -1.17 7.99
C LYS B 128 -37.69 -1.53 6.65
N ILE B 129 -36.82 -2.54 6.65
CA ILE B 129 -36.15 -2.95 5.42
C ILE B 129 -36.76 -4.15 4.72
N ASP B 130 -37.03 -5.22 5.47
CA ASP B 130 -37.65 -6.40 4.88
C ASP B 130 -38.77 -5.88 3.99
N LYS B 131 -39.47 -4.88 4.53
CA LYS B 131 -40.58 -4.24 3.85
C LYS B 131 -40.07 -3.40 2.69
N ALA B 132 -39.00 -2.64 2.93
CA ALA B 132 -38.41 -1.77 1.92
C ALA B 132 -37.95 -2.48 0.65
N VAL B 133 -37.34 -3.65 0.80
CA VAL B 133 -36.88 -4.38 -0.38
C VAL B 133 -38.07 -4.95 -1.14
N ALA B 134 -38.99 -5.58 -0.42
CA ALA B 134 -40.16 -6.17 -1.03
C ALA B 134 -40.85 -5.16 -1.91
N PHE B 135 -40.96 -3.93 -1.40
CA PHE B 135 -41.61 -2.84 -2.14
C PHE B 135 -40.84 -2.34 -3.35
N GLN B 136 -39.74 -2.99 -3.69
CA GLN B 136 -38.98 -2.56 -4.87
C GLN B 136 -39.69 -3.10 -6.11
N ASN B 137 -40.74 -3.88 -5.88
CA ASN B 137 -41.54 -4.47 -6.96
C ASN B 137 -42.87 -3.71 -6.97
N PRO B 138 -43.12 -2.89 -7.99
CA PRO B 138 -44.39 -2.17 -7.96
C PRO B 138 -45.55 -3.13 -7.74
N GLN B 139 -45.46 -4.32 -8.31
CA GLN B 139 -46.53 -5.31 -8.19
C GLN B 139 -47.03 -5.47 -6.74
N THR B 140 -46.11 -5.62 -5.78
CA THR B 140 -46.52 -5.80 -4.38
C THR B 140 -47.25 -4.62 -3.76
N HIS B 141 -46.77 -3.41 -4.04
CA HIS B 141 -47.39 -2.21 -3.50
C HIS B 141 -48.85 -2.07 -3.92
N VAL B 142 -49.13 -2.31 -5.19
CA VAL B 142 -50.50 -2.20 -5.68
C VAL B 142 -51.42 -3.24 -5.10
N ILE B 143 -50.93 -4.47 -4.97
CA ILE B 143 -51.77 -5.50 -4.38
C ILE B 143 -52.08 -5.17 -2.92
N GLU B 144 -51.12 -4.59 -2.21
CA GLU B 144 -51.38 -4.19 -0.82
C GLU B 144 -52.57 -3.24 -0.79
N ASN B 145 -52.58 -2.26 -1.68
CA ASN B 145 -53.68 -1.32 -1.74
C ASN B 145 -54.92 -1.93 -2.38
N LEU B 146 -54.75 -2.97 -3.18
CA LEU B 146 -55.90 -3.59 -3.82
C LEU B 146 -56.81 -4.01 -2.68
N HIS B 147 -56.37 -5.03 -1.94
CA HIS B 147 -57.13 -5.50 -0.80
C HIS B 147 -57.61 -4.35 0.07
N ALA B 148 -56.81 -3.30 0.16
CA ALA B 148 -57.22 -2.17 0.97
C ALA B 148 -58.56 -1.65 0.48
N ALA B 149 -58.69 -1.48 -0.82
CA ALA B 149 -59.91 -0.96 -1.43
C ALA B 149 -60.96 -2.06 -1.68
N ALA B 150 -60.53 -3.31 -1.59
CA ALA B 150 -61.41 -4.42 -1.82
C ALA B 150 -62.27 -4.69 -0.60
N TYR B 151 -61.70 -4.57 0.58
CA TYR B 151 -62.48 -4.84 1.78
C TYR B 151 -62.56 -3.64 2.72
N ARG B 152 -63.22 -3.84 3.87
CA ARG B 152 -63.36 -2.77 4.85
C ARG B 152 -62.88 -3.27 6.20
N ASN B 153 -63.08 -4.56 6.45
CA ASN B 153 -62.63 -5.13 7.71
C ASN B 153 -61.46 -6.05 7.40
N ALA B 154 -61.26 -7.07 8.23
CA ALA B 154 -60.16 -8.03 8.06
C ALA B 154 -59.88 -8.40 6.60
N LEU B 155 -58.75 -9.07 6.37
CA LEU B 155 -58.35 -9.47 5.03
C LEU B 155 -57.94 -8.22 4.24
N ALA B 156 -58.52 -7.09 4.60
CA ALA B 156 -58.17 -5.84 3.95
C ALA B 156 -56.95 -5.28 4.67
N ASP B 157 -56.45 -6.05 5.64
CA ASP B 157 -55.27 -5.63 6.38
C ASP B 157 -54.02 -5.90 5.57
N SER B 158 -53.02 -5.06 5.77
CA SER B 158 -51.74 -5.13 5.09
C SER B 158 -51.00 -6.44 5.33
N LEU B 159 -50.12 -6.82 4.40
CA LEU B 159 -49.36 -8.05 4.52
C LEU B 159 -47.96 -7.76 5.06
N TYR B 160 -47.62 -6.48 5.02
CA TYR B 160 -46.34 -6.01 5.54
C TYR B 160 -46.70 -4.92 6.51
N CYS B 161 -46.19 -5.04 7.73
CA CYS B 161 -46.47 -4.06 8.77
C CYS B 161 -46.50 -2.62 8.29
N PRO B 162 -47.58 -1.89 8.61
CA PRO B 162 -47.73 -0.49 8.21
C PRO B 162 -46.64 0.35 8.88
N ASP B 163 -46.19 1.39 8.19
CA ASP B 163 -45.13 2.24 8.73
C ASP B 163 -45.32 2.69 10.18
N TYR B 164 -46.36 3.48 10.40
CA TYR B 164 -46.64 4.03 11.72
C TYR B 164 -46.47 3.07 12.88
N ARG B 165 -46.67 1.78 12.64
CA ARG B 165 -46.57 0.82 13.72
C ARG B 165 -45.24 0.13 13.92
N ILE B 166 -44.23 0.46 13.13
CA ILE B 166 -42.96 -0.24 13.26
C ILE B 166 -42.47 -0.51 14.67
N GLY B 167 -41.79 0.44 15.31
CA GLY B 167 -41.28 0.15 16.63
C GLY B 167 -42.29 0.05 17.76
N LYS B 168 -43.56 -0.21 17.44
CA LYS B 168 -44.61 -0.27 18.45
C LYS B 168 -45.22 -1.63 18.80
N VAL B 169 -44.96 -2.65 17.99
CA VAL B 169 -45.49 -3.98 18.29
C VAL B 169 -44.89 -4.41 19.64
N THR B 170 -45.65 -5.09 20.50
CA THR B 170 -45.10 -5.49 21.80
C THR B 170 -44.82 -6.98 21.95
N SER B 171 -43.88 -7.30 22.82
CA SER B 171 -43.51 -8.68 23.05
C SER B 171 -44.76 -9.47 23.43
N VAL B 172 -45.74 -8.78 24.02
CA VAL B 172 -46.98 -9.42 24.42
C VAL B 172 -47.84 -9.75 23.21
N GLU B 173 -48.18 -8.73 22.42
CA GLU B 173 -48.99 -8.91 21.21
C GLU B 173 -48.50 -10.11 20.42
N LEU B 174 -47.23 -10.43 20.57
CA LEU B 174 -46.70 -11.57 19.87
C LEU B 174 -47.18 -12.83 20.57
N HIS B 175 -47.03 -12.91 21.89
CA HIS B 175 -47.54 -14.11 22.55
C HIS B 175 -49.03 -14.20 22.28
N ASP B 176 -49.77 -13.18 22.70
CA ASP B 176 -51.20 -13.15 22.51
C ASP B 176 -51.58 -13.54 21.10
N PHE B 177 -50.89 -13.03 20.08
CA PHE B 177 -51.24 -13.39 18.71
C PHE B 177 -51.03 -14.87 18.50
N VAL B 178 -49.93 -15.40 19.03
CA VAL B 178 -49.66 -16.82 18.87
C VAL B 178 -50.67 -17.65 19.65
N GLN B 179 -50.72 -17.39 20.97
CA GLN B 179 -51.61 -18.09 21.88
C GLN B 179 -53.00 -18.28 21.30
N ASN B 180 -53.52 -17.27 20.61
CA ASN B 180 -54.84 -17.34 20.03
C ASN B 180 -54.94 -17.93 18.62
N HIS B 181 -53.82 -18.19 17.96
CA HIS B 181 -53.93 -18.72 16.60
C HIS B 181 -53.13 -19.97 16.34
N PHE B 182 -52.01 -20.13 17.02
CA PHE B 182 -51.21 -21.32 16.85
C PHE B 182 -51.76 -22.44 17.72
N THR B 183 -52.94 -22.94 17.34
CA THR B 183 -53.64 -23.99 18.08
C THR B 183 -53.93 -25.24 17.25
N SER B 184 -53.63 -26.40 17.84
CA SER B 184 -53.80 -27.72 17.24
C SER B 184 -54.97 -27.91 16.27
N ALA B 185 -56.10 -27.28 16.58
CA ALA B 185 -57.27 -27.41 15.72
C ALA B 185 -57.05 -26.73 14.36
N ARG B 186 -56.11 -25.78 14.35
CA ARG B 186 -55.80 -25.06 13.12
C ARG B 186 -54.34 -25.19 12.67
N MET B 187 -53.75 -26.36 12.91
CA MET B 187 -52.37 -26.64 12.52
C MET B 187 -52.27 -28.00 11.84
N ALA B 188 -51.12 -28.27 11.25
CA ALA B 188 -50.89 -29.55 10.58
C ALA B 188 -49.39 -29.82 10.48
N LEU B 189 -48.99 -31.03 10.83
CA LEU B 189 -47.58 -31.39 10.77
C LEU B 189 -47.25 -32.15 9.49
N VAL B 190 -47.28 -31.45 8.36
CA VAL B 190 -47.00 -32.06 7.06
C VAL B 190 -45.53 -32.40 6.87
N GLY B 191 -45.22 -33.20 5.86
CA GLY B 191 -43.83 -33.57 5.62
C GLY B 191 -43.61 -34.56 4.48
N LEU B 192 -42.41 -34.53 3.89
CA LEU B 192 -42.06 -35.41 2.79
C LEU B 192 -40.84 -36.23 3.19
N GLY B 193 -40.44 -37.14 2.31
CA GLY B 193 -39.28 -37.97 2.60
C GLY B 193 -39.15 -38.43 4.05
N VAL B 194 -40.28 -38.76 4.67
CA VAL B 194 -40.29 -39.23 6.05
C VAL B 194 -41.27 -40.39 6.26
N SER B 195 -41.00 -41.18 7.30
CA SER B 195 -41.84 -42.32 7.66
C SER B 195 -42.97 -41.72 8.50
N HIS B 196 -44.21 -41.83 7.99
CA HIS B 196 -45.36 -41.27 8.68
C HIS B 196 -45.42 -41.52 10.20
N PRO B 197 -45.11 -42.76 10.64
CA PRO B 197 -45.15 -43.03 12.08
C PRO B 197 -44.17 -42.09 12.75
N VAL B 198 -42.97 -42.01 12.20
CA VAL B 198 -41.91 -41.16 12.72
C VAL B 198 -42.33 -39.68 12.74
N LEU B 199 -43.15 -39.27 11.77
CA LEU B 199 -43.61 -37.89 11.74
C LEU B 199 -44.68 -37.69 12.81
N LYS B 200 -45.29 -38.81 13.23
CA LYS B 200 -46.33 -38.78 14.25
C LYS B 200 -45.72 -38.76 15.66
N ASN B 201 -44.66 -39.53 15.85
CA ASN B 201 -43.97 -39.61 17.14
C ASN B 201 -43.50 -38.24 17.60
N VAL B 202 -43.55 -37.28 16.67
CA VAL B 202 -43.15 -35.90 16.93
C VAL B 202 -44.36 -35.07 17.34
N ALA B 203 -45.43 -35.15 16.55
CA ALA B 203 -46.65 -34.40 16.83
C ALA B 203 -47.04 -34.48 18.31
N GLU B 204 -46.63 -35.56 18.98
CA GLU B 204 -46.95 -35.75 20.40
C GLU B 204 -46.30 -34.68 21.28
N GLN B 205 -45.01 -34.39 21.06
CA GLN B 205 -44.29 -33.37 21.85
C GLN B 205 -44.85 -32.02 21.47
N LEU B 206 -45.19 -31.88 20.20
CA LEU B 206 -45.76 -30.65 19.67
C LEU B 206 -47.19 -30.55 20.18
N LEU B 207 -47.31 -30.34 21.49
CA LEU B 207 -48.63 -30.20 22.13
C LEU B 207 -48.53 -29.26 23.32
N ASN B 208 -48.86 -28.00 23.07
CA ASN B 208 -48.81 -26.99 24.10
C ASN B 208 -50.08 -26.14 24.10
N ILE B 209 -50.93 -26.26 23.08
CA ILE B 209 -52.17 -25.48 23.04
C ILE B 209 -53.38 -26.16 22.39
N ARG B 210 -54.14 -26.94 23.18
CA ARG B 210 -55.34 -27.62 22.68
C ARG B 210 -56.31 -26.59 22.07
N GLY B 211 -56.13 -25.34 22.49
CA GLY B 211 -56.92 -24.20 22.05
C GLY B 211 -58.15 -24.39 21.17
N GLY B 212 -58.05 -25.26 20.18
CA GLY B 212 -59.18 -25.48 19.30
C GLY B 212 -59.25 -24.36 18.28
N LEU B 213 -60.38 -23.67 18.22
CA LEU B 213 -60.56 -22.58 17.26
C LEU B 213 -59.75 -21.33 17.62
N GLY B 214 -59.69 -21.01 18.92
CA GLY B 214 -58.96 -19.83 19.35
C GLY B 214 -59.70 -18.55 18.96
N LEU B 215 -59.03 -17.69 18.18
CA LEU B 215 -59.65 -16.44 17.73
C LEU B 215 -60.58 -16.74 16.57
N SER B 216 -60.72 -15.79 15.64
CA SER B 216 -61.58 -15.96 14.47
C SER B 216 -61.71 -14.67 13.66
N GLY B 217 -61.19 -14.70 12.43
CA GLY B 217 -61.26 -13.53 11.58
C GLY B 217 -62.69 -13.17 11.22
N ALA B 218 -63.05 -11.91 11.42
CA ALA B 218 -64.40 -11.46 11.09
C ALA B 218 -64.65 -11.63 9.59
N LYS B 219 -65.86 -12.07 9.23
CA LYS B 219 -66.23 -12.26 7.83
C LYS B 219 -65.88 -11.02 7.03
N ALA B 220 -65.11 -11.21 5.96
CA ALA B 220 -64.68 -10.10 5.12
C ALA B 220 -65.79 -9.40 4.34
N LYS B 221 -66.13 -8.19 4.78
CA LYS B 221 -67.16 -7.39 4.13
C LYS B 221 -66.52 -6.80 2.88
N TYR B 222 -67.28 -6.70 1.80
CA TYR B 222 -66.75 -6.16 0.56
C TYR B 222 -66.98 -4.66 0.40
N ARG B 223 -66.16 -4.02 -0.43
CA ARG B 223 -66.24 -2.59 -0.66
C ARG B 223 -65.79 -2.21 -2.07
N GLY B 224 -66.37 -1.13 -2.59
CA GLY B 224 -66.00 -0.68 -3.92
C GLY B 224 -64.96 0.42 -3.83
N GLY B 225 -63.75 0.03 -3.40
CA GLY B 225 -62.67 0.98 -3.23
C GLY B 225 -61.86 1.41 -4.45
N GLU B 226 -61.09 2.46 -4.27
CA GLU B 226 -60.26 2.97 -5.34
C GLU B 226 -59.24 3.96 -4.79
N ILE B 227 -57.98 3.54 -4.73
CA ILE B 227 -56.92 4.40 -4.25
C ILE B 227 -55.83 4.48 -5.31
N ARG B 228 -55.43 5.70 -5.61
CA ARG B 228 -54.42 5.97 -6.64
C ARG B 228 -53.13 6.50 -6.01
N GLU B 229 -51.99 5.92 -6.37
CA GLU B 229 -50.71 6.37 -5.80
C GLU B 229 -49.90 7.17 -6.81
N GLN B 230 -49.96 8.48 -6.71
CA GLN B 230 -49.23 9.36 -7.61
C GLN B 230 -47.74 9.34 -7.30
N ASN B 231 -46.91 8.97 -8.27
CA ASN B 231 -45.48 8.94 -8.02
C ASN B 231 -44.61 8.99 -9.27
N GLY B 232 -45.24 9.12 -10.43
CA GLY B 232 -44.53 9.20 -11.69
C GLY B 232 -43.32 8.29 -11.92
N ASP B 233 -43.53 6.97 -11.96
CA ASP B 233 -42.43 6.03 -12.18
C ASP B 233 -42.19 5.80 -13.66
N SER B 234 -43.02 6.42 -14.50
CA SER B 234 -42.93 6.32 -15.98
C SER B 234 -43.81 5.21 -16.58
N LEU B 235 -44.37 4.37 -15.72
CA LEU B 235 -45.24 3.30 -16.18
C LEU B 235 -46.20 2.84 -15.08
N VAL B 236 -47.48 2.87 -15.42
CA VAL B 236 -48.58 2.52 -14.53
C VAL B 236 -48.88 1.03 -14.30
N HIS B 237 -49.15 0.71 -13.03
CA HIS B 237 -49.54 -0.63 -12.63
C HIS B 237 -50.98 -0.45 -12.19
N ALA B 238 -51.90 -0.96 -12.98
CA ALA B 238 -53.31 -0.83 -12.66
C ALA B 238 -53.96 -2.20 -12.56
N ALA B 239 -54.67 -2.41 -11.46
CA ALA B 239 -55.36 -3.65 -11.22
C ALA B 239 -56.83 -3.40 -10.92
N ILE B 240 -57.72 -4.17 -11.54
CA ILE B 240 -59.14 -4.02 -11.29
C ILE B 240 -59.74 -5.36 -10.84
N VAL B 241 -60.56 -5.33 -9.80
CA VAL B 241 -61.14 -6.56 -9.30
C VAL B 241 -62.63 -6.44 -8.99
N ALA B 242 -63.28 -7.57 -8.75
CA ALA B 242 -64.69 -7.63 -8.41
C ALA B 242 -64.87 -8.81 -7.46
N GLU B 243 -65.50 -8.55 -6.32
CA GLU B 243 -65.79 -9.59 -5.34
C GLU B 243 -66.07 -10.90 -6.09
N SER B 244 -65.62 -12.04 -5.56
CA SER B 244 -65.86 -13.33 -6.21
C SER B 244 -64.98 -14.44 -5.66
N ALA B 245 -65.07 -15.63 -6.24
CA ALA B 245 -64.27 -16.78 -5.81
C ALA B 245 -64.40 -17.16 -4.33
N ALA B 246 -63.71 -18.22 -3.96
CA ALA B 246 -63.69 -18.75 -2.59
C ALA B 246 -63.15 -20.16 -2.65
N ILE B 247 -62.00 -20.38 -2.01
CA ILE B 247 -61.39 -21.71 -2.00
C ILE B 247 -62.30 -22.77 -1.41
N GLY B 248 -62.63 -23.75 -2.24
CA GLY B 248 -63.52 -24.81 -1.80
C GLY B 248 -64.92 -24.61 -2.40
N GLY B 249 -65.18 -23.38 -2.85
CA GLY B 249 -66.45 -23.06 -3.46
C GLY B 249 -66.46 -23.51 -4.90
N ALA B 250 -67.52 -24.21 -5.30
CA ALA B 250 -67.65 -24.72 -6.66
C ALA B 250 -67.35 -23.66 -7.72
N GLU B 251 -67.94 -22.49 -7.53
CA GLU B 251 -67.78 -21.36 -8.44
C GLU B 251 -66.31 -21.09 -8.81
N ALA B 252 -65.40 -21.65 -8.02
CA ALA B 252 -63.94 -21.49 -8.19
C ALA B 252 -63.36 -21.89 -9.53
N ASN B 253 -63.22 -23.20 -9.74
CA ASN B 253 -62.66 -23.75 -10.96
C ASN B 253 -63.06 -22.95 -12.19
N ALA B 254 -64.25 -22.36 -12.14
CA ALA B 254 -64.76 -21.56 -13.22
C ALA B 254 -63.74 -20.50 -13.66
N PHE B 255 -63.40 -19.62 -12.72
CA PHE B 255 -62.44 -18.56 -12.97
C PHE B 255 -61.08 -19.10 -13.37
N SER B 256 -60.61 -20.14 -12.69
CA SER B 256 -59.33 -20.73 -13.03
C SER B 256 -59.34 -20.96 -14.54
N VAL B 257 -60.48 -21.42 -15.05
CA VAL B 257 -60.62 -21.69 -16.47
C VAL B 257 -60.86 -20.43 -17.26
N LEU B 258 -61.38 -19.41 -16.61
CA LEU B 258 -61.59 -18.13 -17.28
C LEU B 258 -60.27 -17.38 -17.21
N GLN B 259 -59.53 -17.67 -16.14
CA GLN B 259 -58.22 -17.10 -15.89
C GLN B 259 -57.34 -17.43 -17.09
N HIS B 260 -57.61 -18.57 -17.70
CA HIS B 260 -56.87 -18.98 -18.87
C HIS B 260 -57.68 -18.68 -20.12
N VAL B 261 -58.99 -18.84 -20.03
CA VAL B 261 -59.85 -18.53 -21.16
C VAL B 261 -59.52 -17.09 -21.52
N LEU B 262 -59.09 -16.32 -20.51
CA LEU B 262 -58.70 -14.91 -20.67
C LEU B 262 -57.18 -14.83 -20.64
N GLY B 263 -56.64 -13.74 -21.19
CA GLY B 263 -55.20 -13.56 -21.21
C GLY B 263 -54.77 -13.25 -22.63
N ALA B 264 -54.66 -14.29 -23.46
CA ALA B 264 -54.29 -14.14 -24.86
C ALA B 264 -55.28 -13.12 -25.39
N ASN B 265 -56.51 -13.19 -24.89
CA ASN B 265 -57.55 -12.25 -25.29
C ASN B 265 -57.13 -10.83 -24.93
N PRO B 266 -57.02 -10.51 -23.63
CA PRO B 266 -56.62 -9.14 -23.31
C PRO B 266 -55.26 -8.80 -23.89
N HIS B 267 -54.31 -9.73 -23.79
CA HIS B 267 -52.98 -9.45 -24.33
C HIS B 267 -53.15 -9.18 -25.82
N VAL B 268 -53.62 -10.19 -26.56
CA VAL B 268 -53.84 -10.00 -27.99
C VAL B 268 -55.05 -9.08 -28.13
N LYS B 269 -54.83 -7.80 -27.81
CA LYS B 269 -55.85 -6.77 -27.87
C LYS B 269 -55.25 -5.53 -27.20
N ARG B 270 -54.45 -4.79 -27.97
CA ARG B 270 -53.83 -3.59 -27.44
C ARG B 270 -52.87 -2.89 -28.41
N GLY B 271 -52.36 -1.72 -27.96
CA GLY B 271 -51.43 -0.84 -28.70
C GLY B 271 -50.15 -0.44 -27.91
N ASN B 288 -48.98 -0.64 -28.53
CA ASN B 288 -47.62 -0.35 -27.98
C ASN B 288 -47.11 -1.37 -26.95
N PRO B 289 -45.83 -1.26 -26.53
CA PRO B 289 -45.18 -2.17 -25.56
C PRO B 289 -45.81 -2.14 -24.16
N PHE B 290 -46.36 -3.27 -23.72
CA PHE B 290 -47.03 -3.32 -22.40
C PHE B 290 -47.03 -4.71 -21.79
N ASP B 291 -48.03 -4.95 -20.94
CA ASP B 291 -48.25 -6.23 -20.28
C ASP B 291 -49.62 -6.21 -19.61
N VAL B 292 -50.35 -7.31 -19.72
CA VAL B 292 -51.68 -7.42 -19.12
C VAL B 292 -52.02 -8.88 -18.81
N SER B 293 -52.62 -9.13 -17.65
CA SER B 293 -52.97 -10.50 -17.27
C SER B 293 -54.27 -10.54 -16.49
N ALA B 294 -54.81 -11.74 -16.33
CA ALA B 294 -56.03 -11.91 -15.58
C ALA B 294 -55.67 -12.20 -14.13
N PHE B 295 -56.17 -11.38 -13.21
CA PHE B 295 -55.88 -11.56 -11.80
C PHE B 295 -56.86 -12.53 -11.14
N ASN B 296 -56.42 -13.25 -10.12
CA ASN B 296 -57.31 -14.18 -9.43
C ASN B 296 -56.82 -14.77 -8.12
N ALA B 297 -57.41 -14.30 -7.02
CA ALA B 297 -57.09 -14.78 -5.68
C ALA B 297 -58.34 -15.41 -5.07
N SER B 298 -58.20 -16.65 -4.61
CA SER B 298 -59.32 -17.37 -3.99
C SER B 298 -59.04 -17.54 -2.49
N TYR B 299 -59.71 -16.74 -1.67
CA TYR B 299 -59.56 -16.76 -0.22
C TYR B 299 -60.56 -17.66 0.50
N SER B 300 -60.39 -17.78 1.81
CA SER B 300 -61.28 -18.60 2.62
C SER B 300 -62.73 -18.17 2.41
N ASP B 301 -63.15 -17.10 3.07
CA ASP B 301 -64.52 -16.69 2.91
C ASP B 301 -64.75 -15.58 1.89
N SER B 302 -63.95 -15.57 0.83
CA SER B 302 -64.08 -14.56 -0.22
C SER B 302 -62.99 -14.74 -1.26
N GLY B 303 -62.90 -13.81 -2.20
CA GLY B 303 -61.88 -13.89 -3.24
C GLY B 303 -61.88 -12.68 -4.17
N LEU B 304 -61.05 -12.71 -5.21
CA LEU B 304 -60.96 -11.59 -6.15
C LEU B 304 -60.71 -12.07 -7.58
N PHE B 305 -61.16 -11.27 -8.54
CA PHE B 305 -60.96 -11.57 -9.95
C PHE B 305 -60.84 -10.26 -10.72
N GLY B 306 -60.13 -10.28 -11.84
CA GLY B 306 -59.95 -9.08 -12.62
C GLY B 306 -58.68 -9.15 -13.43
N PHE B 307 -57.75 -8.22 -13.21
CA PHE B 307 -56.53 -8.22 -14.02
C PHE B 307 -55.57 -7.08 -13.69
N TYR B 308 -54.25 -7.32 -13.69
CA TYR B 308 -53.31 -6.20 -13.49
C TYR B 308 -52.65 -5.87 -14.84
N THR B 309 -52.43 -4.58 -15.08
CA THR B 309 -51.84 -4.15 -16.34
C THR B 309 -50.68 -3.16 -16.27
N ILE B 310 -49.47 -3.70 -16.42
CA ILE B 310 -48.28 -2.88 -16.44
C ILE B 310 -48.28 -2.28 -17.83
N SER B 311 -48.45 -0.97 -17.91
CA SER B 311 -48.49 -0.32 -19.21
C SER B 311 -47.72 0.98 -19.19
N GLN B 312 -47.31 1.44 -20.37
CA GLN B 312 -46.58 2.67 -20.47
C GLN B 312 -47.53 3.75 -19.98
N ALA B 313 -46.98 4.84 -19.48
CA ALA B 313 -47.79 5.93 -18.94
C ALA B 313 -48.95 6.36 -19.80
N ALA B 314 -48.74 7.40 -20.60
CA ALA B 314 -49.79 7.95 -21.46
C ALA B 314 -50.72 6.93 -22.10
N TYR B 315 -50.20 5.73 -22.37
CA TYR B 315 -50.97 4.67 -23.00
C TYR B 315 -51.77 3.84 -22.01
N ALA B 316 -51.57 4.08 -20.73
CA ALA B 316 -52.30 3.33 -19.71
C ALA B 316 -53.81 3.30 -19.98
N GLY B 317 -54.38 4.47 -20.22
CA GLY B 317 -55.81 4.55 -20.48
C GLY B 317 -56.19 3.51 -21.51
N GLN B 318 -55.67 3.66 -22.71
CA GLN B 318 -55.96 2.73 -23.79
C GLN B 318 -55.79 1.30 -23.32
N VAL B 319 -54.66 1.01 -22.69
CA VAL B 319 -54.38 -0.35 -22.22
C VAL B 319 -55.33 -0.89 -21.16
N ILE B 320 -55.98 -0.03 -20.40
CA ILE B 320 -56.89 -0.53 -19.36
C ILE B 320 -58.27 -0.79 -19.96
N LYS B 321 -58.83 0.25 -20.59
CA LYS B 321 -60.15 0.12 -21.20
C LYS B 321 -60.18 -1.14 -22.03
N ALA B 322 -59.13 -1.35 -22.81
CA ALA B 322 -59.01 -2.52 -23.66
C ALA B 322 -59.16 -3.79 -22.86
N ALA B 323 -58.14 -4.11 -22.05
CA ALA B 323 -58.15 -5.33 -21.24
C ALA B 323 -59.53 -5.51 -20.64
N TYR B 324 -60.14 -4.39 -20.27
CA TYR B 324 -61.47 -4.40 -19.69
C TYR B 324 -62.50 -4.85 -20.74
N ASN B 325 -62.61 -4.14 -21.87
CA ASN B 325 -63.57 -4.50 -22.93
C ASN B 325 -63.55 -5.98 -23.23
N GLN B 326 -62.34 -6.55 -23.29
CA GLN B 326 -62.19 -7.97 -23.56
C GLN B 326 -62.88 -8.79 -22.47
N VAL B 327 -62.63 -8.44 -21.20
CA VAL B 327 -63.26 -9.16 -20.12
C VAL B 327 -64.77 -9.00 -20.28
N LYS B 328 -65.17 -7.80 -20.66
CA LYS B 328 -66.58 -7.54 -20.86
C LYS B 328 -67.13 -8.47 -21.93
N THR B 329 -66.92 -8.13 -23.19
CA THR B 329 -67.43 -8.93 -24.29
C THR B 329 -67.22 -10.44 -24.07
N ILE B 330 -66.22 -10.81 -23.29
CA ILE B 330 -65.97 -12.22 -23.03
C ILE B 330 -67.25 -12.82 -22.47
N ALA B 331 -67.88 -12.08 -21.55
CA ALA B 331 -69.14 -12.52 -20.93
C ALA B 331 -70.27 -12.55 -21.95
N GLN B 332 -70.32 -11.54 -22.81
CA GLN B 332 -71.34 -11.45 -23.84
C GLN B 332 -71.26 -12.57 -24.88
N GLY B 333 -70.74 -13.72 -24.46
CA GLY B 333 -70.64 -14.88 -25.34
C GLY B 333 -69.46 -15.06 -26.28
N ASN B 334 -68.33 -14.42 -26.01
CA ASN B 334 -67.17 -14.57 -26.89
C ASN B 334 -66.22 -15.63 -26.37
N VAL B 335 -66.68 -16.87 -26.37
CA VAL B 335 -65.86 -17.97 -25.90
C VAL B 335 -66.28 -19.22 -26.69
N SER B 336 -65.41 -19.74 -27.56
CA SER B 336 -65.75 -20.93 -28.31
C SER B 336 -65.47 -22.14 -27.41
N ASN B 337 -66.32 -23.17 -27.46
CA ASN B 337 -66.12 -24.35 -26.64
C ASN B 337 -64.73 -24.91 -26.87
N GLU B 338 -63.98 -24.24 -27.73
CA GLU B 338 -62.60 -24.58 -28.05
C GLU B 338 -61.75 -23.99 -26.94
N ASN B 339 -61.74 -22.65 -26.90
CA ASN B 339 -60.99 -21.89 -25.91
C ASN B 339 -61.08 -22.56 -24.54
N VAL B 340 -62.25 -23.07 -24.21
CA VAL B 340 -62.44 -23.73 -22.94
C VAL B 340 -61.59 -25.01 -22.81
N GLN B 341 -61.53 -25.81 -23.87
CA GLN B 341 -60.74 -27.04 -23.84
C GLN B 341 -59.27 -26.68 -23.62
N ALA B 342 -58.79 -25.74 -24.43
CA ALA B 342 -57.40 -25.28 -24.32
C ALA B 342 -57.13 -24.97 -22.86
N ALA B 343 -57.86 -24.00 -22.33
CA ALA B 343 -57.72 -23.59 -20.94
C ALA B 343 -57.74 -24.80 -20.03
N LYS B 344 -58.91 -25.41 -19.90
CA LYS B 344 -59.09 -26.60 -19.07
C LYS B 344 -57.81 -27.46 -19.02
N ASN B 345 -57.15 -27.60 -20.18
CA ASN B 345 -55.93 -28.39 -20.27
C ASN B 345 -54.65 -27.65 -19.85
N LYS B 346 -54.72 -26.33 -19.73
CA LYS B 346 -53.56 -25.55 -19.29
C LYS B 346 -53.45 -25.64 -17.77
N LEU B 347 -54.60 -25.58 -17.10
CA LEU B 347 -54.61 -25.68 -15.65
C LEU B 347 -54.02 -27.04 -15.31
N LYS B 348 -54.53 -28.07 -15.96
CA LYS B 348 -54.04 -29.42 -15.72
C LYS B 348 -52.52 -29.39 -15.72
N ALA B 349 -51.95 -28.67 -16.69
CA ALA B 349 -50.51 -28.58 -16.79
C ALA B 349 -49.95 -27.77 -15.63
N LYS B 350 -50.26 -26.48 -15.58
CA LYS B 350 -49.76 -25.63 -14.52
C LYS B 350 -49.86 -26.30 -13.14
N TYR B 351 -50.94 -27.04 -12.90
CA TYR B 351 -51.10 -27.72 -11.63
C TYR B 351 -49.99 -28.77 -11.53
N LEU B 352 -50.02 -29.73 -12.43
CA LEU B 352 -49.04 -30.80 -12.49
C LEU B 352 -47.58 -30.34 -12.56
N MET B 353 -47.36 -29.18 -13.17
CA MET B 353 -46.02 -28.64 -13.28
C MET B 353 -45.61 -27.98 -11.97
N SER B 354 -46.48 -27.11 -11.45
CA SER B 354 -46.20 -26.42 -10.19
C SER B 354 -46.33 -27.37 -9.00
N VAL B 355 -45.75 -28.55 -9.13
CA VAL B 355 -45.77 -29.55 -8.06
C VAL B 355 -44.56 -30.47 -8.21
N GLU B 356 -43.73 -30.18 -9.20
CA GLU B 356 -42.53 -30.97 -9.43
C GLU B 356 -41.53 -30.66 -8.32
N SER B 357 -41.32 -29.37 -8.07
CA SER B 357 -40.39 -28.89 -7.05
C SER B 357 -40.96 -29.10 -5.65
N SER B 358 -40.61 -30.24 -5.06
CA SER B 358 -41.08 -30.62 -3.74
C SER B 358 -41.63 -29.53 -2.83
N GLU B 359 -40.92 -28.43 -2.71
CA GLU B 359 -41.39 -27.36 -1.82
C GLU B 359 -42.74 -26.81 -2.27
N GLY B 360 -42.91 -26.65 -3.58
CA GLY B 360 -44.18 -26.15 -4.10
C GLY B 360 -45.23 -27.26 -4.01
N PHE B 361 -44.75 -28.48 -4.13
CA PHE B 361 -45.60 -29.65 -4.02
C PHE B 361 -46.05 -29.77 -2.55
N LEU B 362 -45.09 -29.72 -1.63
CA LEU B 362 -45.36 -29.80 -0.19
C LEU B 362 -46.40 -28.76 0.17
N GLU B 363 -46.35 -27.62 -0.51
CA GLU B 363 -47.30 -26.54 -0.27
C GLU B 363 -48.69 -27.08 -0.58
N GLU B 364 -48.79 -27.96 -1.57
CA GLU B 364 -50.10 -28.55 -1.94
C GLU B 364 -50.62 -29.56 -0.91
N VAL B 365 -49.80 -30.54 -0.56
CA VAL B 365 -50.19 -31.56 0.42
C VAL B 365 -50.64 -30.89 1.73
N GLY B 366 -50.00 -29.79 2.07
CA GLY B 366 -50.32 -29.09 3.30
C GLY B 366 -51.58 -28.27 3.23
N SER B 367 -51.66 -27.35 2.27
CA SER B 367 -52.81 -26.48 2.12
C SER B 367 -54.15 -27.20 2.27
N GLN B 368 -54.22 -28.41 1.73
CA GLN B 368 -55.46 -29.19 1.81
C GLN B 368 -55.57 -29.85 3.18
N ALA B 369 -54.50 -30.51 3.62
CA ALA B 369 -54.51 -31.17 4.92
C ALA B 369 -54.83 -30.19 6.05
N LEU B 370 -54.91 -28.91 5.71
CA LEU B 370 -55.21 -27.87 6.68
C LEU B 370 -56.65 -27.40 6.48
N ALA B 371 -57.00 -27.10 5.24
CA ALA B 371 -58.34 -26.63 4.90
C ALA B 371 -59.38 -27.75 5.04
N ALA B 372 -59.30 -28.76 4.18
CA ALA B 372 -60.23 -29.88 4.24
C ALA B 372 -59.79 -30.86 5.33
N GLY B 373 -58.75 -31.63 5.04
CA GLY B 373 -58.24 -32.62 5.98
C GLY B 373 -58.13 -33.89 5.18
N SER B 374 -58.31 -33.74 3.88
CA SER B 374 -58.28 -34.83 2.92
C SER B 374 -57.10 -34.77 1.93
N TYR B 375 -57.36 -35.20 0.70
CA TYR B 375 -56.38 -35.21 -0.37
C TYR B 375 -57.00 -35.61 -1.71
N ASN B 376 -57.43 -34.61 -2.47
CA ASN B 376 -58.03 -34.85 -3.77
C ASN B 376 -56.91 -35.35 -4.68
N PRO B 377 -57.04 -36.58 -5.22
CA PRO B 377 -56.02 -37.13 -6.11
C PRO B 377 -55.97 -36.41 -7.45
N PRO B 378 -54.81 -36.42 -8.13
CA PRO B 378 -54.69 -35.74 -9.42
C PRO B 378 -55.82 -36.17 -10.34
N SER B 379 -56.24 -37.42 -10.18
CA SER B 379 -57.33 -38.01 -10.98
C SER B 379 -58.59 -37.16 -10.87
N THR B 380 -59.08 -37.01 -9.64
CA THR B 380 -60.30 -36.24 -9.39
C THR B 380 -60.11 -34.73 -9.43
N VAL B 381 -58.92 -34.26 -9.07
CA VAL B 381 -58.65 -32.83 -9.09
C VAL B 381 -58.88 -32.38 -10.53
N LEU B 382 -58.58 -33.29 -11.45
CA LEU B 382 -58.77 -33.03 -12.87
C LEU B 382 -60.26 -33.26 -13.13
N GLN B 383 -60.74 -34.41 -12.67
CA GLN B 383 -62.14 -34.79 -12.84
C GLN B 383 -62.98 -33.58 -12.45
N GLN B 384 -62.48 -32.76 -11.53
CA GLN B 384 -63.21 -31.58 -11.08
C GLN B 384 -63.04 -30.39 -12.02
N ILE B 385 -61.82 -30.17 -12.50
CA ILE B 385 -61.58 -29.06 -13.41
C ILE B 385 -62.37 -29.40 -14.69
N ASP B 386 -62.32 -30.67 -15.10
CA ASP B 386 -63.04 -31.15 -16.28
C ASP B 386 -64.53 -31.11 -15.98
N ALA B 387 -64.88 -31.56 -14.78
CA ALA B 387 -66.27 -31.62 -14.31
C ALA B 387 -67.16 -30.49 -14.81
N VAL B 388 -66.57 -29.32 -15.04
CA VAL B 388 -67.37 -28.18 -15.50
C VAL B 388 -66.70 -27.49 -16.69
N ALA B 389 -67.39 -26.47 -17.23
CA ALA B 389 -66.90 -25.70 -18.37
C ALA B 389 -67.99 -24.89 -19.08
N ASP B 390 -67.56 -24.14 -20.08
CA ASP B 390 -68.37 -23.25 -20.95
C ASP B 390 -69.64 -22.64 -20.38
N ALA B 391 -70.54 -23.50 -19.92
CA ALA B 391 -71.79 -23.05 -19.33
C ALA B 391 -71.44 -22.34 -18.01
N ASP B 392 -70.20 -21.89 -17.90
CA ASP B 392 -69.77 -21.24 -16.70
C ASP B 392 -68.82 -20.08 -17.00
N VAL B 393 -67.83 -20.36 -17.83
CA VAL B 393 -66.84 -19.36 -18.22
C VAL B 393 -67.54 -18.11 -18.73
N ILE B 394 -68.43 -18.29 -19.68
CA ILE B 394 -69.16 -17.17 -20.27
C ILE B 394 -69.82 -16.40 -19.13
N LYS B 395 -70.34 -17.17 -18.18
CA LYS B 395 -71.06 -16.65 -17.03
C LYS B 395 -70.18 -15.97 -15.97
N ALA B 396 -69.04 -16.57 -15.66
CA ALA B 396 -68.13 -16.01 -14.67
C ALA B 396 -67.83 -14.56 -15.04
N ALA B 397 -67.53 -14.35 -16.31
CA ALA B 397 -67.22 -13.02 -16.81
C ALA B 397 -68.37 -12.06 -16.55
N LYS B 398 -69.59 -12.54 -16.77
CA LYS B 398 -70.76 -11.71 -16.55
C LYS B 398 -70.71 -11.16 -15.13
N LYS B 399 -70.62 -12.06 -14.15
CA LYS B 399 -70.56 -11.68 -12.75
C LYS B 399 -69.60 -10.50 -12.63
N PHE B 400 -68.46 -10.60 -13.30
CA PHE B 400 -67.46 -9.54 -13.28
C PHE B 400 -68.06 -8.22 -13.74
N VAL B 401 -68.36 -8.15 -15.03
CA VAL B 401 -68.91 -6.94 -15.64
C VAL B 401 -70.02 -6.26 -14.84
N SER B 402 -70.98 -7.05 -14.36
CA SER B 402 -72.12 -6.54 -13.61
C SER B 402 -71.79 -6.05 -12.20
N ARG B 403 -71.21 -6.94 -11.38
CA ARG B 403 -70.87 -6.61 -10.01
C ARG B 403 -70.11 -5.31 -9.81
N GLN B 404 -69.99 -4.88 -8.56
CA GLN B 404 -69.28 -3.66 -8.26
C GLN B 404 -67.80 -3.97 -8.30
N LYS B 405 -67.02 -3.00 -8.79
CA LYS B 405 -65.58 -3.19 -8.93
C LYS B 405 -64.79 -2.26 -8.04
N SER B 406 -63.55 -2.63 -7.76
CA SER B 406 -62.64 -1.84 -6.95
C SER B 406 -61.26 -1.90 -7.62
N MET B 407 -60.71 -0.73 -7.90
CA MET B 407 -59.42 -0.63 -8.57
C MET B 407 -58.28 -0.15 -7.66
N ALA B 408 -57.06 -0.27 -8.14
CA ALA B 408 -55.85 0.16 -7.44
C ALA B 408 -54.83 0.56 -8.51
N ALA B 409 -53.89 1.43 -8.20
CA ALA B 409 -52.91 1.82 -9.22
C ALA B 409 -51.68 2.54 -8.68
N SER B 410 -50.57 2.43 -9.41
CA SER B 410 -49.31 3.08 -9.05
C SER B 410 -48.70 3.69 -10.29
N GLY B 411 -47.97 4.79 -10.14
CA GLY B 411 -47.35 5.40 -11.30
C GLY B 411 -47.77 6.81 -11.56
N ASN B 412 -47.46 7.30 -12.76
CA ASN B 412 -47.79 8.66 -13.14
C ASN B 412 -49.32 8.82 -13.00
N LEU B 413 -50.07 7.99 -13.69
CA LEU B 413 -51.54 8.00 -13.59
C LEU B 413 -52.30 9.08 -14.35
N GLY B 414 -51.72 10.28 -14.46
CA GLY B 414 -52.39 11.39 -15.13
C GLY B 414 -53.23 11.09 -16.35
N HIS B 415 -52.89 10.03 -17.06
CA HIS B 415 -53.60 9.67 -18.27
C HIS B 415 -54.51 8.45 -17.98
N THR B 416 -54.40 7.94 -16.76
CA THR B 416 -55.17 6.78 -16.29
C THR B 416 -56.56 7.18 -15.80
N PRO B 417 -57.58 6.34 -16.09
CA PRO B 417 -58.98 6.56 -15.69
C PRO B 417 -59.31 6.03 -14.28
N PHE B 418 -60.51 6.35 -13.81
CA PHE B 418 -61.03 5.91 -12.51
C PHE B 418 -62.17 4.95 -12.80
N VAL B 419 -62.52 4.08 -11.85
CA VAL B 419 -63.61 3.14 -12.08
C VAL B 419 -64.89 3.82 -12.55
N ASP B 420 -65.14 5.05 -12.11
CA ASP B 420 -66.35 5.74 -12.51
C ASP B 420 -66.33 6.05 -14.01
N GLU B 421 -65.19 5.82 -14.65
CA GLU B 421 -65.05 6.04 -16.09
C GLU B 421 -64.88 4.66 -16.72
N LEU B 422 -64.99 3.65 -15.86
CA LEU B 422 -64.83 2.24 -16.21
C LEU B 422 -63.44 1.86 -16.68
N ALA C 2 -13.63 -2.98 16.54
CA ALA C 2 -13.49 -2.93 15.05
C ALA C 2 -12.60 -4.06 14.49
N PRO C 3 -12.81 -4.40 13.21
CA PRO C 3 -12.10 -5.45 12.46
C PRO C 3 -10.60 -5.27 12.25
N ASN C 4 -10.24 -4.24 11.49
CA ASN C 4 -8.84 -3.94 11.15
C ASN C 4 -7.88 -4.01 12.34
N ILE C 5 -8.32 -3.52 13.50
CA ILE C 5 -7.48 -3.56 14.71
C ILE C 5 -6.16 -2.83 14.47
N ARG C 6 -6.14 -2.04 13.40
CA ARG C 6 -4.98 -1.24 13.02
C ARG C 6 -5.49 0.17 12.84
N LYS C 7 -6.81 0.30 12.77
CA LYS C 7 -7.47 1.58 12.61
C LYS C 7 -8.34 1.90 13.84
N SER C 8 -8.25 1.05 14.85
CA SER C 8 -9.02 1.21 16.09
C SER C 8 -8.15 1.58 17.29
N HIS C 9 -6.96 0.99 17.36
CA HIS C 9 -5.98 1.21 18.42
C HIS C 9 -5.49 2.67 18.47
N PRO C 10 -5.66 3.37 19.61
CA PRO C 10 -5.24 4.77 19.77
C PRO C 10 -3.86 5.17 19.22
N LEU C 11 -2.91 4.24 19.22
CA LEU C 11 -1.58 4.56 18.70
C LEU C 11 -1.36 4.12 17.26
N LEU C 12 -1.67 2.87 16.94
CA LEU C 12 -1.48 2.42 15.57
C LEU C 12 -2.27 3.33 14.63
N LYS C 13 -3.49 3.65 15.05
CA LYS C 13 -4.38 4.52 14.26
C LYS C 13 -3.63 5.80 13.92
N MET C 14 -2.71 6.22 14.78
CA MET C 14 -1.94 7.41 14.51
C MET C 14 -0.97 7.11 13.39
N ILE C 15 -0.36 5.94 13.41
CA ILE C 15 0.60 5.57 12.37
C ILE C 15 -0.11 5.22 11.07
N ASN C 16 -1.11 4.35 11.15
CA ASN C 16 -1.84 3.93 9.95
C ASN C 16 -2.53 5.12 9.31
N ASN C 17 -2.48 6.29 9.95
CA ASN C 17 -3.09 7.47 9.35
C ASN C 17 -2.04 8.48 8.94
N SER C 18 -0.78 8.11 9.06
CA SER C 18 0.29 9.03 8.71
C SER C 18 1.40 8.43 7.86
N LEU C 19 1.37 7.11 7.69
CA LEU C 19 2.38 6.46 6.90
C LEU C 19 1.77 5.31 6.14
N ILE C 20 0.45 5.21 6.20
CA ILE C 20 -0.32 4.16 5.53
C ILE C 20 -1.72 4.73 5.41
N ASP C 21 -2.52 4.26 4.46
CA ASP C 21 -3.88 4.79 4.33
C ASP C 21 -3.97 6.30 4.20
N LEU C 22 -2.84 6.99 4.33
CA LEU C 22 -2.80 8.44 4.21
C LEU C 22 -2.90 8.81 2.74
N PRO C 23 -3.90 9.60 2.39
CA PRO C 23 -4.15 10.06 1.03
C PRO C 23 -3.06 11.02 0.52
N ALA C 24 -2.30 10.57 -0.46
CA ALA C 24 -1.26 11.38 -1.04
C ALA C 24 -1.58 11.49 -2.51
N PRO C 25 -1.29 12.64 -3.14
CA PRO C 25 -1.58 12.79 -4.57
C PRO C 25 -0.72 11.78 -5.30
N SER C 26 -1.12 11.42 -6.52
CA SER C 26 -0.34 10.45 -7.27
C SER C 26 0.83 11.06 -8.00
N ASN C 27 0.63 12.27 -8.49
CA ASN C 27 1.66 12.97 -9.26
C ASN C 27 2.73 13.67 -8.44
N ILE C 28 2.88 13.30 -7.18
CA ILE C 28 3.88 13.95 -6.36
C ILE C 28 5.22 13.78 -7.02
N SER C 29 5.93 14.88 -7.07
CA SER C 29 7.26 14.99 -7.68
C SER C 29 8.32 14.48 -6.72
N ALA C 30 9.54 14.38 -7.21
CA ALA C 30 10.66 13.91 -6.40
C ALA C 30 11.10 14.99 -5.44
N TRP C 31 10.63 16.20 -5.66
CA TRP C 31 11.02 17.29 -4.78
C TRP C 31 10.36 17.09 -3.43
N TRP C 32 9.29 16.33 -3.41
CA TRP C 32 8.61 16.06 -2.15
C TRP C 32 9.36 15.06 -1.25
N ASN C 33 10.44 14.49 -1.75
CA ASN C 33 11.22 13.55 -0.97
C ASN C 33 12.07 14.20 0.11
N PHE C 34 12.06 15.51 0.21
CA PHE C 34 12.91 16.11 1.20
C PHE C 34 12.36 16.23 2.60
N GLY C 35 11.05 16.25 2.75
CA GLY C 35 10.49 16.30 4.09
C GLY C 35 10.96 15.04 4.78
N SER C 36 10.76 13.93 4.10
CA SER C 36 11.16 12.61 4.56
C SER C 36 12.62 12.75 4.99
N LEU C 37 13.50 12.88 4.02
CA LEU C 37 14.93 13.05 4.31
C LEU C 37 15.18 13.98 5.49
N LEU C 38 14.58 15.16 5.49
CA LEU C 38 14.79 16.08 6.59
C LEU C 38 14.54 15.43 7.91
N ALA C 39 13.47 14.64 8.00
CA ALA C 39 13.11 13.94 9.23
C ALA C 39 14.14 12.89 9.60
N VAL C 40 14.46 12.00 8.68
CA VAL C 40 15.45 10.97 8.96
C VAL C 40 16.79 11.63 9.16
N CYS C 41 16.96 12.80 8.56
CA CYS C 41 18.22 13.52 8.70
C CYS C 41 18.34 13.86 10.19
N LEU C 42 17.22 14.24 10.79
CA LEU C 42 17.15 14.58 12.19
C LEU C 42 17.38 13.42 13.12
N MET C 43 16.73 12.29 12.84
CA MET C 43 16.89 11.09 13.65
C MET C 43 18.37 10.79 13.71
N THR C 44 19.01 10.86 12.55
CA THR C 44 20.43 10.59 12.41
C THR C 44 21.33 11.49 13.25
N GLN C 45 21.08 12.79 13.20
CA GLN C 45 21.88 13.73 13.96
C GLN C 45 21.75 13.40 15.43
N ILE C 46 20.52 13.46 15.92
CA ILE C 46 20.23 13.16 17.32
C ILE C 46 20.91 11.88 17.77
N LEU C 47 20.93 10.87 16.90
CA LEU C 47 21.57 9.63 17.26
C LEU C 47 23.04 9.93 17.35
N THR C 48 23.75 9.98 16.21
CA THR C 48 25.20 10.26 16.22
C THR C 48 25.62 11.30 17.25
N GLY C 49 24.81 12.33 17.41
CA GLY C 49 25.14 13.35 18.37
C GLY C 49 25.20 12.81 19.78
N LEU C 50 24.09 12.21 20.20
CA LEU C 50 23.94 11.64 21.53
C LEU C 50 25.14 10.76 21.79
N LEU C 51 25.33 9.80 20.91
CA LEU C 51 26.45 8.85 20.96
C LEU C 51 27.83 9.56 21.00
N LEU C 52 27.89 10.76 20.46
CA LEU C 52 29.11 11.54 20.39
C LEU C 52 29.25 12.38 21.66
N ALA C 53 28.12 12.82 22.18
CA ALA C 53 28.11 13.63 23.40
C ALA C 53 28.61 12.79 24.54
N MET C 54 28.44 11.48 24.43
CA MET C 54 28.89 10.56 25.48
C MET C 54 30.39 10.49 25.65
N HIS C 55 31.15 11.26 24.88
CA HIS C 55 32.58 11.22 25.01
C HIS C 55 33.17 12.63 25.09
N TYR C 56 32.30 13.63 25.05
CA TYR C 56 32.70 15.03 25.06
C TYR C 56 32.79 15.63 26.44
N THR C 57 33.66 16.64 26.60
CA THR C 57 33.75 17.35 27.88
C THR C 57 33.57 18.80 27.51
N ALA C 58 32.69 19.51 28.19
CA ALA C 58 32.47 20.89 27.85
C ALA C 58 33.23 21.82 28.76
N ASP C 59 34.53 21.94 28.53
CA ASP C 59 35.32 22.84 29.35
C ASP C 59 36.53 23.33 28.57
N THR C 60 36.68 24.65 28.53
CA THR C 60 37.79 25.28 27.84
C THR C 60 39.06 24.42 27.76
N SER C 61 39.41 23.78 28.88
CA SER C 61 40.61 22.97 28.93
C SER C 61 40.50 21.53 28.46
N LEU C 62 39.30 21.04 28.19
CA LEU C 62 39.18 19.66 27.74
C LEU C 62 38.43 19.51 26.43
N ALA C 63 37.65 20.51 26.05
CA ALA C 63 36.87 20.43 24.81
C ALA C 63 37.64 19.90 23.60
N PHE C 64 38.46 20.76 23.01
CA PHE C 64 39.25 20.41 21.84
C PHE C 64 39.81 18.99 21.87
N SER C 65 40.44 18.60 22.97
CA SER C 65 41.03 17.27 23.04
C SER C 65 40.02 16.15 23.28
N SER C 66 38.90 16.46 23.93
CA SER C 66 37.89 15.44 24.18
C SER C 66 37.39 14.94 22.84
N VAL C 67 37.29 15.86 21.90
CA VAL C 67 36.84 15.57 20.55
C VAL C 67 37.94 14.77 19.87
N ALA C 68 39.17 15.27 20.01
CA ALA C 68 40.30 14.61 19.38
C ALA C 68 40.40 13.21 19.91
N HIS C 69 40.31 13.07 21.23
CA HIS C 69 40.40 11.78 21.86
C HIS C 69 39.30 10.89 21.30
N THR C 70 38.09 11.42 21.21
CA THR C 70 36.96 10.65 20.68
C THR C 70 37.32 10.07 19.33
N CYS C 71 38.12 10.79 18.54
CA CYS C 71 38.48 10.33 17.21
C CYS C 71 39.63 9.35 17.15
N ARG C 72 40.57 9.51 18.06
CA ARG C 72 41.74 8.65 18.09
C ARG C 72 41.58 7.42 18.97
N ASN C 73 40.74 7.54 20.01
CA ASN C 73 40.53 6.47 20.97
C ASN C 73 39.21 5.70 20.95
N VAL C 74 38.10 6.42 20.87
CA VAL C 74 36.79 5.78 20.86
C VAL C 74 36.59 4.96 19.62
N GLN C 75 36.34 3.67 19.79
CA GLN C 75 36.15 2.81 18.63
C GLN C 75 35.11 3.39 17.70
N TYR C 76 35.43 3.38 16.41
CA TYR C 76 34.57 3.96 15.38
C TYR C 76 34.19 5.39 15.70
N GLY C 77 34.89 5.96 16.67
CA GLY C 77 34.65 7.34 17.05
C GLY C 77 34.81 8.22 15.84
N TRP C 78 35.92 8.08 15.11
CA TRP C 78 36.15 8.89 13.92
C TRP C 78 34.96 8.94 12.96
N LEU C 79 34.40 7.77 12.66
CA LEU C 79 33.26 7.68 11.77
C LEU C 79 32.08 8.47 12.31
N ILE C 80 31.76 8.24 13.57
CA ILE C 80 30.64 8.93 14.20
C ILE C 80 30.82 10.43 14.10
N ARG C 81 31.98 10.97 14.45
CA ARG C 81 32.16 12.40 14.34
C ARG C 81 31.88 12.81 12.91
N ASN C 82 32.58 12.20 11.97
CA ASN C 82 32.38 12.55 10.56
C ASN C 82 30.91 12.59 10.19
N LEU C 83 30.23 11.47 10.32
CA LEU C 83 28.81 11.46 9.99
C LEU C 83 28.07 12.67 10.58
N HIS C 84 28.29 12.92 11.86
CA HIS C 84 27.62 14.02 12.54
C HIS C 84 27.98 15.34 11.88
N ALA C 85 29.26 15.61 11.69
CA ALA C 85 29.66 16.86 11.07
C ALA C 85 29.10 17.01 9.68
N ASN C 86 29.43 16.08 8.80
CA ASN C 86 28.94 16.12 7.44
C ASN C 86 27.42 16.08 7.42
N GLY C 87 26.84 15.36 8.36
CA GLY C 87 25.40 15.28 8.41
C GLY C 87 24.77 16.66 8.53
N ALA C 88 25.41 17.52 9.30
CA ALA C 88 24.92 18.86 9.49
C ALA C 88 24.62 19.46 8.12
N SER C 89 25.54 19.25 7.18
CA SER C 89 25.38 19.76 5.83
C SER C 89 24.27 19.04 5.08
N PHE C 90 24.30 17.71 5.05
CA PHE C 90 23.24 16.99 4.37
C PHE C 90 21.98 17.67 4.85
N PHE C 91 21.93 17.96 6.15
CA PHE C 91 20.75 18.57 6.73
C PHE C 91 20.40 19.85 6.03
N PHE C 92 21.31 20.83 6.00
CA PHE C 92 21.00 22.09 5.31
C PHE C 92 20.74 21.96 3.80
N ILE C 93 21.54 21.17 3.09
CA ILE C 93 21.28 21.03 1.67
C ILE C 93 19.81 20.63 1.51
N CYS C 94 19.37 19.68 2.30
CA CYS C 94 17.98 19.24 2.19
C CYS C 94 17.01 20.33 2.58
N ILE C 95 17.23 20.96 3.73
CA ILE C 95 16.30 21.98 4.16
C ILE C 95 16.22 23.08 3.15
N PHE C 96 17.29 23.29 2.41
CA PHE C 96 17.25 24.35 1.39
C PHE C 96 16.47 23.93 0.12
N LEU C 97 16.52 22.64 -0.22
CA LEU C 97 15.78 22.13 -1.37
C LEU C 97 14.31 21.99 -0.93
N HIS C 98 14.10 21.83 0.36
CA HIS C 98 12.75 21.67 0.88
C HIS C 98 12.07 23.04 0.78
N ILE C 99 12.79 24.10 1.17
CA ILE C 99 12.22 25.43 1.09
C ILE C 99 11.87 25.61 -0.37
N GLY C 100 12.88 25.57 -1.22
CA GLY C 100 12.70 25.73 -2.64
C GLY C 100 11.42 25.15 -3.18
N ARG C 101 11.28 23.84 -3.14
CA ARG C 101 10.09 23.16 -3.63
C ARG C 101 8.84 23.89 -3.20
N GLY C 102 8.79 24.33 -1.95
CA GLY C 102 7.60 25.00 -1.48
C GLY C 102 7.39 26.37 -2.06
N LEU C 103 8.51 27.07 -2.24
CA LEU C 103 8.50 28.42 -2.78
C LEU C 103 7.97 28.36 -4.19
N TYR C 104 8.24 27.27 -4.91
CA TYR C 104 7.73 27.23 -6.25
C TYR C 104 6.70 26.23 -6.66
N TYR C 105 5.82 25.94 -5.73
CA TYR C 105 4.69 25.07 -5.94
C TYR C 105 3.69 25.71 -5.02
N GLY C 106 4.08 26.88 -4.55
CA GLY C 106 3.27 27.68 -3.67
C GLY C 106 2.83 26.89 -2.47
N SER C 107 3.62 25.89 -2.10
CA SER C 107 3.26 25.07 -0.97
C SER C 107 3.00 25.98 0.20
N TYR C 108 3.68 27.12 0.20
CA TYR C 108 3.55 28.09 1.27
C TYR C 108 2.14 28.61 1.43
N LEU C 109 1.26 28.32 0.48
CA LEU C 109 -0.08 28.84 0.67
C LEU C 109 -0.73 28.16 1.86
N TYR C 110 -0.18 27.02 2.26
CA TYR C 110 -0.65 26.32 3.45
C TYR C 110 0.09 27.08 4.54
N LYS C 111 -0.39 28.27 4.87
CA LYS C 111 0.28 29.11 5.84
C LYS C 111 0.85 28.49 7.11
N GLU C 112 -0.03 27.98 7.96
CA GLU C 112 0.35 27.39 9.24
C GLU C 112 1.42 26.32 9.09
N THR C 113 1.24 25.42 8.14
CA THR C 113 2.26 24.40 7.97
C THR C 113 3.55 25.00 7.48
N TRP C 114 3.47 26.12 6.77
CA TRP C 114 4.65 26.83 6.29
C TRP C 114 5.33 27.68 7.37
N ASN C 115 4.54 28.43 8.17
CA ASN C 115 5.10 29.26 9.24
C ASN C 115 5.94 28.43 10.22
N THR C 116 5.42 27.28 10.64
CA THR C 116 6.15 26.39 11.55
C THR C 116 7.46 25.99 10.85
N GLY C 117 7.37 25.75 9.55
CA GLY C 117 8.55 25.40 8.82
C GLY C 117 9.61 26.47 8.95
N VAL C 118 9.20 27.73 8.96
CA VAL C 118 10.19 28.79 9.11
C VAL C 118 10.79 28.62 10.50
N ILE C 119 9.94 28.39 11.49
CA ILE C 119 10.44 28.17 12.83
C ILE C 119 11.40 26.98 12.86
N LEU C 120 11.13 25.97 12.03
CA LEU C 120 12.05 24.85 11.98
C LEU C 120 13.43 25.31 11.49
N LEU C 121 13.45 26.08 10.42
CA LEU C 121 14.71 26.60 9.87
C LEU C 121 15.45 27.43 10.89
N LEU C 122 14.78 28.37 11.53
CA LEU C 122 15.47 29.17 12.52
C LEU C 122 16.06 28.26 13.58
N THR C 123 15.25 27.38 14.12
CA THR C 123 15.72 26.47 15.15
C THR C 123 16.91 25.65 14.66
N LEU C 124 16.76 24.94 13.54
CA LEU C 124 17.84 24.13 12.98
C LEU C 124 19.12 24.94 12.82
N MET C 125 18.97 26.23 12.53
CA MET C 125 20.16 27.06 12.42
C MET C 125 20.79 27.13 13.81
N ALA C 126 20.17 27.90 14.69
CA ALA C 126 20.66 28.06 16.05
C ALA C 126 21.36 26.82 16.57
N THR C 127 20.70 25.67 16.48
CA THR C 127 21.29 24.47 16.99
C THR C 127 22.61 24.17 16.29
N ALA C 128 22.73 24.56 15.02
CA ALA C 128 23.96 24.30 14.27
C ALA C 128 25.03 25.38 14.46
N PHE C 129 24.64 26.53 15.00
CA PHE C 129 25.64 27.57 15.24
C PHE C 129 26.23 27.16 16.54
N VAL C 130 25.37 27.02 17.53
CA VAL C 130 25.78 26.57 18.84
C VAL C 130 25.85 25.07 18.70
N GLY C 131 27.02 24.59 18.35
CA GLY C 131 27.22 23.17 18.16
C GLY C 131 28.55 23.08 17.47
N TYR C 132 28.85 24.13 16.73
CA TYR C 132 30.11 24.24 16.01
C TYR C 132 31.15 24.83 16.97
N VAL C 133 30.71 25.47 18.04
CA VAL C 133 31.66 26.02 18.97
C VAL C 133 32.28 24.87 19.76
N LEU C 134 31.44 23.94 20.15
CA LEU C 134 31.85 22.79 20.93
C LEU C 134 33.26 22.25 20.72
N PRO C 135 33.68 22.02 19.47
CA PRO C 135 35.03 21.50 19.25
C PRO C 135 36.10 22.47 19.69
N TRP C 136 35.67 23.69 19.93
CA TRP C 136 36.55 24.77 20.36
C TRP C 136 37.88 24.85 19.63
N GLY C 137 37.78 25.26 18.37
CA GLY C 137 38.96 25.44 17.55
C GLY C 137 38.97 26.92 17.24
N GLN C 138 39.94 27.38 16.49
CA GLN C 138 40.02 28.79 16.17
C GLN C 138 38.72 29.36 15.62
N MET C 139 38.15 28.71 14.62
CA MET C 139 36.92 29.23 14.07
C MET C 139 35.78 29.10 15.05
N SER C 140 35.74 28.00 15.78
CA SER C 140 34.67 27.80 16.74
C SER C 140 34.65 29.03 17.63
N PHE C 141 35.81 29.34 18.19
CA PHE C 141 35.92 30.47 19.08
C PHE C 141 35.67 31.82 18.42
N TRP C 142 36.44 32.12 17.39
CA TRP C 142 36.32 33.40 16.72
C TRP C 142 34.99 33.59 16.07
N GLY C 143 34.43 32.52 15.54
CA GLY C 143 33.11 32.62 14.94
C GLY C 143 32.12 33.03 16.02
N ALA C 144 32.20 32.35 17.14
CA ALA C 144 31.32 32.64 18.26
C ALA C 144 31.47 34.10 18.72
N THR C 145 32.72 34.55 18.85
CA THR C 145 32.99 35.92 19.29
C THR C 145 32.54 37.02 18.35
N VAL C 146 32.72 36.83 17.07
CA VAL C 146 32.27 37.83 16.12
C VAL C 146 30.76 37.81 15.91
N ILE C 147 30.19 36.66 15.59
CA ILE C 147 28.75 36.53 15.35
C ILE C 147 27.90 36.86 16.56
N THR C 148 28.33 36.48 17.76
CA THR C 148 27.54 36.79 18.94
C THR C 148 27.60 38.29 19.24
N ASN C 149 28.79 38.87 19.17
CA ASN C 149 28.99 40.28 19.43
C ASN C 149 28.09 41.14 18.55
N LEU C 150 27.62 40.59 17.43
CA LEU C 150 26.75 41.36 16.56
C LEU C 150 25.61 42.05 17.29
N PHE C 151 24.88 41.32 18.12
CA PHE C 151 23.77 41.91 18.86
C PHE C 151 24.18 43.29 19.39
N SER C 152 25.47 43.49 19.64
CA SER C 152 25.97 44.75 20.18
C SER C 152 25.40 45.99 19.53
N ALA C 153 25.00 45.85 18.26
CA ALA C 153 24.42 46.95 17.51
C ALA C 153 23.07 47.33 18.07
N ILE C 154 22.29 46.34 18.47
CA ILE C 154 20.99 46.61 19.05
C ILE C 154 21.21 47.71 20.07
N PRO C 155 20.69 48.91 19.79
CA PRO C 155 20.85 50.03 20.71
C PRO C 155 20.34 49.78 22.13
N TYR C 156 20.96 50.48 23.09
CA TYR C 156 20.56 50.39 24.48
C TYR C 156 20.70 48.99 25.09
N ILE C 157 19.61 48.23 25.10
CA ILE C 157 19.63 46.88 25.67
C ILE C 157 20.51 45.95 24.83
N GLY C 158 21.55 46.51 24.22
CA GLY C 158 22.43 45.70 23.40
C GLY C 158 23.54 44.98 24.12
N HIS C 159 24.65 45.69 24.32
CA HIS C 159 25.81 45.15 25.00
C HIS C 159 25.44 44.26 26.15
N THR C 160 24.46 44.69 26.92
CA THR C 160 24.02 43.91 28.08
C THR C 160 23.46 42.53 27.73
N LEU C 161 23.00 42.36 26.50
CA LEU C 161 22.49 41.07 26.08
C LEU C 161 23.64 40.14 25.79
N VAL C 162 24.50 40.53 24.87
CA VAL C 162 25.64 39.71 24.52
C VAL C 162 26.38 39.39 25.80
N GLU C 163 26.59 40.44 26.59
CA GLU C 163 27.34 40.36 27.83
C GLU C 163 26.69 39.42 28.86
N TRP C 164 25.49 38.95 28.55
CA TRP C 164 24.81 38.02 29.43
C TRP C 164 24.67 36.72 28.65
N ALA C 165 24.39 36.88 27.36
CA ALA C 165 24.23 35.75 26.46
C ALA C 165 25.28 34.74 26.80
N TRP C 166 26.52 35.07 26.48
CA TRP C 166 27.61 34.17 26.78
C TRP C 166 28.01 34.38 28.24
N GLY C 167 29.04 33.67 28.67
CA GLY C 167 29.50 33.77 30.03
C GLY C 167 29.33 35.12 30.70
N GLY C 168 30.43 35.86 30.76
CA GLY C 168 30.42 37.19 31.35
C GLY C 168 30.92 38.28 30.42
N PHE C 169 32.21 38.33 30.17
CA PHE C 169 32.78 39.38 29.33
C PHE C 169 33.25 39.03 27.92
N SER C 170 33.33 37.75 27.60
CA SER C 170 33.77 37.32 26.28
C SER C 170 33.65 35.83 26.16
N VAL C 171 33.45 35.33 24.95
CA VAL C 171 33.29 33.90 24.76
C VAL C 171 34.37 33.15 25.52
N ASP C 172 34.02 32.62 26.67
CA ASP C 172 34.98 31.85 27.47
C ASP C 172 34.21 30.69 28.06
N ASN C 173 34.82 29.93 28.93
CA ASN C 173 34.17 28.75 29.47
C ASN C 173 32.66 28.79 29.77
N PRO C 174 32.20 29.76 30.54
CA PRO C 174 30.77 29.85 30.87
C PRO C 174 29.81 29.90 29.70
N THR C 175 30.32 29.92 28.49
CA THR C 175 29.44 29.98 27.35
C THR C 175 29.54 28.69 26.55
N LEU C 176 30.68 28.02 26.66
CA LEU C 176 30.88 26.76 25.98
C LEU C 176 29.86 25.85 26.61
N THR C 177 29.76 25.92 27.93
CA THR C 177 28.80 25.09 28.66
C THR C 177 27.39 25.35 28.20
N ARG C 178 26.90 26.58 28.38
CA ARG C 178 25.54 26.88 27.96
C ARG C 178 25.32 26.60 26.49
N PHE C 179 26.39 26.65 25.69
CA PHE C 179 26.22 26.35 24.28
C PHE C 179 26.02 24.85 24.18
N PHE C 180 26.90 24.08 24.81
CA PHE C 180 26.76 22.64 24.78
C PHE C 180 25.34 22.25 25.19
N ALA C 181 24.90 22.76 26.34
CA ALA C 181 23.55 22.48 26.81
C ALA C 181 22.53 22.82 25.72
N LEU C 182 22.53 24.06 25.27
CA LEU C 182 21.63 24.51 24.23
C LEU C 182 21.64 23.57 23.04
N HIS C 183 22.85 23.15 22.65
CA HIS C 183 22.99 22.27 21.51
C HIS C 183 22.28 20.95 21.78
N PHE C 184 22.41 20.43 22.99
CA PHE C 184 21.79 19.18 23.36
C PHE C 184 20.25 19.33 23.39
N LEU C 185 19.77 20.45 23.88
CA LEU C 185 18.33 20.67 23.95
C LEU C 185 17.59 20.93 22.64
N LEU C 186 17.92 22.01 21.94
CA LEU C 186 17.26 22.36 20.69
C LEU C 186 16.85 21.25 19.70
N PRO C 187 17.73 20.29 19.41
CA PRO C 187 17.33 19.23 18.46
C PRO C 187 16.03 18.55 18.89
N PHE C 188 15.87 18.29 20.18
CA PHE C 188 14.64 17.68 20.62
C PHE C 188 13.46 18.64 20.40
N ALA C 189 13.72 19.92 20.49
CA ALA C 189 12.64 20.88 20.24
C ALA C 189 12.35 20.83 18.75
N ILE C 190 13.36 20.55 17.92
CA ILE C 190 13.11 20.51 16.50
C ILE C 190 12.10 19.41 16.22
N ALA C 191 12.41 18.23 16.74
CA ALA C 191 11.56 17.05 16.60
C ALA C 191 10.16 17.37 17.13
N GLY C 192 10.10 18.01 18.28
CA GLY C 192 8.81 18.38 18.83
C GLY C 192 8.02 19.13 17.76
N ILE C 193 8.52 20.31 17.40
CA ILE C 193 7.88 21.12 16.39
C ILE C 193 7.64 20.37 15.09
N THR C 194 8.63 19.62 14.63
CA THR C 194 8.44 18.85 13.41
C THR C 194 7.13 18.10 13.46
N ILE C 195 6.64 17.75 14.65
CA ILE C 195 5.39 17.02 14.74
C ILE C 195 4.27 17.98 14.39
N ILE C 196 4.31 19.16 15.01
CA ILE C 196 3.30 20.19 14.74
C ILE C 196 3.24 20.51 13.23
N HIS C 197 4.41 20.60 12.62
CA HIS C 197 4.55 20.88 11.20
C HIS C 197 3.63 19.91 10.46
N LEU C 198 3.96 18.62 10.51
CA LEU C 198 3.18 17.57 9.85
C LEU C 198 1.71 17.53 10.23
N THR C 199 1.40 18.00 11.43
CA THR C 199 0.02 18.04 11.84
C THR C 199 -0.70 18.99 10.91
N PHE C 200 -0.34 20.26 11.00
CA PHE C 200 -0.91 21.29 10.14
C PHE C 200 -0.92 20.81 8.71
N LEU C 201 0.17 20.18 8.28
CA LEU C 201 0.20 19.70 6.92
C LEU C 201 -1.04 18.85 6.75
N HIS C 202 -1.02 17.66 7.35
CA HIS C 202 -2.13 16.72 7.26
C HIS C 202 -3.53 17.28 7.30
N GLU C 203 -3.69 18.49 7.80
CA GLU C 203 -4.99 19.15 7.87
C GLU C 203 -5.53 19.15 6.43
N SER C 204 -4.73 19.71 5.54
CA SER C 204 -5.07 19.76 4.11
C SER C 204 -4.34 18.57 3.54
N GLY C 205 -4.50 18.32 2.24
CA GLY C 205 -3.79 17.21 1.68
C GLY C 205 -2.34 17.65 1.60
N SER C 206 -1.62 17.09 0.63
CA SER C 206 -0.24 17.46 0.38
C SER C 206 -0.42 18.21 -0.95
N ASN C 207 0.34 19.25 -1.20
CA ASN C 207 0.20 19.97 -2.47
C ASN C 207 0.81 19.11 -3.59
N ASN C 208 0.73 19.55 -4.84
CA ASN C 208 1.32 18.76 -5.92
C ASN C 208 1.82 19.67 -7.05
N PRO C 209 2.74 19.19 -7.89
CA PRO C 209 3.30 19.94 -9.00
C PRO C 209 2.35 20.73 -9.91
N LEU C 210 1.29 20.14 -10.41
CA LEU C 210 0.37 20.92 -11.23
C LEU C 210 -0.52 21.86 -10.44
N GLY C 211 -0.31 21.97 -9.13
CA GLY C 211 -1.13 22.86 -8.31
C GLY C 211 -2.67 22.90 -8.40
N ILE C 212 -3.28 21.79 -8.79
CA ILE C 212 -4.74 21.72 -8.91
C ILE C 212 -5.24 20.55 -8.08
N SER C 213 -6.44 20.66 -7.53
CA SER C 213 -6.99 19.59 -6.69
C SER C 213 -6.61 18.14 -6.99
N SER C 214 -6.02 17.47 -6.01
CA SER C 214 -5.58 16.07 -6.18
C SER C 214 -6.67 15.04 -5.84
N ASP C 215 -7.71 15.48 -5.14
CA ASP C 215 -8.82 14.63 -4.71
C ASP C 215 -9.26 13.72 -5.83
N SER C 216 -9.18 14.24 -7.05
CA SER C 216 -9.55 13.51 -8.25
C SER C 216 -9.00 12.09 -8.22
N ASP C 217 -7.83 11.91 -7.61
CA ASP C 217 -7.25 10.58 -7.47
C ASP C 217 -5.99 10.57 -6.60
N LYS C 218 -6.19 10.15 -5.35
CA LYS C 218 -5.11 10.06 -4.37
C LYS C 218 -4.63 8.61 -4.35
N ILE C 219 -3.54 8.34 -3.64
CA ILE C 219 -3.03 6.98 -3.53
C ILE C 219 -2.52 6.71 -2.12
N PRO C 220 -2.70 5.49 -1.64
CA PRO C 220 -2.24 5.17 -0.29
C PRO C 220 -0.75 5.41 -0.17
N PHE C 221 -0.37 6.28 0.75
CA PHE C 221 1.03 6.58 0.98
C PHE C 221 1.92 5.35 0.94
N HIS C 222 1.81 4.49 1.96
CA HIS C 222 2.67 3.30 2.07
C HIS C 222 2.93 2.46 0.85
N PRO C 223 1.92 1.75 0.36
CA PRO C 223 2.22 0.93 -0.81
C PRO C 223 3.19 1.61 -1.72
N TYR C 224 2.94 2.90 -1.98
CA TYR C 224 3.78 3.73 -2.86
C TYR C 224 4.86 4.57 -2.21
N TYR C 225 4.53 5.80 -1.82
CA TYR C 225 5.52 6.73 -1.24
C TYR C 225 6.51 6.22 -0.21
N SER C 226 6.14 5.22 0.59
CA SER C 226 7.11 4.70 1.52
C SER C 226 8.27 4.27 0.61
N PHE C 227 8.01 3.38 -0.34
CA PHE C 227 9.03 2.93 -1.26
C PHE C 227 9.76 4.06 -1.93
N LYS C 228 8.99 4.98 -2.48
CA LYS C 228 9.51 6.17 -3.16
C LYS C 228 10.54 6.91 -2.30
N ASP C 229 10.20 7.20 -1.05
CA ASP C 229 11.11 7.91 -0.16
C ASP C 229 12.36 7.13 0.22
N ILE C 230 12.21 5.85 0.50
CA ILE C 230 13.35 5.01 0.84
C ILE C 230 14.33 5.00 -0.31
N LEU C 231 13.81 5.13 -1.52
CA LEU C 231 14.64 5.17 -2.71
C LEU C 231 15.42 6.45 -2.65
N GLY C 232 14.71 7.54 -2.38
CA GLY C 232 15.35 8.84 -2.28
C GLY C 232 16.40 8.82 -1.21
N LEU C 233 16.06 8.22 -0.07
CA LEU C 233 16.98 8.10 1.08
C LEU C 233 18.34 7.57 0.62
N THR C 234 18.33 6.47 -0.13
CA THR C 234 19.60 5.91 -0.60
C THR C 234 20.23 6.75 -1.69
N LEU C 235 19.45 7.20 -2.66
CA LEU C 235 20.00 8.00 -3.72
C LEU C 235 20.66 9.26 -3.20
N MET C 236 20.19 9.79 -2.08
CA MET C 236 20.81 10.99 -1.53
C MET C 236 21.84 10.66 -0.46
N LEU C 237 21.67 9.52 0.20
CA LEU C 237 22.58 9.11 1.26
C LEU C 237 23.91 8.60 0.73
N THR C 238 23.94 8.14 -0.52
CA THR C 238 25.18 7.65 -1.06
C THR C 238 26.23 8.75 -1.20
N PRO C 239 25.87 9.94 -1.76
CA PRO C 239 26.88 11.00 -1.87
C PRO C 239 27.32 11.43 -0.48
N PHE C 240 26.36 11.58 0.43
CA PHE C 240 26.65 11.93 1.82
C PHE C 240 27.83 11.08 2.27
N LEU C 241 27.68 9.76 2.20
CA LEU C 241 28.74 8.88 2.63
C LEU C 241 30.02 8.98 1.81
N THR C 242 29.90 9.10 0.49
CA THR C 242 31.08 9.24 -0.37
C THR C 242 31.89 10.43 0.06
N LEU C 243 31.19 11.52 0.33
CA LEU C 243 31.80 12.74 0.80
C LEU C 243 32.36 12.46 2.21
N ALA C 244 31.50 11.97 3.10
CA ALA C 244 31.88 11.65 4.47
C ALA C 244 33.04 10.66 4.59
N LEU C 245 33.16 9.77 3.62
CA LEU C 245 34.23 8.80 3.69
C LEU C 245 35.41 9.04 2.78
N PHE C 246 35.29 9.89 1.78
CA PHE C 246 36.46 10.13 0.95
C PHE C 246 37.07 11.51 1.14
N SER C 247 36.26 12.56 1.23
CA SER C 247 36.79 13.90 1.47
C SER C 247 36.11 14.44 2.70
N PRO C 248 36.41 13.87 3.86
CA PRO C 248 35.84 14.24 5.14
C PRO C 248 35.89 15.73 5.46
N ASN C 249 36.98 16.37 5.05
CA ASN C 249 37.20 17.78 5.34
C ASN C 249 36.89 18.69 4.16
N LEU C 250 36.38 18.10 3.09
CA LEU C 250 36.07 18.86 1.88
C LEU C 250 35.41 20.18 2.20
N LEU C 251 34.48 20.17 3.14
CA LEU C 251 33.77 21.38 3.48
C LEU C 251 34.15 21.96 4.83
N GLY C 252 35.30 21.57 5.37
CA GLY C 252 35.66 22.07 6.68
C GLY C 252 36.93 22.88 6.78
N ASP C 253 36.82 24.07 7.38
CA ASP C 253 37.96 24.96 7.54
C ASP C 253 39.07 24.37 8.39
N PRO C 254 40.28 24.32 7.84
CA PRO C 254 41.45 23.76 8.49
C PRO C 254 41.84 24.53 9.74
N GLU C 255 41.60 25.82 9.71
CA GLU C 255 41.91 26.72 10.82
C GLU C 255 41.23 26.20 12.08
N ASN C 256 40.26 25.32 11.92
CA ASN C 256 39.56 24.81 13.08
C ASN C 256 40.16 23.51 13.60
N PHE C 257 41.47 23.36 13.35
CA PHE C 257 42.25 22.22 13.81
C PHE C 257 43.30 22.76 14.77
N THR C 258 43.17 24.03 15.07
CA THR C 258 44.10 24.64 15.98
C THR C 258 43.31 24.99 17.21
N PRO C 259 43.71 24.47 18.36
CA PRO C 259 42.98 24.79 19.57
C PRO C 259 42.78 26.29 19.67
N ALA C 260 41.59 26.71 20.04
CA ALA C 260 41.26 28.11 20.17
C ALA C 260 42.33 28.87 20.95
N ASN C 261 42.67 30.05 20.47
CA ASN C 261 43.68 30.90 21.10
C ASN C 261 43.30 32.35 20.89
N PRO C 262 42.88 33.04 21.97
CA PRO C 262 42.44 34.44 21.99
C PRO C 262 43.48 35.49 21.60
N LEU C 263 44.71 35.06 21.34
CA LEU C 263 45.77 36.00 20.97
C LEU C 263 46.14 35.86 19.50
N VAL C 264 45.32 35.14 18.74
CA VAL C 264 45.58 34.99 17.33
C VAL C 264 44.26 34.96 16.59
N THR C 265 43.81 36.12 16.09
CA THR C 265 42.56 36.14 15.35
C THR C 265 42.92 35.71 13.93
N PRO C 266 42.25 34.67 13.42
CA PRO C 266 42.57 34.23 12.07
C PRO C 266 42.13 35.29 11.06
N PRO C 267 42.67 35.24 9.85
CA PRO C 267 42.27 36.21 8.85
C PRO C 267 41.09 35.51 8.20
N HIS C 268 40.10 36.27 7.76
CA HIS C 268 38.96 35.63 7.10
C HIS C 268 38.14 34.78 8.07
N ILE C 269 37.43 35.45 8.98
CA ILE C 269 36.58 34.77 9.94
C ILE C 269 35.23 34.67 9.26
N LYS C 270 34.78 33.45 9.02
CA LYS C 270 33.52 33.28 8.35
C LYS C 270 32.78 32.05 8.87
N PRO C 271 31.46 32.15 9.07
CA PRO C 271 30.64 31.04 9.57
C PRO C 271 30.55 29.94 8.50
N GLU C 272 29.95 28.81 8.84
CA GLU C 272 29.83 27.69 7.90
C GLU C 272 29.11 28.10 6.62
N TRP C 273 29.40 27.39 5.53
CA TRP C 273 28.79 27.74 4.25
C TRP C 273 27.32 27.99 4.30
N TYR C 274 26.57 27.09 4.95
CA TYR C 274 25.12 27.25 5.01
C TYR C 274 24.65 28.52 5.70
N PHE C 275 25.57 29.38 6.11
CA PHE C 275 25.23 30.66 6.73
C PHE C 275 25.70 31.84 5.88
N LEU C 276 26.74 31.60 5.06
CA LEU C 276 27.37 32.59 4.19
C LEU C 276 26.44 33.56 3.50
N PHE C 277 25.49 33.03 2.74
CA PHE C 277 24.56 33.87 2.02
C PHE C 277 24.09 35.05 2.86
N ALA C 278 23.87 34.81 4.14
CA ALA C 278 23.40 35.86 5.03
C ALA C 278 24.57 36.64 5.55
N TYR C 279 25.69 35.96 5.74
CA TYR C 279 26.86 36.66 6.23
C TYR C 279 27.14 37.76 5.21
N ALA C 280 26.85 37.46 3.94
CA ALA C 280 27.07 38.39 2.85
C ALA C 280 26.13 39.57 3.03
N ILE C 281 24.84 39.29 2.91
CA ILE C 281 23.85 40.33 3.06
C ILE C 281 24.05 41.10 4.33
N LEU C 282 24.88 40.58 5.21
CA LEU C 282 25.12 41.25 6.48
C LEU C 282 26.12 42.36 6.31
N ARG C 283 27.20 42.06 5.62
CA ARG C 283 28.22 43.06 5.43
C ARG C 283 27.96 43.87 4.16
N SER C 284 26.72 43.86 3.70
CA SER C 284 26.37 44.59 2.51
C SER C 284 26.13 46.05 2.89
N ILE C 285 25.37 46.28 3.95
CA ILE C 285 25.10 47.63 4.40
C ILE C 285 26.08 47.98 5.51
N PRO C 286 26.86 49.06 5.34
CA PRO C 286 27.88 49.59 6.26
C PRO C 286 27.44 49.90 7.68
N ASN C 287 26.34 50.61 7.83
CA ASN C 287 25.86 50.96 9.16
C ASN C 287 25.62 49.68 9.98
N LYS C 288 26.58 49.33 10.83
CA LYS C 288 26.45 48.13 11.64
C LYS C 288 25.03 47.73 12.01
N LEU C 289 24.22 48.69 12.48
CA LEU C 289 22.85 48.36 12.86
C LEU C 289 22.11 47.77 11.67
N GLY C 290 21.86 48.60 10.66
CA GLY C 290 21.17 48.12 9.48
C GLY C 290 21.68 46.75 9.02
N GLY C 291 22.97 46.54 9.15
CA GLY C 291 23.54 45.27 8.75
C GLY C 291 22.83 44.10 9.40
N VAL C 292 22.68 44.15 10.73
CA VAL C 292 22.00 43.08 11.43
C VAL C 292 20.61 42.95 10.85
N LEU C 293 19.89 44.06 10.76
CA LEU C 293 18.54 44.04 10.20
C LEU C 293 18.50 43.34 8.84
N ALA C 294 19.45 43.67 7.95
CA ALA C 294 19.50 43.03 6.65
C ALA C 294 19.61 41.53 6.89
N LEU C 295 20.51 41.16 7.78
CA LEU C 295 20.71 39.78 8.13
C LEU C 295 19.43 39.16 8.63
N ALA C 296 18.83 39.79 9.62
CA ALA C 296 17.60 39.28 10.19
C ALA C 296 16.55 39.14 9.11
N ALA C 297 16.40 40.16 8.27
CA ALA C 297 15.41 40.14 7.21
C ALA C 297 15.72 39.11 6.13
N SER C 298 16.98 38.79 5.93
CA SER C 298 17.33 37.83 4.89
C SER C 298 16.61 36.49 5.10
N VAL C 299 16.33 36.14 6.35
CA VAL C 299 15.63 34.88 6.63
C VAL C 299 14.16 35.16 6.98
N LEU C 300 13.93 36.04 7.94
CA LEU C 300 12.57 36.39 8.33
C LEU C 300 11.67 36.76 7.15
N ILE C 301 12.23 37.17 6.02
CA ILE C 301 11.39 37.53 4.87
C ILE C 301 10.46 36.37 4.51
N LEU C 302 10.93 35.15 4.76
CA LEU C 302 10.16 33.93 4.48
C LEU C 302 8.75 34.00 5.07
N PHE C 303 8.58 34.71 6.18
CA PHE C 303 7.27 34.85 6.78
C PHE C 303 6.33 35.67 5.90
N LEU C 304 6.91 36.52 5.06
CA LEU C 304 6.12 37.36 4.16
C LEU C 304 5.74 36.74 2.84
N ILE C 305 6.51 35.76 2.38
CA ILE C 305 6.21 35.13 1.10
C ILE C 305 4.74 34.89 0.82
N PRO C 306 3.99 34.30 1.76
CA PRO C 306 2.57 34.04 1.54
C PRO C 306 1.72 35.28 1.24
N PHE C 307 2.21 36.45 1.59
CA PHE C 307 1.44 37.66 1.34
C PHE C 307 1.88 38.34 0.06
N LEU C 308 2.82 37.73 -0.65
CA LEU C 308 3.31 38.30 -1.89
C LEU C 308 2.93 37.42 -3.08
N HIS C 309 1.92 36.57 -2.90
CA HIS C 309 1.47 35.68 -3.96
C HIS C 309 0.33 36.32 -4.73
N LYS C 310 0.52 36.56 -6.01
CA LYS C 310 -0.54 37.19 -6.77
C LYS C 310 -1.09 36.32 -7.87
N SER C 311 -0.28 35.42 -8.40
CA SER C 311 -0.77 34.57 -9.48
C SER C 311 -2.11 33.89 -9.17
N LYS C 312 -2.98 33.85 -10.19
CA LYS C 312 -4.27 33.20 -10.06
C LYS C 312 -4.01 31.70 -10.02
N GLN C 313 -2.75 31.33 -10.15
CA GLN C 313 -2.36 29.93 -10.14
C GLN C 313 -1.41 29.74 -8.95
N ARG C 314 -1.41 28.53 -8.38
CA ARG C 314 -0.58 28.21 -7.21
C ARG C 314 0.88 27.96 -7.52
N THR C 315 1.17 26.86 -8.21
CA THR C 315 2.54 26.54 -8.58
C THR C 315 2.89 27.50 -9.69
N MET C 316 4.07 27.34 -10.24
CA MET C 316 4.45 28.20 -11.33
C MET C 316 4.96 27.34 -12.46
N THR C 317 4.27 26.23 -12.65
CA THR C 317 4.59 25.31 -13.70
C THR C 317 4.24 26.01 -15.00
N PHE C 318 3.03 26.55 -15.06
CA PHE C 318 2.54 27.22 -16.27
C PHE C 318 2.77 28.75 -16.17
N ARG C 319 3.92 29.14 -15.61
CA ARG C 319 4.25 30.54 -15.43
C ARG C 319 5.71 30.82 -15.83
N PRO C 320 6.06 30.58 -17.09
CA PRO C 320 7.42 30.77 -17.63
C PRO C 320 8.15 32.02 -17.20
N LEU C 321 7.46 33.14 -17.11
CA LEU C 321 8.14 34.33 -16.71
C LEU C 321 8.71 34.14 -15.32
N SER C 322 7.84 34.14 -14.31
CA SER C 322 8.30 33.97 -12.95
C SER C 322 9.20 32.75 -12.83
N GLN C 323 9.08 31.82 -13.75
CA GLN C 323 9.91 30.65 -13.71
C GLN C 323 11.37 31.03 -13.83
N THR C 324 11.70 31.96 -14.72
CA THR C 324 13.09 32.37 -14.84
C THR C 324 13.41 33.24 -13.64
N LEU C 325 12.45 34.04 -13.21
CA LEU C 325 12.70 34.85 -12.04
C LEU C 325 13.18 33.92 -10.92
N PHE C 326 12.47 32.82 -10.70
CA PHE C 326 12.83 31.85 -9.67
C PHE C 326 14.26 31.40 -9.79
N TRP C 327 14.64 30.83 -10.92
CA TRP C 327 16.03 30.39 -11.10
C TRP C 327 17.01 31.54 -11.02
N LEU C 328 16.59 32.71 -11.47
CA LEU C 328 17.44 33.88 -11.42
C LEU C 328 17.72 34.14 -9.93
N LEU C 329 16.76 33.78 -9.10
CA LEU C 329 16.88 33.95 -7.66
C LEU C 329 17.84 32.94 -7.05
N VAL C 330 17.63 31.64 -7.26
CA VAL C 330 18.54 30.70 -6.63
C VAL C 330 19.94 31.14 -7.00
N ALA C 331 20.16 31.35 -8.29
CA ALA C 331 21.46 31.79 -8.79
C ALA C 331 21.96 32.93 -7.93
N ASN C 332 21.06 33.82 -7.58
CA ASN C 332 21.40 34.96 -6.76
C ASN C 332 21.94 34.53 -5.38
N LEU C 333 21.22 33.62 -4.71
CA LEU C 333 21.67 33.13 -3.40
C LEU C 333 23.02 32.47 -3.58
N LEU C 334 23.10 31.65 -4.60
CA LEU C 334 24.35 30.98 -4.88
C LEU C 334 25.47 32.01 -4.96
N ILE C 335 25.24 33.14 -5.62
CA ILE C 335 26.25 34.18 -5.70
C ILE C 335 26.57 34.77 -4.32
N LEU C 336 25.53 35.10 -3.55
CA LEU C 336 25.75 35.66 -2.21
C LEU C 336 26.65 34.75 -1.42
N THR C 337 26.45 33.44 -1.56
CA THR C 337 27.28 32.48 -0.86
C THR C 337 28.72 32.76 -1.21
N TRP C 338 29.00 32.75 -2.51
CA TRP C 338 30.33 33.05 -3.00
C TRP C 338 30.82 34.32 -2.34
N ILE C 339 30.22 35.46 -2.66
CA ILE C 339 30.65 36.72 -2.06
C ILE C 339 30.95 36.62 -0.59
N GLY C 340 30.22 35.80 0.13
CA GLY C 340 30.47 35.67 1.55
C GLY C 340 31.79 35.01 1.95
N SER C 341 32.25 34.08 1.14
CA SER C 341 33.49 33.36 1.42
C SER C 341 34.70 34.17 1.06
N GLN C 342 34.49 35.29 0.39
CA GLN C 342 35.58 36.14 -0.02
C GLN C 342 35.82 37.29 0.94
N PRO C 343 36.99 37.93 0.84
CA PRO C 343 37.35 39.06 1.69
C PRO C 343 36.47 40.24 1.34
N VAL C 344 36.54 41.30 2.13
CA VAL C 344 35.75 42.50 1.84
C VAL C 344 36.56 43.46 0.98
N GLU C 345 36.78 43.07 -0.27
CA GLU C 345 37.55 43.89 -1.18
C GLU C 345 36.88 44.15 -2.53
N HIS C 346 37.19 45.31 -3.09
CA HIS C 346 36.62 45.82 -4.33
C HIS C 346 35.83 44.98 -5.33
N PRO C 347 36.46 44.02 -6.00
CA PRO C 347 35.68 43.24 -6.96
C PRO C 347 34.43 42.71 -6.29
N PHE C 348 34.60 42.27 -5.05
CA PHE C 348 33.55 41.69 -4.24
C PHE C 348 32.58 42.68 -3.64
N ILE C 349 33.07 43.53 -2.74
CA ILE C 349 32.23 44.52 -2.07
C ILE C 349 31.07 45.02 -2.92
N ILE C 350 31.31 45.21 -4.20
CA ILE C 350 30.25 45.69 -5.12
C ILE C 350 29.29 44.54 -5.42
N ILE C 351 29.80 43.53 -6.13
CA ILE C 351 29.01 42.36 -6.48
C ILE C 351 28.17 41.97 -5.29
N GLY C 352 28.72 42.20 -4.11
CA GLY C 352 28.03 41.85 -2.89
C GLY C 352 26.74 42.61 -2.71
N GLN C 353 26.84 43.90 -2.42
CA GLN C 353 25.65 44.69 -2.23
C GLN C 353 24.72 44.71 -3.44
N MET C 354 25.21 44.34 -4.61
CA MET C 354 24.35 44.31 -5.77
C MET C 354 23.48 43.09 -5.61
N ALA C 355 24.10 41.91 -5.55
CA ALA C 355 23.40 40.65 -5.38
C ALA C 355 22.45 40.75 -4.19
N SER C 356 22.97 41.26 -3.09
CA SER C 356 22.18 41.44 -1.88
C SER C 356 20.92 42.26 -2.16
N LEU C 357 21.06 43.28 -3.01
CA LEU C 357 19.93 44.13 -3.37
C LEU C 357 18.99 43.39 -4.32
N SER C 358 19.56 42.62 -5.24
CA SER C 358 18.77 41.87 -6.19
C SER C 358 18.03 40.75 -5.48
N TYR C 359 18.39 40.51 -4.23
CA TYR C 359 17.73 39.47 -3.45
C TYR C 359 16.37 40.01 -2.98
N PHE C 360 16.38 41.08 -2.20
CA PHE C 360 15.15 41.64 -1.68
C PHE C 360 14.18 42.17 -2.72
N THR C 361 14.67 42.48 -3.91
CA THR C 361 13.80 42.98 -4.96
C THR C 361 13.05 41.84 -5.60
N ILE C 362 13.75 40.76 -5.94
CA ILE C 362 13.10 39.62 -6.56
C ILE C 362 11.98 39.07 -5.68
N LEU C 363 12.16 39.11 -4.38
CA LEU C 363 11.14 38.61 -3.46
C LEU C 363 10.09 39.65 -3.14
N LEU C 364 10.54 40.83 -2.76
CA LEU C 364 9.62 41.90 -2.43
C LEU C 364 8.91 42.56 -3.59
N ILE C 365 9.63 42.90 -4.65
CA ILE C 365 9.00 43.59 -5.75
C ILE C 365 8.83 42.89 -7.10
N LEU C 366 9.81 42.16 -7.61
CA LEU C 366 9.59 41.53 -8.91
C LEU C 366 8.51 40.47 -8.83
N PHE C 367 8.80 39.36 -8.21
CA PHE C 367 7.84 38.27 -8.08
C PHE C 367 6.38 38.68 -8.02
N PRO C 368 6.00 39.49 -7.02
CA PRO C 368 4.61 39.88 -6.96
C PRO C 368 4.16 40.63 -8.21
N THR C 369 5.04 41.47 -8.74
CA THR C 369 4.70 42.24 -9.92
C THR C 369 4.59 41.35 -11.15
N ILE C 370 5.65 40.63 -11.48
CA ILE C 370 5.59 39.74 -12.65
C ILE C 370 4.41 38.81 -12.44
N GLY C 371 3.96 38.76 -11.19
CA GLY C 371 2.83 37.93 -10.85
C GLY C 371 1.54 38.40 -11.48
N THR C 372 1.12 39.61 -11.12
CA THR C 372 -0.11 40.18 -11.66
C THR C 372 0.04 40.36 -13.16
N LEU C 373 1.12 40.97 -13.59
CA LEU C 373 1.34 41.19 -15.02
C LEU C 373 1.14 39.87 -15.74
N GLU C 374 1.58 38.80 -15.11
CA GLU C 374 1.44 37.50 -15.72
C GLU C 374 -0.05 37.14 -15.77
N ASN C 375 -0.86 37.71 -14.89
CA ASN C 375 -2.28 37.40 -14.90
C ASN C 375 -3.00 38.10 -16.03
N LYS C 376 -2.65 39.37 -16.26
CA LYS C 376 -3.30 40.14 -17.32
C LYS C 376 -3.13 39.39 -18.62
N MET C 377 -1.91 38.92 -18.86
CA MET C 377 -1.60 38.18 -20.07
C MET C 377 -2.48 36.95 -20.28
N LEU C 378 -3.14 36.48 -19.24
CA LEU C 378 -4.01 35.32 -19.38
C LEU C 378 -5.48 35.74 -19.46
N ASN C 379 -5.69 37.04 -19.52
CA ASN C 379 -7.03 37.63 -19.61
C ASN C 379 -7.77 37.37 -18.29
N TYR C 380 -7.25 37.96 -17.22
CA TYR C 380 -7.81 37.84 -15.87
C TYR C 380 -7.83 39.15 -15.09
N SER D 1 51.19 43.61 1.02
CA SER D 1 50.45 42.89 -0.07
C SER D 1 50.01 41.47 0.29
N ASP D 2 48.70 41.21 0.15
CA ASP D 2 48.13 39.88 0.43
C ASP D 2 48.45 38.96 -0.76
N LEU D 3 49.71 39.05 -1.20
CA LEU D 3 50.21 38.26 -2.33
C LEU D 3 50.89 36.99 -1.79
N GLU D 4 50.54 35.84 -2.36
CA GLU D 4 51.10 34.55 -1.91
C GLU D 4 51.31 33.52 -3.02
N LEU D 5 52.22 32.59 -2.78
CA LEU D 5 52.51 31.52 -3.72
C LEU D 5 51.89 30.23 -3.19
N HIS D 6 51.17 29.52 -4.03
CA HIS D 6 50.52 28.28 -3.61
C HIS D 6 51.27 27.02 -4.03
N PRO D 7 51.37 26.04 -3.12
CA PRO D 7 52.07 24.79 -3.39
C PRO D 7 51.56 24.10 -4.63
N PRO D 8 52.40 23.27 -5.26
CA PRO D 8 52.01 22.56 -6.47
C PRO D 8 51.03 21.49 -6.08
N SER D 9 51.39 20.25 -6.35
CA SER D 9 50.53 19.12 -6.03
C SER D 9 51.17 17.81 -6.41
N TYR D 10 51.71 17.11 -5.43
CA TYR D 10 52.39 15.84 -5.70
C TYR D 10 51.50 14.64 -5.65
N PRO D 11 51.80 13.65 -6.49
CA PRO D 11 51.07 12.39 -6.57
C PRO D 11 51.46 11.52 -5.40
N TRP D 12 50.92 11.80 -4.22
CA TRP D 12 51.26 11.02 -3.03
C TRP D 12 50.75 9.61 -3.22
N SER D 13 51.48 8.64 -2.68
CA SER D 13 51.13 7.23 -2.78
C SER D 13 49.81 6.93 -2.08
N HIS D 14 49.32 7.90 -1.32
CA HIS D 14 48.08 7.73 -0.57
C HIS D 14 46.97 8.71 -0.92
N ARG D 15 46.93 9.22 -2.15
CA ARG D 15 45.89 10.18 -2.53
C ARG D 15 44.72 9.50 -3.20
N GLY D 16 44.94 8.29 -3.71
CA GLY D 16 43.88 7.55 -4.37
C GLY D 16 42.75 7.40 -3.38
N PRO D 17 41.49 7.40 -3.83
CA PRO D 17 40.40 7.26 -2.87
C PRO D 17 40.49 5.87 -2.24
N LEU D 18 40.96 4.91 -3.03
CA LEU D 18 41.10 3.56 -2.55
C LEU D 18 42.51 3.19 -2.18
N SER D 19 43.43 4.16 -2.26
CA SER D 19 44.82 3.87 -1.91
C SER D 19 45.18 4.29 -0.49
N SER D 20 45.72 3.34 0.29
CA SER D 20 46.09 3.63 1.66
C SER D 20 47.46 4.26 1.77
N LEU D 21 47.93 4.43 2.99
CA LEU D 21 49.24 5.01 3.25
C LEU D 21 50.32 3.97 3.06
N ASP D 22 51.48 4.38 2.56
CA ASP D 22 52.62 3.47 2.38
C ASP D 22 53.32 3.40 3.73
N HIS D 23 53.02 2.38 4.51
CA HIS D 23 53.57 2.26 5.84
C HIS D 23 55.07 2.19 5.94
N THR D 24 55.70 1.67 4.91
CA THR D 24 57.15 1.58 4.92
C THR D 24 57.66 3.02 4.97
N SER D 25 56.96 3.92 4.27
CA SER D 25 57.33 5.32 4.26
C SER D 25 56.94 5.95 5.59
N ILE D 26 55.77 5.59 6.10
CA ILE D 26 55.35 6.12 7.39
C ILE D 26 56.43 5.81 8.41
N ARG D 27 56.81 4.54 8.48
CA ARG D 27 57.85 4.10 9.39
C ARG D 27 59.02 5.06 9.31
N ARG D 28 59.53 5.28 8.10
CA ARG D 28 60.64 6.20 7.92
C ARG D 28 60.32 7.54 8.57
N GLY D 29 59.29 8.18 8.06
CA GLY D 29 58.90 9.47 8.60
C GLY D 29 59.04 9.55 10.10
N PHE D 30 58.44 8.58 10.77
CA PHE D 30 58.50 8.54 12.22
C PHE D 30 59.92 8.85 12.65
N GLN D 31 60.86 8.18 11.99
CA GLN D 31 62.26 8.36 12.32
C GLN D 31 62.72 9.80 12.20
N VAL D 32 62.38 10.47 11.09
CA VAL D 32 62.79 11.85 10.93
C VAL D 32 62.07 12.75 11.93
N TYR D 33 60.88 12.35 12.34
CA TYR D 33 60.18 13.15 13.34
C TYR D 33 60.98 13.03 14.63
N LYS D 34 61.20 11.78 15.03
CA LYS D 34 61.94 11.43 16.22
C LYS D 34 63.36 11.93 16.28
N GLN D 35 64.10 11.76 15.20
CA GLN D 35 65.50 12.16 15.17
C GLN D 35 65.82 13.60 14.79
N VAL D 36 64.84 14.35 14.30
CA VAL D 36 65.10 15.74 13.94
C VAL D 36 64.05 16.77 14.34
N CYS D 37 62.77 16.51 14.11
CA CYS D 37 61.72 17.47 14.44
C CYS D 37 61.41 17.51 15.92
N SER D 38 61.20 16.32 16.49
CA SER D 38 60.85 16.17 17.89
C SER D 38 61.67 16.97 18.90
N SER D 39 62.62 17.75 18.43
CA SER D 39 63.46 18.53 19.32
C SER D 39 62.90 19.92 19.42
N CYS D 40 61.84 20.19 18.67
CA CYS D 40 61.22 21.50 18.70
C CYS D 40 59.72 21.36 18.59
N HIS D 41 59.29 20.35 17.84
CA HIS D 41 57.87 20.13 17.65
C HIS D 41 57.24 19.04 18.49
N SER D 42 56.21 19.42 19.24
CA SER D 42 55.47 18.49 20.07
C SER D 42 54.45 17.75 19.22
N MET D 43 54.06 16.55 19.65
CA MET D 43 53.07 15.76 18.95
C MET D 43 52.26 15.06 20.03
N ASP D 44 51.56 15.88 20.80
CA ASP D 44 50.77 15.46 21.93
C ASP D 44 49.73 14.38 21.74
N TYR D 45 49.14 14.22 20.57
CA TYR D 45 48.10 13.21 20.44
C TYR D 45 48.48 11.79 20.01
N VAL D 46 49.71 11.59 19.59
CA VAL D 46 50.11 10.25 19.20
C VAL D 46 50.94 9.70 20.34
N ALA D 47 51.08 8.38 20.41
CA ALA D 47 51.83 7.72 21.46
C ALA D 47 52.40 6.45 20.87
N TYR D 48 53.53 5.99 21.41
CA TYR D 48 54.19 4.80 20.91
C TYR D 48 53.22 3.68 20.58
N ARG D 49 52.36 3.42 21.55
CA ARG D 49 51.31 2.42 21.46
C ARG D 49 50.70 2.34 20.04
N HIS D 50 50.51 3.49 19.39
CA HIS D 50 49.91 3.53 18.05
C HIS D 50 50.77 2.91 16.97
N LEU D 51 52.08 3.05 17.11
CA LEU D 51 52.99 2.51 16.12
C LEU D 51 52.80 1.00 16.01
N VAL D 52 52.45 0.38 17.13
CA VAL D 52 52.27 -1.05 17.18
C VAL D 52 51.24 -1.56 16.19
N GLY D 53 51.67 -2.39 15.26
CA GLY D 53 50.75 -2.95 14.29
C GLY D 53 50.56 -2.12 13.05
N VAL D 54 51.21 -0.96 13.00
CA VAL D 54 51.08 -0.08 11.84
C VAL D 54 52.40 0.13 11.11
N CYS D 55 53.47 0.32 11.87
CA CYS D 55 54.78 0.53 11.26
C CYS D 55 55.89 0.13 12.24
N TYR D 56 55.52 -0.62 13.27
CA TYR D 56 56.47 -1.05 14.27
C TYR D 56 55.92 -2.23 15.02
N THR D 57 56.80 -3.13 15.47
CA THR D 57 56.36 -4.29 16.22
C THR D 57 56.17 -3.94 17.67
N GLU D 58 55.31 -4.66 18.37
CA GLU D 58 55.05 -4.38 19.78
C GLU D 58 56.35 -4.18 20.55
N ASP D 59 57.13 -5.24 20.65
CA ASP D 59 58.40 -5.17 21.37
C ASP D 59 59.24 -4.04 20.81
N GLU D 60 59.27 -3.95 19.49
CA GLU D 60 60.04 -2.92 18.80
C GLU D 60 59.68 -1.55 19.33
N ALA D 61 58.38 -1.30 19.44
CA ALA D 61 57.83 -0.05 19.94
C ALA D 61 58.06 0.09 21.44
N LYS D 62 57.95 -1.01 22.15
CA LYS D 62 58.15 -0.98 23.59
C LYS D 62 59.52 -0.43 23.89
N ALA D 63 60.51 -0.93 23.17
CA ALA D 63 61.90 -0.51 23.36
C ALA D 63 62.14 0.93 22.92
N LEU D 64 61.27 1.43 22.05
CA LEU D 64 61.39 2.77 21.52
C LEU D 64 60.85 3.82 22.48
N ALA D 65 60.04 3.39 23.44
CA ALA D 65 59.46 4.32 24.41
C ALA D 65 60.41 4.41 25.60
N GLU D 66 61.18 3.35 25.79
CA GLU D 66 62.15 3.27 26.87
C GLU D 66 63.17 4.40 26.69
N GLU D 67 63.65 4.56 25.47
CA GLU D 67 64.63 5.59 25.13
C GLU D 67 64.34 6.93 25.76
N VAL D 68 63.09 7.16 26.14
CA VAL D 68 62.74 8.42 26.76
C VAL D 68 62.16 8.20 28.14
N GLU D 69 62.54 9.06 29.08
CA GLU D 69 61.99 8.97 30.44
C GLU D 69 60.91 10.04 30.53
N VAL D 70 59.93 9.82 31.39
CA VAL D 70 58.86 10.79 31.56
C VAL D 70 58.65 11.14 33.03
N GLN D 71 58.10 12.33 33.27
CA GLN D 71 57.82 12.84 34.62
C GLN D 71 56.55 12.14 35.08
N ASP D 72 56.54 11.62 36.31
CA ASP D 72 55.34 10.91 36.75
C ASP D 72 54.88 11.22 38.18
N GLY D 73 53.55 11.11 38.36
CA GLY D 73 52.86 11.34 39.64
C GLY D 73 53.62 11.44 40.94
N PRO D 74 53.01 12.02 41.99
CA PRO D 74 53.61 12.19 43.32
C PRO D 74 54.22 10.95 43.97
N ASN D 75 55.26 11.17 44.77
CA ASN D 75 55.97 10.12 45.52
C ASN D 75 55.04 9.51 46.56
N GLU D 76 55.67 9.00 47.61
CA GLU D 76 54.99 8.47 48.77
C GLU D 76 55.17 9.68 49.70
N ASP D 77 56.01 10.61 49.24
CA ASP D 77 56.32 11.83 49.95
C ASP D 77 55.80 13.04 49.21
N GLY D 78 55.21 12.78 48.05
CA GLY D 78 54.62 13.85 47.26
C GLY D 78 55.54 14.76 46.47
N GLU D 79 56.18 14.23 45.44
CA GLU D 79 57.07 15.01 44.58
C GLU D 79 57.13 14.39 43.19
N MET D 80 57.43 15.20 42.18
CA MET D 80 57.52 14.67 40.83
C MET D 80 58.83 13.93 40.64
N PHE D 81 58.79 12.79 39.94
CA PHE D 81 60.01 12.03 39.69
C PHE D 81 60.00 11.46 38.28
N MET D 82 61.18 11.08 37.79
CA MET D 82 61.33 10.53 36.45
C MET D 82 61.32 9.01 36.38
N ARG D 83 61.28 8.49 35.15
CA ARG D 83 61.29 7.05 34.88
C ARG D 83 61.15 6.72 33.41
N PRO D 84 61.71 5.56 33.00
CA PRO D 84 61.66 5.11 31.61
C PRO D 84 60.23 4.98 31.11
N GLY D 85 59.95 5.70 30.02
CA GLY D 85 58.63 5.70 29.43
C GLY D 85 58.14 4.34 29.03
N LYS D 86 56.83 4.15 29.16
CA LYS D 86 56.18 2.90 28.81
C LYS D 86 55.55 3.07 27.44
N LEU D 87 54.77 2.06 27.06
CA LEU D 87 54.08 2.00 25.79
C LEU D 87 52.88 2.93 25.72
N SER D 88 52.37 3.27 26.89
CA SER D 88 51.19 4.11 27.01
C SER D 88 51.47 5.60 27.09
N ASP D 89 52.73 5.98 27.15
CA ASP D 89 53.09 7.39 27.25
C ASP D 89 52.94 8.03 25.89
N TYR D 90 52.62 9.33 25.84
CA TYR D 90 52.51 10.01 24.56
C TYR D 90 53.86 10.64 24.21
N PHE D 91 54.12 10.84 22.91
CA PHE D 91 55.39 11.43 22.49
C PHE D 91 55.75 12.63 23.35
N PRO D 92 57.01 12.69 23.80
CA PRO D 92 57.53 13.74 24.66
C PRO D 92 57.39 15.16 24.14
N LYS D 93 57.21 16.10 25.05
CA LYS D 93 57.10 17.49 24.68
C LYS D 93 58.51 18.02 24.84
N PRO D 94 59.02 18.74 23.84
CA PRO D 94 60.38 19.31 23.87
C PRO D 94 60.53 20.40 24.93
N TYR D 95 59.44 21.12 25.19
CA TYR D 95 59.49 22.20 26.18
C TYR D 95 58.40 22.10 27.25
N PRO D 96 58.70 22.58 28.47
CA PRO D 96 57.77 22.55 29.61
C PRO D 96 56.50 23.37 29.40
N ASN D 97 56.58 24.39 28.55
CA ASN D 97 55.44 25.26 28.25
C ASN D 97 55.76 26.18 27.08
N PRO D 98 54.73 26.73 26.42
CA PRO D 98 54.95 27.61 25.27
C PRO D 98 56.00 28.69 25.47
N GLU D 99 55.74 29.67 26.33
CA GLU D 99 56.71 30.72 26.54
C GLU D 99 58.13 30.17 26.67
N ALA D 100 58.26 28.98 27.25
CA ALA D 100 59.55 28.35 27.42
C ALA D 100 60.18 28.04 26.08
N ALA D 101 59.34 27.67 25.13
CA ALA D 101 59.76 27.31 23.78
C ALA D 101 59.98 28.55 22.93
N ARG D 102 59.10 29.54 23.08
CA ARG D 102 59.22 30.76 22.31
C ARG D 102 60.58 31.39 22.58
N ALA D 103 61.09 31.19 23.80
CA ALA D 103 62.38 31.73 24.21
C ALA D 103 63.57 30.91 23.74
N ALA D 104 63.31 29.69 23.27
CA ALA D 104 64.38 28.83 22.80
C ALA D 104 64.49 28.88 21.28
N ASN D 105 63.44 29.36 20.64
CA ASN D 105 63.40 29.48 19.19
C ASN D 105 63.18 30.94 18.81
N ASN D 106 63.95 31.83 19.43
CA ASN D 106 63.87 33.25 19.15
C ASN D 106 62.49 33.83 18.91
N GLY D 107 61.67 33.86 19.95
CA GLY D 107 60.34 34.43 19.84
C GLY D 107 59.25 33.56 19.29
N ALA D 108 59.47 32.99 18.11
CA ALA D 108 58.49 32.14 17.47
C ALA D 108 58.16 30.89 18.30
N LEU D 109 57.04 30.26 17.96
CA LEU D 109 56.59 29.06 18.66
C LEU D 109 56.29 27.91 17.72
N PRO D 110 57.14 26.89 17.75
CA PRO D 110 56.95 25.72 16.90
C PRO D 110 55.65 25.02 17.29
N PRO D 111 54.69 25.01 16.37
CA PRO D 111 53.36 24.39 16.54
C PRO D 111 53.45 22.89 16.77
N ASP D 112 52.42 22.34 17.40
CA ASP D 112 52.37 20.92 17.64
C ASP D 112 51.98 20.33 16.30
N LEU D 113 52.70 19.33 15.83
CA LEU D 113 52.42 18.74 14.53
C LEU D 113 51.34 17.67 14.43
N SER D 114 50.63 17.42 15.52
CA SER D 114 49.60 16.40 15.54
C SER D 114 48.63 16.48 14.38
N TYR D 115 48.11 17.66 14.11
CA TYR D 115 47.16 17.83 13.02
C TYR D 115 47.62 18.83 11.94
N ILE D 116 48.90 19.18 11.98
CA ILE D 116 49.45 20.15 11.05
C ILE D 116 48.99 19.93 9.63
N VAL D 117 49.16 18.70 9.16
CA VAL D 117 48.80 18.36 7.80
C VAL D 117 47.40 18.81 7.45
N ARG D 118 46.53 18.95 8.45
CA ARG D 118 45.15 19.39 8.17
C ARG D 118 44.86 20.75 8.81
N ALA D 119 45.90 21.37 9.34
CA ALA D 119 45.75 22.67 9.95
C ALA D 119 46.20 23.77 8.98
N ARG D 120 46.71 23.36 7.83
CA ARG D 120 47.19 24.31 6.83
C ARG D 120 46.64 23.94 5.48
N HIS D 121 46.33 24.92 4.64
CA HIS D 121 45.82 24.62 3.31
C HIS D 121 46.92 23.98 2.51
N GLY D 122 46.64 22.82 1.92
CA GLY D 122 47.65 22.15 1.14
C GLY D 122 48.08 20.85 1.80
N GLY D 123 48.06 20.81 3.12
CA GLY D 123 48.40 19.58 3.79
C GLY D 123 49.80 19.17 3.44
N GLU D 124 50.02 17.89 3.13
CA GLU D 124 51.37 17.43 2.79
C GLU D 124 51.95 18.27 1.65
N ASP D 125 51.18 18.45 0.59
CA ASP D 125 51.66 19.27 -0.52
C ASP D 125 52.26 20.56 0.06
N TYR D 126 51.60 21.16 1.03
CA TYR D 126 52.12 22.38 1.64
C TYR D 126 53.42 22.12 2.39
N VAL D 127 53.32 21.39 3.49
CA VAL D 127 54.46 21.07 4.30
C VAL D 127 55.68 20.67 3.47
N PHE D 128 55.51 19.78 2.50
CA PHE D 128 56.61 19.34 1.65
C PHE D 128 57.27 20.55 1.03
N SER D 129 56.50 21.23 0.19
CA SER D 129 56.97 22.42 -0.50
C SER D 129 57.74 23.32 0.45
N LEU D 130 57.16 23.57 1.63
CA LEU D 130 57.79 24.41 2.63
C LEU D 130 59.16 23.90 3.04
N LEU D 131 59.24 22.62 3.43
CA LEU D 131 60.49 22.01 3.84
C LEU D 131 61.55 22.12 2.75
N THR D 132 61.33 21.47 1.63
CA THR D 132 62.30 21.55 0.53
C THR D 132 61.97 22.77 -0.31
N GLY D 133 62.22 23.96 0.22
CA GLY D 133 61.89 25.15 -0.56
C GLY D 133 62.41 26.50 -0.14
N TYR D 134 63.38 26.55 0.78
CA TYR D 134 63.93 27.84 1.16
C TYR D 134 64.87 28.36 0.07
N CYS D 135 65.04 29.67 0.01
CA CYS D 135 65.91 30.30 -0.98
C CYS D 135 66.08 31.76 -0.65
N GLU D 136 67.08 32.41 -1.24
CA GLU D 136 67.32 33.83 -0.98
C GLU D 136 66.14 34.72 -1.41
N PRO D 137 65.81 35.72 -0.58
CA PRO D 137 64.71 36.62 -0.88
C PRO D 137 64.93 37.37 -2.17
N PRO D 138 63.87 37.63 -2.93
CA PRO D 138 63.96 38.36 -4.20
C PRO D 138 64.32 39.80 -3.89
N THR D 139 64.76 40.54 -4.91
CA THR D 139 65.17 41.92 -4.74
C THR D 139 64.10 42.87 -4.21
N GLY D 140 64.53 43.83 -3.41
CA GLY D 140 63.59 44.77 -2.84
C GLY D 140 63.02 44.23 -1.53
N VAL D 141 63.08 42.91 -1.38
CA VAL D 141 62.57 42.26 -0.19
C VAL D 141 63.68 41.86 0.77
N SER D 142 63.55 42.29 2.02
CA SER D 142 64.54 41.97 3.04
C SER D 142 63.91 41.40 4.32
N VAL D 143 64.39 40.22 4.71
CA VAL D 143 63.92 39.53 5.91
C VAL D 143 64.71 39.96 7.13
N ARG D 144 64.04 40.12 8.27
CA ARG D 144 64.73 40.57 9.47
C ARG D 144 65.52 39.51 10.25
N GLU D 145 66.32 39.98 11.20
CA GLU D 145 67.16 39.17 12.07
C GLU D 145 66.41 38.01 12.69
N GLY D 146 66.92 36.79 12.50
CA GLY D 146 66.29 35.63 13.09
C GLY D 146 65.24 34.91 12.28
N LEU D 147 64.80 35.51 11.19
CA LEU D 147 63.80 34.91 10.32
C LEU D 147 64.47 34.43 9.04
N TYR D 148 63.86 33.47 8.35
CA TYR D 148 64.44 32.92 7.12
C TYR D 148 63.45 32.95 5.96
N PHE D 149 63.84 33.57 4.85
CA PHE D 149 62.92 33.66 3.72
C PHE D 149 62.54 32.29 3.20
N ASN D 150 61.25 32.16 2.93
CA ASN D 150 60.67 30.94 2.37
C ASN D 150 59.42 31.47 1.68
N PRO D 151 59.38 31.40 0.35
CA PRO D 151 58.24 31.86 -0.44
C PRO D 151 56.93 31.18 -0.07
N TYR D 152 56.97 29.87 0.07
CA TYR D 152 55.78 29.11 0.40
C TYR D 152 55.08 29.47 1.69
N PHE D 153 55.77 30.18 2.58
CA PHE D 153 55.20 30.57 3.87
C PHE D 153 54.64 31.98 3.85
N PRO D 154 53.36 32.15 4.23
CA PRO D 154 52.81 33.51 4.23
C PRO D 154 53.69 34.52 4.97
N GLY D 155 54.08 35.58 4.25
CA GLY D 155 54.92 36.60 4.83
C GLY D 155 56.35 36.35 4.39
N GLN D 156 56.56 35.12 3.91
CA GLN D 156 57.85 34.64 3.42
C GLN D 156 59.01 34.67 4.41
N ALA D 157 58.71 34.93 5.67
CA ALA D 157 59.71 34.96 6.74
C ALA D 157 59.29 33.97 7.83
N ILE D 158 59.96 32.83 7.92
CA ILE D 158 59.67 31.82 8.94
C ILE D 158 60.65 31.86 10.08
N GLY D 159 60.17 31.64 11.30
CA GLY D 159 61.06 31.63 12.43
C GLY D 159 61.84 30.34 12.39
N MET D 160 61.45 29.45 11.48
CA MET D 160 62.11 28.16 11.33
C MET D 160 63.19 28.15 10.25
N ALA D 161 64.39 27.80 10.64
CA ALA D 161 65.51 27.71 9.72
C ALA D 161 65.38 26.39 8.99
N PRO D 162 65.92 26.29 7.77
CA PRO D 162 65.82 25.03 7.03
C PRO D 162 66.25 23.90 7.93
N PRO D 163 65.32 23.06 8.37
CA PRO D 163 65.52 21.92 9.25
C PRO D 163 65.94 20.62 8.58
N ILE D 164 66.05 20.62 7.27
CA ILE D 164 66.37 19.37 6.64
C ILE D 164 67.26 19.45 5.39
N TYR D 165 68.45 18.85 5.50
CA TYR D 165 69.42 18.79 4.39
C TYR D 165 69.79 17.33 4.15
N ASN D 166 70.60 17.05 3.14
CA ASN D 166 70.96 15.66 2.87
C ASN D 166 71.54 14.98 4.10
N ASP D 167 71.26 13.70 4.23
CA ASP D 167 71.71 12.93 5.38
C ASP D 167 71.07 13.42 6.68
N VAL D 168 71.78 14.18 7.51
CA VAL D 168 71.17 14.65 8.76
C VAL D 168 70.79 13.45 9.62
N LEU D 169 70.39 12.37 8.94
CA LEU D 169 70.02 11.12 9.57
C LEU D 169 70.28 10.02 8.56
N GLU D 170 70.11 8.78 8.96
CA GLU D 170 70.34 7.67 8.04
C GLU D 170 69.24 6.63 8.15
N PHE D 171 68.34 6.63 7.18
CA PHE D 171 67.25 5.66 7.17
C PHE D 171 67.92 4.30 7.27
N ASP D 172 67.57 3.53 8.30
CA ASP D 172 68.19 2.23 8.50
C ASP D 172 67.69 1.13 7.56
N ASP D 173 66.53 1.34 6.95
CA ASP D 173 66.01 0.34 6.05
C ASP D 173 66.91 0.30 4.84
N GLY D 174 67.82 1.25 4.78
CA GLY D 174 68.74 1.32 3.67
C GLY D 174 68.07 2.10 2.57
N THR D 175 67.99 3.42 2.76
CA THR D 175 67.36 4.30 1.79
C THR D 175 68.10 5.62 1.65
N PRO D 176 68.37 6.03 0.41
CA PRO D 176 69.07 7.24 -0.01
C PRO D 176 68.45 8.50 0.58
N ALA D 177 68.89 8.83 1.78
CA ALA D 177 68.38 9.99 2.50
C ALA D 177 68.67 11.36 1.93
N THR D 178 68.01 11.71 0.83
CA THR D 178 68.20 13.04 0.25
C THR D 178 67.11 13.92 0.81
N MET D 179 67.43 15.18 1.09
CA MET D 179 66.46 16.12 1.64
C MET D 179 65.08 15.87 1.07
N SER D 180 64.98 16.00 -0.25
CA SER D 180 63.73 15.81 -0.93
C SER D 180 63.08 14.53 -0.47
N GLN D 181 63.80 13.43 -0.58
CA GLN D 181 63.27 12.13 -0.19
C GLN D 181 62.89 12.10 1.28
N VAL D 182 63.81 12.44 2.18
CA VAL D 182 63.47 12.42 3.59
C VAL D 182 62.21 13.23 3.87
N ALA D 183 62.08 14.43 3.32
CA ALA D 183 60.88 15.25 3.55
C ALA D 183 59.60 14.56 3.13
N LYS D 184 59.66 13.74 2.09
CA LYS D 184 58.51 13.00 1.63
C LYS D 184 57.97 12.12 2.74
N ASP D 185 58.82 11.25 3.28
CA ASP D 185 58.39 10.35 4.34
C ASP D 185 57.82 11.13 5.53
N VAL D 186 58.48 12.20 5.93
CA VAL D 186 58.03 13.00 7.07
C VAL D 186 56.61 13.43 6.80
N CYS D 187 56.33 13.78 5.56
CA CYS D 187 55.00 14.21 5.24
C CYS D 187 54.04 13.05 5.34
N THR D 188 54.32 11.91 4.70
CA THR D 188 53.39 10.80 4.81
C THR D 188 53.18 10.43 6.27
N PHE D 189 54.13 10.76 7.13
CA PHE D 189 53.97 10.48 8.54
C PHE D 189 52.91 11.45 9.03
N LEU D 190 53.21 12.74 8.93
CA LEU D 190 52.30 13.77 9.37
C LEU D 190 50.86 13.45 8.98
N ARG D 191 50.70 12.84 7.82
CA ARG D 191 49.37 12.47 7.36
C ARG D 191 48.82 11.49 8.32
N TRP D 192 49.46 10.34 8.43
CA TRP D 192 49.02 9.32 9.36
C TRP D 192 48.79 9.89 10.77
N ALA D 193 49.75 10.64 11.28
CA ALA D 193 49.63 11.21 12.61
C ALA D 193 48.37 12.06 12.78
N ALA D 194 47.91 12.65 11.70
CA ALA D 194 46.74 13.49 11.77
C ALA D 194 45.44 12.70 11.64
N GLU D 195 45.45 11.59 10.92
CA GLU D 195 44.24 10.82 10.77
C GLU D 195 44.54 9.36 10.54
N PRO D 196 44.94 8.66 11.61
CA PRO D 196 45.29 7.25 11.68
C PRO D 196 44.24 6.35 11.04
N GLU D 197 43.02 6.86 10.98
CA GLU D 197 41.94 6.11 10.37
C GLU D 197 42.37 5.84 8.93
N HIS D 198 42.58 6.90 8.17
CA HIS D 198 42.97 6.80 6.75
C HIS D 198 42.66 5.47 6.08
N ASP D 199 43.62 4.54 6.09
CA ASP D 199 43.43 3.23 5.47
C ASP D 199 42.10 2.56 5.84
N HIS D 200 41.77 2.56 7.13
CA HIS D 200 40.52 1.95 7.58
C HIS D 200 39.33 2.68 6.97
N ARG D 201 39.39 4.01 7.05
CA ARG D 201 38.33 4.84 6.53
C ARG D 201 38.08 4.64 5.05
N LYS D 202 39.12 4.29 4.30
CA LYS D 202 38.96 4.08 2.87
C LYS D 202 38.48 2.69 2.48
N ARG D 203 39.03 1.67 3.13
CA ARG D 203 38.61 0.30 2.84
C ARG D 203 37.12 0.29 3.08
N MET D 204 36.72 1.10 4.05
CA MET D 204 35.33 1.25 4.43
C MET D 204 34.61 1.97 3.31
N GLY D 205 35.17 3.07 2.83
CA GLY D 205 34.58 3.81 1.73
C GLY D 205 34.31 2.89 0.56
N LEU D 206 35.22 1.95 0.32
CA LEU D 206 35.04 1.00 -0.78
C LEU D 206 33.78 0.21 -0.53
N LYS D 207 33.74 -0.48 0.59
CA LYS D 207 32.58 -1.29 0.94
C LYS D 207 31.26 -0.55 0.87
N MET D 208 31.27 0.75 1.15
CA MET D 208 30.04 1.57 1.11
C MET D 208 29.62 1.81 -0.31
N LEU D 209 30.61 2.11 -1.15
CA LEU D 209 30.34 2.38 -2.54
C LEU D 209 29.71 1.16 -3.20
N LEU D 210 30.19 -0.04 -2.86
CA LEU D 210 29.63 -1.24 -3.44
C LEU D 210 28.21 -1.49 -2.96
N MET D 211 27.91 -1.10 -1.74
CA MET D 211 26.56 -1.29 -1.21
C MET D 211 25.62 -0.34 -1.90
N MET D 212 26.00 0.93 -1.99
CA MET D 212 25.18 1.90 -2.69
C MET D 212 24.94 1.35 -4.09
N GLY D 213 26.01 0.91 -4.74
CA GLY D 213 25.89 0.38 -6.07
C GLY D 213 24.80 -0.67 -6.15
N LEU D 214 24.83 -1.63 -5.24
CA LEU D 214 23.88 -2.74 -5.18
C LEU D 214 22.54 -2.39 -4.55
N LEU D 215 22.57 -1.64 -3.47
CA LEU D 215 21.33 -1.31 -2.82
C LEU D 215 20.41 -0.40 -3.63
N VAL D 216 20.90 0.72 -4.14
CA VAL D 216 19.99 1.58 -4.88
C VAL D 216 19.28 0.91 -6.08
N PRO D 217 20.01 0.17 -6.94
CA PRO D 217 19.32 -0.46 -8.07
C PRO D 217 18.21 -1.38 -7.59
N LEU D 218 18.47 -2.15 -6.55
CA LEU D 218 17.41 -3.01 -6.04
C LEU D 218 16.17 -2.18 -5.66
N VAL D 219 16.32 -1.27 -4.70
CA VAL D 219 15.18 -0.46 -4.33
C VAL D 219 14.66 0.33 -5.53
N TYR D 220 15.51 0.58 -6.50
CA TYR D 220 15.01 1.30 -7.68
C TYR D 220 14.05 0.39 -8.44
N TYR D 221 14.48 -0.85 -8.66
CA TYR D 221 13.64 -1.83 -9.35
C TYR D 221 12.38 -2.05 -8.56
N MET D 222 12.53 -2.05 -7.24
CA MET D 222 11.39 -2.27 -6.36
C MET D 222 10.40 -1.14 -6.42
N LYS D 223 10.91 0.08 -6.43
CA LYS D 223 10.09 1.30 -6.50
C LYS D 223 9.35 1.32 -7.83
N ARG D 224 10.09 0.99 -8.88
CA ARG D 224 9.58 0.97 -10.23
C ARG D 224 8.50 -0.06 -10.38
N HIS D 225 8.69 -1.19 -9.68
CA HIS D 225 7.77 -2.33 -9.68
C HIS D 225 6.43 -2.00 -9.08
N LYS D 226 6.42 -1.50 -7.85
CA LYS D 226 5.16 -1.15 -7.23
C LYS D 226 4.46 -0.10 -8.06
N TRP D 227 5.17 0.97 -8.41
CA TRP D 227 4.53 2.01 -9.20
C TRP D 227 3.91 1.57 -10.53
N SER D 228 4.64 0.83 -11.36
CA SER D 228 4.11 0.38 -12.65
C SER D 228 2.57 0.37 -12.77
N VAL D 229 1.89 -0.08 -11.72
CA VAL D 229 0.45 -0.14 -11.69
C VAL D 229 -0.17 1.22 -12.02
N LEU D 230 0.58 2.28 -11.88
CA LEU D 230 0.11 3.63 -12.18
C LEU D 230 0.68 4.10 -13.51
N LYS D 231 2.02 4.08 -13.61
CA LYS D 231 2.68 4.47 -14.84
C LYS D 231 1.99 3.89 -16.08
N SER D 232 1.50 2.67 -15.94
CA SER D 232 0.88 1.96 -17.04
C SER D 232 -0.62 2.18 -17.15
N ARG D 233 -1.24 2.54 -16.03
CA ARG D 233 -2.68 2.80 -15.90
C ARG D 233 -3.31 3.44 -17.14
N LYS D 234 -4.63 3.32 -17.29
CA LYS D 234 -5.30 3.92 -18.44
C LYS D 234 -6.70 4.44 -18.09
N LEU D 235 -6.89 5.75 -18.23
CA LEU D 235 -8.17 6.39 -17.94
C LEU D 235 -9.06 6.32 -19.17
N ALA D 236 -10.30 6.77 -19.01
CA ALA D 236 -11.30 6.79 -20.07
C ALA D 236 -12.54 7.47 -19.51
N TYR D 237 -13.13 8.38 -20.26
CA TYR D 237 -14.33 9.08 -19.80
C TYR D 237 -15.55 8.62 -20.61
N ARG D 238 -16.57 8.09 -19.94
CA ARG D 238 -17.75 7.58 -20.62
C ARG D 238 -19.11 8.09 -20.20
N PRO D 239 -19.38 9.40 -20.36
CA PRO D 239 -20.69 9.93 -19.96
C PRO D 239 -21.74 9.25 -20.83
N PRO D 240 -22.89 8.88 -20.25
CA PRO D 240 -23.98 8.22 -20.98
C PRO D 240 -24.53 9.11 -22.09
N LYS D 241 -24.07 10.37 -22.11
CA LYS D 241 -24.49 11.36 -23.10
C LYS D 241 -26.00 11.62 -23.07
N SER E 1 -24.47 1.75 -22.65
CA SER E 1 -24.34 0.32 -22.25
C SER E 1 -22.88 -0.13 -22.08
N HIS E 2 -22.62 -0.87 -20.98
CA HIS E 2 -21.29 -1.34 -20.64
C HIS E 2 -20.78 -2.42 -21.59
N THR E 3 -21.71 -3.14 -22.17
CA THR E 3 -21.34 -4.19 -23.11
C THR E 3 -20.42 -3.57 -24.16
N ASP E 4 -20.58 -2.27 -24.39
CA ASP E 4 -19.79 -1.50 -25.35
C ASP E 4 -18.39 -1.13 -24.85
N ILE E 5 -17.87 -1.83 -23.85
CA ILE E 5 -16.55 -1.46 -23.34
C ILE E 5 -15.52 -2.56 -23.23
N LYS E 6 -14.35 -2.27 -23.79
CA LYS E 6 -13.21 -3.18 -23.79
C LYS E 6 -12.06 -2.65 -22.94
N VAL E 7 -11.13 -3.53 -22.61
CA VAL E 7 -9.97 -3.16 -21.83
C VAL E 7 -8.87 -2.88 -22.84
N PRO E 8 -8.24 -1.72 -22.77
CA PRO E 8 -7.20 -1.44 -23.76
C PRO E 8 -6.14 -2.53 -23.78
N ASN E 9 -5.21 -2.40 -24.72
CA ASN E 9 -4.13 -3.36 -24.92
C ASN E 9 -2.84 -2.99 -24.17
N PHE E 10 -2.39 -3.88 -23.29
CA PHE E 10 -1.15 -3.65 -22.56
C PHE E 10 -0.16 -4.62 -23.18
N SER E 11 -0.68 -5.38 -24.13
CA SER E 11 0.08 -6.40 -24.83
C SER E 11 1.33 -5.71 -25.37
N ASP E 12 2.47 -6.35 -25.16
CA ASP E 12 3.72 -5.80 -25.59
C ASP E 12 3.90 -4.49 -24.85
N TYR E 13 3.03 -3.55 -25.18
CA TYR E 13 3.04 -2.25 -24.59
C TYR E 13 3.69 -2.29 -23.22
N ARG E 14 3.23 -3.19 -22.34
CA ARG E 14 3.77 -3.29 -20.98
C ARG E 14 4.03 -4.73 -20.54
N ARG E 15 3.14 -5.63 -20.89
CA ARG E 15 3.28 -7.03 -20.52
C ARG E 15 4.66 -7.62 -20.77
N PRO E 16 5.20 -8.39 -19.82
CA PRO E 16 6.51 -8.99 -20.02
C PRO E 16 6.33 -10.14 -21.00
N PRO E 17 7.32 -10.37 -21.87
CA PRO E 17 7.32 -11.42 -22.89
C PRO E 17 6.70 -12.77 -22.62
N ASP E 18 6.31 -13.06 -21.39
CA ASP E 18 5.67 -14.35 -21.17
C ASP E 18 4.17 -14.17 -21.17
N ASP E 19 3.71 -12.97 -21.53
CA ASP E 19 2.29 -12.68 -21.53
C ASP E 19 1.63 -12.24 -22.80
N TYR E 20 1.15 -13.21 -23.58
CA TYR E 20 0.42 -12.96 -24.82
C TYR E 20 -0.52 -14.14 -25.09
N SER E 21 -1.80 -13.85 -24.98
CA SER E 21 -2.92 -14.80 -25.10
C SER E 21 -2.73 -16.09 -25.86
N THR E 22 -3.60 -17.05 -25.51
CA THR E 22 -3.64 -18.41 -26.06
C THR E 22 -2.58 -19.27 -25.38
N LYS E 23 -1.98 -18.71 -24.33
CA LYS E 23 -0.93 -19.36 -23.55
C LYS E 23 -1.21 -19.05 -22.09
N SER E 24 -1.31 -20.09 -21.26
CA SER E 24 -1.59 -19.87 -19.85
C SER E 24 -0.64 -18.90 -19.18
N SER E 25 -1.21 -17.88 -18.58
CA SER E 25 -0.42 -16.91 -17.88
C SER E 25 0.18 -17.59 -16.66
N ARG E 26 -0.55 -18.55 -16.09
CA ARG E 26 -0.06 -19.20 -14.89
C ARG E 26 1.19 -20.05 -14.94
N GLU E 27 1.45 -20.74 -16.05
CA GLU E 27 2.66 -21.57 -16.10
C GLU E 27 3.88 -20.68 -16.05
N SER E 28 3.74 -19.50 -16.60
CA SER E 28 4.86 -18.56 -16.65
C SER E 28 5.03 -17.61 -15.50
N ASP E 29 4.04 -17.46 -14.63
CA ASP E 29 4.27 -16.47 -13.59
C ASP E 29 4.87 -16.86 -12.25
N PRO E 30 4.90 -18.15 -11.91
CA PRO E 30 5.54 -18.43 -10.62
C PRO E 30 7.01 -18.06 -10.84
N SER E 31 7.36 -17.95 -12.11
CA SER E 31 8.70 -17.60 -12.57
C SER E 31 8.75 -16.08 -12.51
N ARG E 32 7.67 -15.42 -12.90
CA ARG E 32 7.64 -13.96 -12.84
C ARG E 32 7.71 -13.40 -11.41
N LYS E 33 7.03 -14.05 -10.47
CA LYS E 33 7.06 -13.62 -9.07
C LYS E 33 8.40 -14.02 -8.46
N GLY E 34 8.93 -15.13 -8.93
CA GLY E 34 10.21 -15.58 -8.44
C GLY E 34 11.28 -14.53 -8.63
N PHE E 35 11.29 -13.89 -9.79
CA PHE E 35 12.28 -12.86 -10.07
C PHE E 35 12.12 -11.70 -9.12
N SER E 36 10.98 -11.03 -9.21
CA SER E 36 10.67 -9.88 -8.39
C SER E 36 11.03 -10.15 -6.94
N TYR E 37 10.40 -11.15 -6.33
CA TYR E 37 10.71 -11.44 -4.94
C TYR E 37 12.21 -11.67 -4.73
N LEU E 38 12.87 -12.21 -5.72
CA LEU E 38 14.30 -12.43 -5.59
C LEU E 38 14.96 -11.09 -5.44
N VAL E 39 14.57 -10.13 -6.26
CA VAL E 39 15.16 -8.80 -6.18
C VAL E 39 14.93 -8.23 -4.79
N THR E 40 13.71 -8.39 -4.29
CA THR E 40 13.39 -7.88 -2.96
C THR E 40 14.14 -8.71 -1.90
N ALA E 41 14.11 -10.02 -2.05
CA ALA E 41 14.81 -10.88 -1.12
C ALA E 41 16.25 -10.42 -0.99
N VAL E 42 16.87 -10.06 -2.11
CA VAL E 42 18.25 -9.60 -2.13
C VAL E 42 18.44 -8.28 -1.40
N THR E 43 17.49 -7.37 -1.56
CA THR E 43 17.60 -6.06 -0.90
C THR E 43 17.52 -6.20 0.59
N THR E 44 16.57 -6.96 1.08
CA THR E 44 16.45 -7.14 2.52
C THR E 44 17.81 -7.67 2.97
N LEU E 45 18.30 -8.62 2.19
CA LEU E 45 19.56 -9.27 2.41
C LEU E 45 20.73 -8.26 2.46
N GLY E 46 20.91 -7.49 1.39
CA GLY E 46 21.97 -6.49 1.32
C GLY E 46 21.83 -5.51 2.46
N VAL E 47 20.60 -5.09 2.73
CA VAL E 47 20.31 -4.15 3.80
C VAL E 47 20.73 -4.66 5.15
N ALA E 48 20.40 -5.90 5.46
CA ALA E 48 20.76 -6.46 6.76
C ALA E 48 22.24 -6.22 6.95
N TYR E 49 23.02 -6.71 6.01
CA TYR E 49 24.46 -6.53 6.07
C TYR E 49 24.74 -5.13 6.63
N ALA E 50 24.46 -4.10 5.83
CA ALA E 50 24.67 -2.71 6.25
C ALA E 50 24.27 -2.44 7.70
N ALA E 51 23.04 -2.74 8.06
CA ALA E 51 22.54 -2.52 9.42
C ALA E 51 23.37 -3.28 10.45
N LYS E 52 23.62 -4.55 10.20
CA LYS E 52 24.41 -5.36 11.12
C LYS E 52 25.69 -4.59 11.47
N ASN E 53 26.34 -4.02 10.46
CA ASN E 53 27.55 -3.25 10.70
C ASN E 53 27.28 -1.97 11.47
N VAL E 54 26.63 -1.00 10.85
CA VAL E 54 26.34 0.24 11.55
C VAL E 54 25.91 0.04 12.98
N VAL E 55 24.99 -0.89 13.22
CA VAL E 55 24.56 -1.12 14.59
C VAL E 55 25.70 -1.59 15.47
N THR E 56 26.44 -2.61 15.04
CA THR E 56 27.53 -3.03 15.88
C THR E 56 28.61 -1.98 16.02
N GLN E 57 28.88 -1.21 14.96
CA GLN E 57 29.90 -0.18 15.05
C GLN E 57 29.55 0.80 16.19
N PHE E 58 28.29 1.25 16.22
CA PHE E 58 27.85 2.17 17.25
C PHE E 58 27.84 1.49 18.61
N VAL E 59 27.58 0.19 18.62
CA VAL E 59 27.54 -0.53 19.89
C VAL E 59 28.96 -0.74 20.46
N SER E 60 29.96 -0.17 19.81
CA SER E 60 31.33 -0.30 20.30
C SER E 60 31.86 1.05 20.72
N SER E 61 31.29 2.10 20.14
CA SER E 61 31.67 3.48 20.44
C SER E 61 31.04 3.74 21.77
N MET E 62 30.99 2.69 22.57
CA MET E 62 30.38 2.74 23.87
C MET E 62 31.29 1.91 24.76
N SER E 63 31.84 0.88 24.13
CA SER E 63 32.76 -0.05 24.77
C SER E 63 34.04 0.71 25.12
N ALA E 64 34.91 0.12 25.94
CA ALA E 64 36.14 0.80 26.36
C ALA E 64 37.07 1.10 25.22
N SER E 65 37.56 2.34 25.21
CA SER E 65 38.44 2.86 24.16
C SER E 65 39.92 2.55 24.29
N ALA E 66 40.61 2.73 23.16
CA ALA E 66 42.04 2.48 23.04
C ALA E 66 42.87 2.95 24.22
N ASP E 67 42.58 4.16 24.70
CA ASP E 67 43.34 4.71 25.83
C ASP E 67 43.12 3.92 27.09
N VAL E 68 41.97 3.27 27.22
CA VAL E 68 41.69 2.47 28.40
C VAL E 68 42.25 1.06 28.28
N LEU E 69 41.92 0.36 27.20
CA LEU E 69 42.46 -0.97 27.04
C LEU E 69 43.97 -0.96 27.19
N ALA E 70 44.57 0.22 27.03
CA ALA E 70 46.02 0.34 27.11
C ALA E 70 46.55 0.03 28.50
N MET E 71 45.78 0.40 29.50
CA MET E 71 46.14 0.15 30.89
C MET E 71 45.44 -1.10 31.40
N SER E 72 45.02 -1.93 30.47
CA SER E 72 44.31 -3.16 30.79
C SER E 72 45.20 -4.25 31.39
N LYS E 73 46.35 -4.50 30.75
CA LYS E 73 47.27 -5.54 31.19
C LYS E 73 48.63 -4.98 31.61
N ILE E 74 49.29 -5.68 32.54
CA ILE E 74 50.58 -5.26 33.07
C ILE E 74 51.69 -6.32 33.05
N GLU E 75 52.86 -5.93 32.54
CA GLU E 75 54.05 -6.79 32.43
C GLU E 75 55.02 -6.52 33.58
N ILE E 76 55.33 -7.55 34.39
CA ILE E 76 56.25 -7.35 35.51
C ILE E 76 57.50 -8.27 35.49
N LYS E 77 58.68 -7.65 35.63
CA LYS E 77 59.95 -8.37 35.65
C LYS E 77 60.25 -8.93 37.04
N LEU E 78 60.10 -10.26 37.15
CA LEU E 78 60.33 -10.99 38.40
C LEU E 78 61.75 -10.83 38.96
N SER E 79 62.73 -10.80 38.05
CA SER E 79 64.15 -10.69 38.40
C SER E 79 64.56 -9.38 39.08
N ASP E 80 63.74 -8.34 38.95
CA ASP E 80 64.06 -7.06 39.58
C ASP E 80 63.47 -6.96 40.99
N ILE E 81 62.84 -8.05 41.43
CA ILE E 81 62.27 -8.13 42.77
C ILE E 81 62.85 -9.36 43.48
N PRO E 82 64.05 -9.23 44.07
CA PRO E 82 64.71 -10.33 44.80
C PRO E 82 63.90 -10.79 46.05
N GLU E 83 64.29 -11.95 46.59
CA GLU E 83 63.65 -12.55 47.76
C GLU E 83 63.66 -11.65 49.01
N GLY E 84 62.56 -11.69 49.78
CA GLY E 84 62.46 -10.92 51.02
C GLY E 84 61.72 -9.59 51.03
N LYS E 85 61.65 -8.88 49.89
CA LYS E 85 60.96 -7.58 49.84
C LYS E 85 59.64 -7.57 49.06
N ASN E 86 58.72 -6.70 49.49
CA ASN E 86 57.41 -6.58 48.84
C ASN E 86 57.31 -5.30 47.98
N MET E 87 57.10 -5.50 46.67
CA MET E 87 57.03 -4.41 45.71
C MET E 87 55.60 -3.98 45.34
N ALA E 88 55.40 -2.66 45.25
CA ALA E 88 54.10 -2.08 44.90
C ALA E 88 54.11 -1.48 43.48
N PHE E 89 53.08 -1.83 42.70
CA PHE E 89 52.92 -1.33 41.33
C PHE E 89 51.51 -0.78 41.12
N LYS E 90 51.31 -0.06 40.02
CA LYS E 90 50.00 0.50 39.75
C LYS E 90 49.34 -0.27 38.62
N TRP E 91 48.12 -0.75 38.88
CA TRP E 91 47.37 -1.52 37.89
C TRP E 91 45.87 -1.27 38.05
N ARG E 92 45.23 -0.80 36.98
CA ARG E 92 43.80 -0.50 37.02
C ARG E 92 43.54 0.45 38.17
N GLY E 93 44.43 1.44 38.29
CA GLY E 93 44.32 2.47 39.31
C GLY E 93 44.48 2.03 40.75
N LYS E 94 44.81 0.77 40.96
CA LYS E 94 44.97 0.26 42.32
C LYS E 94 46.35 -0.38 42.44
N PRO E 95 46.88 -0.45 43.67
CA PRO E 95 48.21 -1.05 43.87
C PRO E 95 48.22 -2.58 43.64
N LEU E 96 49.26 -3.06 42.95
CA LEU E 96 49.41 -4.48 42.66
C LEU E 96 50.70 -4.98 43.35
N PHE E 97 50.50 -5.87 44.31
CA PHE E 97 51.57 -6.43 45.11
C PHE E 97 52.23 -7.71 44.58
N VAL E 98 53.55 -7.63 44.41
CA VAL E 98 54.36 -8.75 43.93
C VAL E 98 55.54 -8.95 44.90
N ARG E 99 55.48 -10.01 45.69
CA ARG E 99 56.55 -10.29 46.66
C ARG E 99 57.30 -11.61 46.47
N HIS E 100 58.62 -11.52 46.60
CA HIS E 100 59.51 -12.69 46.49
C HIS E 100 59.67 -13.25 47.89
N ARG E 101 59.24 -14.50 48.09
CA ARG E 101 59.31 -15.13 49.41
C ARG E 101 60.55 -15.98 49.72
N THR E 102 61.01 -15.88 50.98
CA THR E 102 62.16 -16.65 51.49
C THR E 102 61.57 -17.82 52.31
N LYS E 103 62.42 -18.78 52.70
CA LYS E 103 61.96 -19.94 53.46
C LYS E 103 61.01 -19.57 54.62
N LYS E 104 61.40 -18.57 55.41
CA LYS E 104 60.63 -18.10 56.56
C LYS E 104 59.20 -17.70 56.19
N GLU E 105 59.09 -16.88 55.14
CA GLU E 105 57.79 -16.41 54.63
C GLU E 105 56.97 -17.58 54.04
N ILE E 106 57.63 -18.37 53.19
CA ILE E 106 56.98 -19.50 52.53
C ILE E 106 56.33 -20.52 53.47
N ASP E 107 57.18 -21.36 54.04
CA ASP E 107 56.77 -22.47 54.92
C ASP E 107 55.83 -22.13 56.06
N GLN E 108 56.10 -21.04 56.78
CA GLN E 108 55.26 -20.63 57.92
C GLN E 108 53.80 -20.44 57.47
N GLU E 109 53.66 -20.08 56.19
CA GLU E 109 52.35 -19.83 55.55
C GLU E 109 51.57 -21.07 55.05
N ALA E 110 52.29 -22.10 54.58
CA ALA E 110 51.69 -23.32 54.02
C ALA E 110 51.13 -24.37 55.01
N ALA E 111 51.56 -24.30 56.28
CA ALA E 111 51.17 -25.27 57.31
C ALA E 111 49.82 -25.13 58.08
N VAL E 112 49.28 -23.91 58.21
CA VAL E 112 48.00 -23.74 58.93
C VAL E 112 46.75 -24.23 58.16
N GLU E 113 45.76 -24.74 58.92
CA GLU E 113 44.53 -25.29 58.37
C GLU E 113 43.47 -24.34 57.80
N VAL E 114 43.06 -24.64 56.57
CA VAL E 114 42.06 -23.90 55.77
C VAL E 114 40.67 -23.71 56.42
N SER E 115 40.14 -24.78 57.04
CA SER E 115 38.83 -24.72 57.70
C SER E 115 38.85 -23.93 59.01
N GLN E 116 40.03 -23.36 59.34
CA GLN E 116 40.20 -22.54 60.54
C GLN E 116 40.08 -21.02 60.21
N LEU E 117 40.11 -20.72 58.91
CA LEU E 117 40.02 -19.35 58.36
C LEU E 117 38.59 -18.85 58.04
N ARG E 118 38.40 -17.53 58.10
CA ARG E 118 37.12 -16.90 57.78
C ARG E 118 36.95 -16.99 56.25
N ASP E 119 38.08 -16.95 55.55
CA ASP E 119 38.14 -17.10 54.09
C ASP E 119 39.08 -18.32 53.90
N PRO E 120 38.51 -19.54 54.03
CA PRO E 120 39.27 -20.78 53.88
C PRO E 120 40.03 -20.88 52.55
N GLN E 121 41.35 -20.73 52.60
CA GLN E 121 42.12 -20.84 51.37
C GLN E 121 43.55 -21.34 51.53
N HIS E 122 43.84 -22.41 50.79
CA HIS E 122 45.15 -23.06 50.76
C HIS E 122 46.04 -22.19 49.85
N ASP E 123 47.09 -21.62 50.43
CA ASP E 123 47.96 -20.73 49.67
C ASP E 123 48.46 -21.36 48.37
N LEU E 124 48.73 -22.66 48.41
CA LEU E 124 49.22 -23.38 47.23
C LEU E 124 48.09 -23.66 46.22
N GLU E 125 46.87 -23.28 46.58
CA GLU E 125 45.71 -23.45 45.70
C GLU E 125 45.41 -22.03 45.20
N ARG E 126 46.19 -21.07 45.72
CA ARG E 126 46.10 -19.64 45.40
C ARG E 126 47.30 -19.17 44.58
N VAL E 127 48.30 -20.03 44.40
CA VAL E 127 49.52 -19.66 43.68
C VAL E 127 50.01 -20.59 42.55
N LYS E 128 50.74 -19.98 41.60
CA LYS E 128 51.30 -20.70 40.45
C LYS E 128 52.77 -21.06 40.77
N LYS E 129 53.51 -20.06 41.24
CA LYS E 129 54.92 -20.23 41.60
C LYS E 129 55.13 -19.81 43.05
N PRO E 130 55.81 -20.66 43.85
CA PRO E 130 56.12 -20.48 45.28
C PRO E 130 56.88 -19.20 45.71
N GLU E 131 57.86 -18.80 44.92
CA GLU E 131 58.65 -17.62 45.21
C GLU E 131 57.88 -16.35 44.79
N TRP E 132 56.67 -16.54 44.26
CA TRP E 132 55.85 -15.41 43.77
C TRP E 132 54.43 -15.20 44.31
N VAL E 133 54.21 -14.01 44.86
CA VAL E 133 52.92 -13.61 45.39
C VAL E 133 52.39 -12.38 44.60
N ILE E 134 51.19 -12.53 44.05
CA ILE E 134 50.54 -11.50 43.26
C ILE E 134 49.20 -11.15 43.89
N LEU E 135 49.09 -9.95 44.42
CA LEU E 135 47.87 -9.53 45.08
C LEU E 135 47.32 -8.16 44.69
N ILE E 136 46.02 -7.99 44.90
CA ILE E 136 45.33 -6.74 44.63
C ILE E 136 45.60 -5.93 45.90
N GLY E 137 46.25 -4.77 45.77
CA GLY E 137 46.57 -4.00 46.94
C GLY E 137 45.43 -3.29 47.65
N VAL E 138 44.32 -4.00 47.85
CA VAL E 138 43.15 -3.42 48.51
C VAL E 138 42.53 -4.36 49.55
N CYS E 139 42.46 -3.89 50.79
CA CYS E 139 41.89 -4.68 51.89
C CYS E 139 40.42 -4.98 51.61
N THR E 140 40.01 -6.22 51.87
CA THR E 140 38.63 -6.66 51.63
C THR E 140 37.62 -6.08 52.63
N HIS E 141 38.13 -5.38 53.65
CA HIS E 141 37.26 -4.77 54.65
C HIS E 141 36.53 -3.52 54.13
N LEU E 142 37.27 -2.42 53.95
CA LEU E 142 36.67 -1.18 53.45
C LEU E 142 37.47 -0.45 52.36
N GLY E 143 38.07 -1.22 51.46
CA GLY E 143 38.80 -0.63 50.36
C GLY E 143 40.15 0.01 50.61
N CYS E 144 40.75 -0.23 51.78
CA CYS E 144 42.04 0.36 52.09
C CYS E 144 43.27 -0.34 51.54
N VAL E 145 44.42 0.25 51.81
CA VAL E 145 45.69 -0.28 51.32
C VAL E 145 46.57 -0.90 52.42
N PRO E 146 46.85 -2.22 52.33
CA PRO E 146 47.69 -2.97 53.29
C PRO E 146 49.19 -2.62 53.16
N ILE E 147 49.93 -2.77 54.26
CA ILE E 147 51.35 -2.44 54.28
C ILE E 147 52.35 -3.59 54.19
N ALA E 148 53.37 -3.40 53.36
CA ALA E 148 54.43 -4.38 53.13
C ALA E 148 55.41 -4.52 54.32
N ASN E 149 55.91 -5.74 54.52
CA ASN E 149 56.85 -6.05 55.61
C ASN E 149 56.32 -5.71 57.02
N ALA E 150 55.00 -5.83 57.23
CA ALA E 150 54.42 -5.51 58.54
C ALA E 150 53.30 -6.41 59.04
N GLY E 151 52.99 -6.25 60.33
CA GLY E 151 51.95 -7.03 60.97
C GLY E 151 52.40 -8.19 61.83
N ASP E 152 51.40 -8.82 62.47
CA ASP E 152 51.58 -9.97 63.35
C ASP E 152 51.88 -11.25 62.54
N PHE E 153 51.78 -11.14 61.22
CA PHE E 153 52.01 -12.28 60.33
C PHE E 153 53.01 -12.11 59.18
N GLY E 154 53.97 -11.20 59.36
CA GLY E 154 55.01 -10.96 58.35
C GLY E 154 54.64 -10.81 56.89
N GLY E 155 53.45 -10.29 56.61
CA GLY E 155 53.01 -10.09 55.23
C GLY E 155 52.54 -8.66 54.97
N TYR E 156 51.26 -8.41 55.24
CA TYR E 156 50.67 -7.09 55.04
C TYR E 156 49.68 -6.77 56.18
N TYR E 157 49.55 -5.48 56.48
CA TYR E 157 48.64 -5.01 57.51
C TYR E 157 47.98 -3.70 57.09
N CYS E 158 46.65 -3.68 57.10
CA CYS E 158 45.86 -2.50 56.73
C CYS E 158 45.51 -1.64 57.95
N PRO E 159 46.20 -0.49 58.11
CA PRO E 159 46.06 0.50 59.19
C PRO E 159 44.72 1.25 59.36
N CYS E 160 43.80 1.13 58.40
CA CYS E 160 42.52 1.84 58.50
C CYS E 160 41.64 1.38 59.65
N HIS E 161 41.53 0.05 59.81
CA HIS E 161 40.75 -0.57 60.90
C HIS E 161 41.42 -1.82 61.42
N GLY E 162 42.73 -1.92 61.15
CA GLY E 162 43.60 -3.02 61.60
C GLY E 162 43.57 -4.43 61.01
N SER E 163 43.23 -4.58 59.72
CA SER E 163 43.17 -5.92 59.12
C SER E 163 44.59 -6.46 58.89
N HIS E 164 44.87 -7.62 59.48
CA HIS E 164 46.18 -8.25 59.36
C HIS E 164 46.13 -9.44 58.40
N TYR E 165 47.12 -9.49 57.51
CA TYR E 165 47.19 -10.55 56.54
C TYR E 165 48.56 -11.22 56.64
N ASP E 166 48.64 -12.46 56.18
CA ASP E 166 49.89 -13.22 56.22
C ASP E 166 50.67 -13.02 54.91
N ALA E 167 51.86 -13.62 54.83
CA ALA E 167 52.70 -13.51 53.65
C ALA E 167 52.06 -14.23 52.45
N SER E 168 50.87 -14.79 52.67
CA SER E 168 50.11 -15.47 51.61
C SER E 168 48.92 -14.58 51.22
N GLY E 169 48.77 -13.47 51.94
CA GLY E 169 47.69 -12.54 51.67
C GLY E 169 46.37 -12.97 52.30
N ARG E 170 46.46 -13.89 53.27
CA ARG E 170 45.26 -14.39 53.94
C ARG E 170 44.89 -13.58 55.18
N ILE E 171 43.58 -13.38 55.35
CA ILE E 171 43.04 -12.62 56.49
C ILE E 171 43.22 -13.40 57.80
N ARG E 172 43.86 -12.75 58.76
CA ARG E 172 44.13 -13.34 60.08
C ARG E 172 43.55 -12.46 61.21
N LYS E 173 43.80 -11.16 61.12
CA LYS E 173 43.30 -10.22 62.12
C LYS E 173 42.54 -9.09 61.43
N GLY E 174 41.55 -8.55 62.14
CA GLY E 174 40.72 -7.48 61.61
C GLY E 174 39.41 -7.99 61.01
N PRO E 175 38.40 -7.11 60.91
CA PRO E 175 37.07 -7.42 60.37
C PRO E 175 37.07 -7.82 58.89
N ALA E 176 38.20 -7.60 58.21
CA ALA E 176 38.29 -7.93 56.79
C ALA E 176 37.65 -9.29 56.52
N PRO E 177 36.50 -9.30 55.80
CA PRO E 177 35.74 -10.51 55.46
C PRO E 177 36.51 -11.61 54.68
N LEU E 178 37.42 -11.22 53.80
CA LEU E 178 38.19 -12.20 53.02
C LEU E 178 39.68 -11.88 52.96
N ASN E 179 40.42 -12.74 52.25
CA ASN E 179 41.87 -12.57 52.03
C ASN E 179 42.01 -11.58 50.87
N LEU E 180 43.15 -10.91 50.77
CA LEU E 180 43.36 -9.96 49.67
C LEU E 180 43.10 -10.70 48.35
N GLU E 181 42.40 -10.03 47.43
CA GLU E 181 42.04 -10.61 46.12
C GLU E 181 43.23 -10.88 45.20
N VAL E 182 43.15 -11.98 44.46
CA VAL E 182 44.21 -12.34 43.51
C VAL E 182 43.68 -12.14 42.09
N PRO E 183 44.30 -11.20 41.34
CA PRO E 183 43.94 -10.85 39.96
C PRO E 183 44.07 -12.00 38.95
N SER E 184 43.30 -11.91 37.87
CA SER E 184 43.32 -12.91 36.80
C SER E 184 44.67 -12.76 36.09
N TYR E 185 45.40 -13.86 35.88
CA TYR E 185 46.70 -13.74 35.23
C TYR E 185 47.40 -15.04 34.79
N GLU E 186 48.66 -14.87 34.37
CA GLU E 186 49.54 -15.95 33.95
C GLU E 186 50.98 -15.42 33.76
N PHE E 187 51.93 -16.32 33.53
CA PHE E 187 53.35 -15.96 33.36
C PHE E 187 53.79 -15.93 31.88
N THR E 188 54.71 -15.02 31.57
CA THR E 188 55.24 -14.89 30.20
C THR E 188 56.63 -15.50 30.03
N SER E 189 57.37 -15.64 31.13
CA SER E 189 58.70 -16.23 31.11
C SER E 189 59.26 -16.35 32.52
N ASP E 190 60.52 -16.79 32.62
CA ASP E 190 61.18 -16.96 33.92
C ASP E 190 61.34 -15.64 34.70
N ASP E 191 61.44 -14.52 33.99
CA ASP E 191 61.58 -13.19 34.62
C ASP E 191 60.42 -12.25 34.26
N MET E 192 59.46 -12.74 33.47
CA MET E 192 58.30 -11.95 33.07
C MET E 192 56.94 -12.52 33.48
N VAL E 193 56.04 -11.61 33.85
CA VAL E 193 54.68 -11.95 34.26
C VAL E 193 53.69 -10.88 33.77
N ILE E 194 52.56 -11.34 33.25
CA ILE E 194 51.50 -10.46 32.74
C ILE E 194 50.18 -10.66 33.50
N VAL E 195 49.69 -9.60 34.14
CA VAL E 195 48.42 -9.71 34.86
C VAL E 195 47.33 -9.08 33.99
N GLY E 196 46.14 -9.68 33.99
CA GLY E 196 45.06 -9.14 33.18
C GLY E 196 44.49 -10.13 32.18
N SER F 10 1.10 49.01 -31.13
CA SER F 10 2.01 48.43 -32.17
C SER F 10 2.05 46.89 -32.10
N ARG F 11 2.11 46.36 -30.86
CA ARG F 11 2.15 44.90 -30.60
C ARG F 11 0.91 44.41 -29.87
N TRP F 12 0.02 43.75 -30.61
CA TRP F 12 -1.24 43.22 -30.09
C TRP F 12 -1.15 42.48 -28.77
N LEU F 13 -2.01 42.85 -27.83
CA LEU F 13 -2.02 42.13 -26.57
C LEU F 13 -2.48 40.76 -27.03
N GLU F 14 -3.29 40.77 -28.08
CA GLU F 14 -3.81 39.56 -28.70
C GLU F 14 -2.65 38.71 -29.21
N GLY F 15 -1.61 39.36 -29.72
CA GLY F 15 -0.46 38.63 -30.21
C GLY F 15 0.24 38.04 -29.00
N ILE F 16 0.37 38.86 -27.97
CA ILE F 16 0.99 38.49 -26.70
C ILE F 16 0.24 37.35 -26.00
N ARG F 17 -1.01 37.62 -25.62
CA ARG F 17 -1.83 36.63 -24.94
C ARG F 17 -1.63 35.24 -25.54
N LYS F 18 -1.62 35.17 -26.88
CA LYS F 18 -1.43 33.90 -27.57
C LYS F 18 -0.01 33.39 -27.32
N TRP F 19 0.94 34.30 -27.23
CA TRP F 19 2.31 33.92 -26.93
C TRP F 19 2.32 33.25 -25.58
N TYR F 20 1.88 33.99 -24.57
CA TYR F 20 1.85 33.45 -23.23
C TYR F 20 1.10 32.13 -23.13
N TYR F 21 -0.08 32.05 -23.74
CA TYR F 21 -0.87 30.81 -23.67
C TYR F 21 0.00 29.64 -24.07
N ASN F 22 0.56 29.68 -25.25
CA ASN F 22 1.42 28.62 -25.71
C ASN F 22 2.67 28.56 -24.85
N ALA F 23 3.03 29.68 -24.24
CA ALA F 23 4.23 29.69 -23.40
C ALA F 23 3.97 28.91 -22.12
N ALA F 24 2.88 29.24 -21.44
CA ALA F 24 2.50 28.58 -20.20
C ALA F 24 2.60 27.09 -20.37
N GLY F 25 1.81 26.55 -21.31
CA GLY F 25 1.89 25.12 -21.58
C GLY F 25 0.88 24.23 -20.91
N PHE F 26 -0.04 24.82 -20.16
CA PHE F 26 -1.03 24.04 -19.48
C PHE F 26 -1.96 23.36 -20.41
N ASN F 27 -1.68 23.44 -21.69
CA ASN F 27 -2.52 22.80 -22.69
C ASN F 27 -1.90 21.54 -23.17
N LYS F 28 -0.59 21.40 -22.99
CA LYS F 28 0.06 20.18 -23.41
C LYS F 28 -0.47 19.05 -22.54
N TYR F 29 -1.10 19.42 -21.42
CA TYR F 29 -1.67 18.43 -20.51
C TYR F 29 -3.12 18.21 -20.88
N GLY F 30 -3.62 19.09 -21.72
CA GLY F 30 -4.99 18.96 -22.17
C GLY F 30 -6.03 19.70 -21.34
N LEU F 31 -5.62 20.62 -20.48
CA LEU F 31 -6.61 21.31 -19.69
C LEU F 31 -6.80 22.79 -20.01
N MET F 32 -8.04 23.27 -19.89
CA MET F 32 -8.40 24.66 -20.15
C MET F 32 -7.75 25.57 -19.14
N ARG F 33 -7.73 26.85 -19.48
CA ARG F 33 -7.16 27.87 -18.64
C ARG F 33 -7.80 27.76 -17.27
N ASP F 34 -9.12 27.84 -17.26
CA ASP F 34 -9.91 27.74 -16.05
C ASP F 34 -9.65 26.46 -15.25
N ASP F 35 -9.10 25.44 -15.88
CA ASP F 35 -8.78 24.21 -15.17
C ASP F 35 -7.53 24.41 -14.31
N THR F 36 -7.02 25.61 -14.25
CA THR F 36 -5.82 25.80 -13.48
C THR F 36 -5.95 26.84 -12.41
N ILE F 37 -7.00 27.64 -12.46
CA ILE F 37 -7.12 28.69 -11.46
C ILE F 37 -7.07 28.08 -10.07
N TYR F 38 -6.26 28.67 -9.20
CA TYR F 38 -6.12 28.18 -7.83
C TYR F 38 -7.45 28.31 -7.11
N GLU F 39 -7.88 27.22 -6.48
CA GLU F 39 -9.15 27.15 -5.78
C GLU F 39 -9.31 27.93 -4.45
N ASN F 40 -9.31 29.26 -4.48
CA ASN F 40 -9.52 29.99 -3.24
C ASN F 40 -11.02 29.97 -2.97
N ASP F 41 -11.49 30.76 -2.00
CA ASP F 41 -12.92 30.77 -1.67
C ASP F 41 -13.87 31.04 -2.84
N ASP F 42 -13.57 32.05 -3.64
CA ASP F 42 -14.39 32.38 -4.79
C ASP F 42 -14.51 31.22 -5.78
N VAL F 43 -13.38 30.77 -6.29
CA VAL F 43 -13.39 29.67 -7.24
C VAL F 43 -14.13 28.47 -6.69
N LYS F 44 -14.11 28.30 -5.37
CA LYS F 44 -14.83 27.17 -4.79
C LYS F 44 -16.32 27.33 -4.93
N GLU F 45 -16.84 28.51 -4.60
CA GLU F 45 -18.25 28.75 -4.74
C GLU F 45 -18.54 28.59 -6.21
N ALA F 46 -17.77 29.32 -7.00
CA ALA F 46 -17.91 29.29 -8.44
C ALA F 46 -18.07 27.90 -9.01
N ILE F 47 -17.15 27.00 -8.73
CA ILE F 47 -17.24 25.67 -9.30
C ILE F 47 -18.51 24.94 -8.86
N ARG F 48 -18.94 25.19 -7.65
CA ARG F 48 -20.11 24.51 -7.12
C ARG F 48 -21.38 24.91 -7.87
N ARG F 49 -21.36 26.06 -8.53
CA ARG F 49 -22.51 26.54 -9.30
C ARG F 49 -22.46 26.01 -10.73
N LEU F 50 -21.26 25.61 -11.13
CA LEU F 50 -21.04 25.08 -12.45
C LEU F 50 -22.03 23.94 -12.71
N PRO F 51 -22.62 23.88 -13.92
CA PRO F 51 -23.58 22.86 -14.32
C PRO F 51 -22.92 21.50 -14.24
N GLU F 52 -23.68 20.43 -14.07
CA GLU F 52 -23.04 19.11 -13.98
C GLU F 52 -22.30 18.68 -15.25
N ASN F 53 -22.81 19.06 -16.43
CA ASN F 53 -22.14 18.72 -17.68
C ASN F 53 -20.67 19.01 -17.46
N LEU F 54 -20.39 20.30 -17.37
CA LEU F 54 -19.08 20.86 -17.19
C LEU F 54 -18.28 20.28 -16.02
N TYR F 55 -18.90 20.19 -14.85
CA TYR F 55 -18.20 19.66 -13.67
C TYR F 55 -17.50 18.34 -13.96
N ASP F 56 -18.24 17.36 -14.46
CA ASP F 56 -17.61 16.09 -14.75
C ASP F 56 -16.57 16.23 -15.85
N ASP F 57 -16.83 17.08 -16.84
CA ASP F 57 -15.88 17.31 -17.94
C ASP F 57 -14.55 17.73 -17.32
N ARG F 58 -14.60 18.82 -16.54
CA ARG F 58 -13.43 19.38 -15.87
C ARG F 58 -12.78 18.33 -14.96
N MET F 59 -13.60 17.63 -14.18
CA MET F 59 -13.10 16.61 -13.27
C MET F 59 -12.19 15.64 -14.01
N PHE F 60 -12.67 15.09 -15.11
CA PHE F 60 -11.87 14.18 -15.90
C PHE F 60 -10.62 14.85 -16.41
N ARG F 61 -10.78 16.01 -17.05
CA ARG F 61 -9.62 16.71 -17.55
C ARG F 61 -8.61 16.78 -16.43
N ILE F 62 -8.96 17.45 -15.34
CA ILE F 62 -8.01 17.56 -14.24
C ILE F 62 -7.36 16.24 -13.83
N LYS F 63 -8.10 15.15 -13.84
CA LYS F 63 -7.48 13.89 -13.46
C LYS F 63 -6.57 13.38 -14.57
N ARG F 64 -6.97 13.57 -15.82
CA ARG F 64 -6.16 13.10 -16.94
C ARG F 64 -4.80 13.84 -16.93
N ALA F 65 -4.81 15.05 -16.39
CA ALA F 65 -3.60 15.88 -16.33
C ALA F 65 -2.69 15.39 -15.22
N LEU F 66 -3.27 15.10 -14.06
CA LEU F 66 -2.50 14.59 -12.93
C LEU F 66 -1.82 13.29 -13.32
N ASP F 67 -2.50 12.48 -14.11
CA ASP F 67 -1.96 11.19 -14.53
C ASP F 67 -0.80 11.35 -15.52
N LEU F 68 -0.92 12.28 -16.45
CA LEU F 68 0.16 12.53 -17.38
C LEU F 68 1.32 12.91 -16.50
N ASN F 69 1.12 13.98 -15.74
CA ASN F 69 2.12 14.50 -14.83
C ASN F 69 2.73 13.43 -13.94
N MET F 70 1.92 12.46 -13.58
CA MET F 70 2.35 11.38 -12.73
C MET F 70 3.33 10.52 -13.51
N ARG F 71 3.12 10.44 -14.82
CA ARG F 71 3.96 9.62 -15.67
C ARG F 71 5.10 10.39 -16.31
N GLN F 72 5.15 11.69 -16.11
CA GLN F 72 6.21 12.51 -16.68
C GLN F 72 6.02 12.55 -18.19
N GLN F 73 4.79 12.39 -18.67
CA GLN F 73 4.55 12.39 -20.10
C GLN F 73 3.37 13.32 -20.43
N ILE F 74 3.41 14.00 -21.57
CA ILE F 74 2.32 14.89 -21.93
C ILE F 74 1.41 14.25 -22.98
N LEU F 75 0.58 15.09 -23.57
CA LEU F 75 -0.38 14.65 -24.57
C LEU F 75 0.16 14.94 -25.97
N PRO F 76 -0.13 14.07 -26.94
CA PRO F 76 0.34 14.29 -28.31
C PRO F 76 -0.13 15.60 -28.92
N LYS F 77 0.78 16.27 -29.62
CA LYS F 77 0.52 17.57 -30.24
C LYS F 77 -0.90 17.76 -30.73
N GLU F 78 -1.44 16.76 -31.42
CA GLU F 78 -2.79 16.89 -31.94
C GLU F 78 -3.76 17.32 -30.87
N GLN F 79 -3.81 16.57 -29.77
CA GLN F 79 -4.72 16.83 -28.68
C GLN F 79 -4.54 18.10 -27.87
N TRP F 80 -3.49 18.86 -28.13
CA TRP F 80 -3.26 20.12 -27.40
C TRP F 80 -4.41 21.10 -27.66
N THR F 81 -5.00 21.64 -26.62
CA THR F 81 -6.09 22.57 -26.83
C THR F 81 -5.52 23.81 -27.46
N LYS F 82 -6.12 24.24 -28.56
CA LYS F 82 -5.64 25.43 -29.26
C LYS F 82 -6.14 26.69 -28.60
N TYR F 83 -5.27 27.69 -28.48
CA TYR F 83 -5.64 28.95 -27.86
C TYR F 83 -7.08 29.33 -28.14
N GLU F 84 -7.37 29.61 -29.39
CA GLU F 84 -8.70 30.03 -29.81
C GLU F 84 -9.89 29.10 -29.54
N GLU F 85 -9.64 27.92 -28.99
CA GLU F 85 -10.74 27.01 -28.69
C GLU F 85 -10.90 26.80 -27.19
N ASP F 86 -10.09 27.50 -26.39
CA ASP F 86 -10.16 27.37 -24.93
C ASP F 86 -11.45 27.98 -24.49
N VAL F 87 -12.25 27.18 -23.78
CA VAL F 87 -13.54 27.61 -23.31
C VAL F 87 -13.56 28.10 -21.86
N PRO F 88 -13.74 29.42 -21.66
CA PRO F 88 -13.78 29.99 -20.31
C PRO F 88 -15.09 29.57 -19.63
N TYR F 89 -15.15 28.31 -19.22
CA TYR F 89 -16.35 27.74 -18.62
C TYR F 89 -16.72 28.21 -17.23
N LEU F 90 -15.76 28.77 -16.50
CA LEU F 90 -16.05 29.20 -15.13
C LEU F 90 -16.04 30.70 -14.92
N GLU F 91 -15.23 31.42 -15.70
CA GLU F 91 -15.11 32.87 -15.57
C GLU F 91 -16.43 33.61 -15.39
N PRO F 92 -17.48 33.25 -16.17
CA PRO F 92 -18.78 33.92 -16.03
C PRO F 92 -19.25 33.79 -14.60
N TYR F 93 -19.30 32.54 -14.14
CA TYR F 93 -19.71 32.24 -12.79
C TYR F 93 -18.79 32.96 -11.82
N LEU F 94 -17.52 32.56 -11.82
CA LEU F 94 -16.55 33.18 -10.94
C LEU F 94 -16.75 34.68 -10.85
N LYS F 95 -17.16 35.31 -11.94
CA LYS F 95 -17.38 36.76 -11.93
C LYS F 95 -18.52 37.22 -11.02
N GLU F 96 -19.70 36.62 -11.19
CA GLU F 96 -20.86 36.99 -10.38
C GLU F 96 -20.55 36.75 -8.90
N VAL F 97 -19.88 35.65 -8.61
CA VAL F 97 -19.50 35.30 -7.25
C VAL F 97 -18.75 36.45 -6.62
N ILE F 98 -17.77 36.95 -7.35
CA ILE F 98 -16.96 38.03 -6.85
C ILE F 98 -17.72 39.35 -6.70
N ARG F 99 -18.64 39.66 -7.61
CA ARG F 99 -19.36 40.91 -7.44
C ARG F 99 -20.51 40.77 -6.47
N GLU F 100 -21.00 39.54 -6.33
CA GLU F 100 -22.07 39.25 -5.38
C GLU F 100 -21.48 39.55 -4.02
N ARG F 101 -20.25 39.08 -3.83
CA ARG F 101 -19.52 39.25 -2.58
C ARG F 101 -19.18 40.70 -2.28
N LYS F 102 -18.57 41.39 -3.24
CA LYS F 102 -18.21 42.77 -3.01
C LYS F 102 -19.45 43.59 -2.64
N GLU F 103 -20.62 43.15 -3.13
CA GLU F 103 -21.87 43.84 -2.78
C GLU F 103 -22.04 43.72 -1.27
N ARG F 104 -21.90 42.50 -0.75
CA ARG F 104 -22.03 42.23 0.69
C ARG F 104 -20.89 42.84 1.48
N GLU F 105 -19.66 42.69 0.97
CA GLU F 105 -18.53 43.27 1.67
C GLU F 105 -18.80 44.76 1.84
N GLU F 106 -19.66 45.30 1.00
CA GLU F 106 -20.01 46.71 1.05
C GLU F 106 -21.14 47.00 2.03
N TRP F 107 -22.30 46.37 1.83
CA TRP F 107 -23.46 46.58 2.71
C TRP F 107 -23.14 46.49 4.19
N ASP F 108 -22.39 45.47 4.58
CA ASP F 108 -22.03 45.27 5.98
C ASP F 108 -21.19 46.39 6.59
N LYS F 109 -20.92 47.43 5.80
CA LYS F 109 -20.16 48.58 6.30
C LYS F 109 -21.11 49.77 6.58
N ARG G 2 -8.16 14.61 6.55
CA ARG G 2 -9.06 14.03 5.49
C ARG G 2 -8.65 12.60 5.19
N GLN G 3 -9.64 11.70 5.16
CA GLN G 3 -9.39 10.29 4.88
C GLN G 3 -9.94 9.87 3.52
N PHE G 4 -10.01 8.55 3.29
CA PHE G 4 -10.53 7.99 2.04
C PHE G 4 -12.01 7.71 2.02
N GLY G 5 -12.68 8.28 1.03
CA GLY G 5 -14.12 8.09 0.88
C GLY G 5 -14.90 9.38 0.91
N HIS G 6 -14.22 10.51 1.04
CA HIS G 6 -14.90 11.80 1.08
C HIS G 6 -14.08 12.91 0.41
N LEU G 7 -13.29 12.55 -0.60
CA LEU G 7 -12.46 13.53 -1.31
C LEU G 7 -13.16 14.33 -2.41
N THR G 8 -13.87 13.66 -3.32
CA THR G 8 -14.55 14.39 -4.38
C THR G 8 -15.70 13.69 -5.07
N ARG G 9 -16.56 14.49 -5.70
CA ARG G 9 -17.72 13.98 -6.45
C ARG G 9 -17.20 13.63 -7.84
N VAL G 10 -16.85 12.37 -8.04
CA VAL G 10 -16.33 11.89 -9.31
C VAL G 10 -17.35 11.03 -10.04
N ARG G 11 -17.46 11.19 -11.35
CA ARG G 11 -18.39 10.37 -12.12
C ARG G 11 -18.01 10.09 -13.56
N HIS G 12 -18.14 8.83 -13.93
CA HIS G 12 -17.88 8.39 -15.30
C HIS G 12 -16.44 8.15 -15.74
N LEU G 13 -15.56 7.85 -14.79
CA LEU G 13 -14.19 7.60 -15.20
C LEU G 13 -13.96 6.14 -15.01
N ILE G 14 -13.46 5.50 -16.05
CA ILE G 14 -13.17 4.09 -16.03
C ILE G 14 -11.68 3.95 -16.20
N THR G 15 -11.02 3.28 -15.25
CA THR G 15 -9.58 3.08 -15.35
C THR G 15 -9.24 1.61 -15.48
N TYR G 16 -8.13 1.33 -16.15
CA TYR G 16 -7.71 -0.04 -16.33
C TYR G 16 -6.24 -0.08 -15.98
N SER G 17 -5.86 -1.07 -15.17
CA SER G 17 -4.46 -1.25 -14.76
C SER G 17 -4.17 -2.73 -14.59
N LEU G 18 -2.89 -3.11 -14.74
CA LEU G 18 -2.52 -4.51 -14.59
C LEU G 18 -1.63 -4.78 -13.38
N SER G 19 -1.72 -5.96 -12.80
CA SER G 19 -0.87 -6.31 -11.68
C SER G 19 0.56 -6.01 -12.09
N PRO G 20 1.44 -5.72 -11.12
CA PRO G 20 2.85 -5.40 -11.31
C PRO G 20 3.60 -6.59 -11.88
N PHE G 21 3.05 -7.78 -11.65
CA PHE G 21 3.67 -9.00 -12.11
C PHE G 21 3.25 -9.38 -13.52
N GLU G 22 2.28 -8.68 -14.09
CA GLU G 22 1.87 -9.02 -15.44
C GLU G 22 2.48 -8.04 -16.40
N GLN G 23 3.29 -7.11 -15.89
CA GLN G 23 3.91 -6.12 -16.76
C GLN G 23 5.39 -5.92 -16.48
N ARG G 24 5.97 -4.94 -17.16
CA ARG G 24 7.38 -4.62 -17.02
C ARG G 24 7.56 -3.35 -16.20
N PRO G 25 8.55 -3.35 -15.30
CA PRO G 25 8.94 -2.27 -14.38
C PRO G 25 9.52 -1.03 -15.02
N PHE G 26 10.67 -1.19 -15.64
CA PHE G 26 11.34 -0.09 -16.31
C PHE G 26 11.27 -0.44 -17.78
N PRO G 27 10.08 -0.31 -18.39
CA PRO G 27 9.88 -0.63 -19.80
C PRO G 27 10.16 0.46 -20.80
N HIS G 28 10.49 0.01 -22.01
CA HIS G 28 10.74 0.86 -23.17
C HIS G 28 11.65 2.05 -22.95
N TYR G 29 12.84 1.79 -22.41
CA TYR G 29 13.78 2.85 -22.15
C TYR G 29 14.04 3.68 -23.40
N PHE G 30 13.91 3.08 -24.59
CA PHE G 30 14.11 3.83 -25.83
C PHE G 30 12.83 4.23 -26.53
N SER G 31 11.93 3.27 -26.71
CA SER G 31 10.66 3.53 -27.37
C SER G 31 10.02 4.85 -26.90
N LYS G 32 10.04 5.09 -25.58
CA LYS G 32 9.44 6.30 -24.98
C LYS G 32 10.26 6.89 -23.85
N GLY G 33 11.00 6.03 -23.16
CA GLY G 33 11.81 6.46 -22.03
C GLY G 33 12.76 7.61 -22.25
N VAL G 34 13.92 7.32 -22.84
CA VAL G 34 14.95 8.32 -23.10
C VAL G 34 14.44 9.55 -23.88
N PRO G 35 13.61 9.37 -24.91
CA PRO G 35 13.12 10.53 -25.66
C PRO G 35 12.60 11.63 -24.74
N ASN G 36 11.56 11.32 -23.97
CA ASN G 36 10.97 12.25 -23.02
C ASN G 36 11.98 12.90 -22.08
N VAL G 37 13.00 12.15 -21.67
CA VAL G 37 14.01 12.72 -20.80
C VAL G 37 14.60 13.90 -21.55
N TRP G 38 14.81 13.73 -22.84
CA TRP G 38 15.34 14.78 -23.69
C TRP G 38 14.25 15.77 -23.97
N ARG G 39 13.04 15.27 -24.17
CA ARG G 39 11.88 16.12 -24.44
C ARG G 39 11.78 17.14 -23.32
N ARG G 40 12.49 16.86 -22.24
CA ARG G 40 12.51 17.70 -21.07
C ARG G 40 13.77 18.56 -20.95
N LEU G 41 14.96 17.96 -21.05
CA LEU G 41 16.20 18.73 -20.96
C LEU G 41 16.04 19.88 -21.94
N ARG G 42 15.44 19.59 -23.09
CA ARG G 42 15.20 20.61 -24.09
C ARG G 42 13.75 21.02 -23.87
N ALA G 43 13.54 21.89 -22.89
CA ALA G 43 12.21 22.36 -22.53
C ALA G 43 12.37 23.37 -21.41
N CYS G 44 13.45 23.20 -20.64
CA CYS G 44 13.78 24.06 -19.50
C CYS G 44 15.21 24.59 -19.54
N ILE G 45 16.11 23.88 -20.22
CA ILE G 45 17.51 24.30 -20.31
C ILE G 45 17.55 25.80 -20.54
N LEU G 46 16.78 26.24 -21.51
CA LEU G 46 16.71 27.66 -21.87
C LEU G 46 16.05 28.54 -20.83
N ARG G 47 15.61 27.95 -19.72
CA ARG G 47 14.96 28.72 -18.65
C ARG G 47 15.77 28.67 -17.37
N VAL G 48 16.42 27.54 -17.14
CA VAL G 48 17.26 27.34 -15.95
C VAL G 48 18.71 27.75 -16.20
N ALA G 49 19.30 27.17 -17.25
CA ALA G 49 20.68 27.44 -17.60
C ALA G 49 21.08 28.89 -17.57
N PRO G 50 20.41 29.74 -18.35
CA PRO G 50 20.75 31.17 -18.37
C PRO G 50 21.23 31.80 -17.07
N PRO G 51 20.33 32.03 -16.09
CA PRO G 51 20.85 32.63 -14.87
C PRO G 51 22.03 31.90 -14.23
N PHE G 52 22.14 30.59 -14.42
CA PHE G 52 23.29 29.90 -13.86
C PHE G 52 24.53 30.28 -14.65
N LEU G 53 24.42 30.22 -15.97
CA LEU G 53 25.55 30.57 -16.81
C LEU G 53 25.95 31.97 -16.43
N ALA G 54 24.99 32.87 -16.41
CA ALA G 54 25.27 34.25 -16.03
C ALA G 54 26.08 34.32 -14.73
N PHE G 55 25.60 33.63 -13.70
CA PHE G 55 26.29 33.60 -12.43
C PHE G 55 27.75 33.29 -12.66
N TYR G 56 27.99 32.19 -13.35
CA TYR G 56 29.35 31.77 -13.66
C TYR G 56 30.21 32.90 -14.18
N LEU G 57 29.85 33.50 -15.29
CA LEU G 57 30.62 34.59 -15.83
C LEU G 57 31.02 35.56 -14.73
N LEU G 58 30.05 36.00 -13.94
CA LEU G 58 30.33 36.95 -12.86
C LEU G 58 31.31 36.41 -11.84
N TYR G 59 31.24 35.10 -11.58
CA TYR G 59 32.15 34.47 -10.63
C TYR G 59 33.55 34.61 -11.19
N THR G 60 33.71 34.23 -12.45
CA THR G 60 34.99 34.31 -13.12
C THR G 60 35.47 35.76 -13.15
N TRP G 61 34.69 36.64 -13.76
CA TRP G 61 35.11 38.02 -13.82
C TRP G 61 35.65 38.41 -12.45
N GLY G 62 34.81 38.27 -11.44
CA GLY G 62 35.22 38.60 -10.09
C GLY G 62 36.55 38.03 -9.66
N THR G 63 36.69 36.70 -9.69
CA THR G 63 37.95 36.14 -9.28
C THR G 63 39.11 36.69 -10.10
N GLN G 64 38.99 36.68 -11.44
CA GLN G 64 40.06 37.18 -12.27
C GLN G 64 40.48 38.61 -11.95
N GLU G 65 39.50 39.51 -11.82
CA GLU G 65 39.78 40.90 -11.50
C GLU G 65 40.53 41.04 -10.18
N PHE G 66 39.99 40.42 -9.14
CA PHE G 66 40.61 40.47 -7.82
C PHE G 66 42.06 40.03 -7.90
N GLU G 67 42.29 38.97 -8.67
CA GLU G 67 43.62 38.39 -8.85
C GLU G 67 44.53 39.25 -9.74
N LYS G 68 43.96 40.28 -10.35
CA LYS G 68 44.74 41.18 -11.20
C LYS G 68 45.09 42.44 -10.41
N SER G 69 44.14 42.91 -9.61
CA SER G 69 44.36 44.12 -8.82
C SER G 69 45.46 43.96 -7.77
N LYS G 70 46.04 42.76 -7.72
CA LYS G 70 47.11 42.50 -6.76
C LYS G 70 48.46 42.73 -7.41
N ARG G 71 48.63 42.17 -8.60
CA ARG G 71 49.86 42.29 -9.37
C ARG G 71 50.17 43.76 -9.65
N LYS G 72 51.45 44.11 -9.74
CA LYS G 72 51.88 45.48 -9.97
C LYS G 72 51.83 45.90 -11.43
N ASN G 73 51.61 47.19 -11.67
CA ASN G 73 51.54 47.75 -13.01
C ASN G 73 52.96 48.14 -13.41
N PRO G 74 53.48 47.50 -14.47
CA PRO G 74 54.85 47.78 -14.92
C PRO G 74 55.29 49.23 -14.88
N ALA G 75 54.33 50.16 -14.82
CA ALA G 75 54.61 51.60 -14.81
C ALA G 75 54.30 52.42 -13.56
N ALA G 76 53.93 51.78 -12.45
CA ALA G 76 53.65 52.56 -11.23
C ALA G 76 54.99 53.23 -10.83
N TYR G 77 56.06 52.79 -11.48
CA TYR G 77 57.41 53.32 -11.26
C TYR G 77 58.37 52.99 -12.41
N VAL G 78 58.52 53.95 -13.31
CA VAL G 78 59.42 53.83 -14.45
C VAL G 78 60.56 54.80 -14.10
N ASN G 79 60.71 55.07 -12.80
CA ASN G 79 61.74 55.94 -12.28
C ASN G 79 62.14 55.50 -10.86
N LEU H 13 76.29 11.12 -2.80
CA LEU H 13 74.79 11.21 -2.84
C LEU H 13 74.29 12.45 -3.56
N VAL H 14 73.28 12.27 -4.42
CA VAL H 14 72.69 13.38 -5.16
C VAL H 14 71.17 13.34 -5.05
N ASP H 15 70.60 14.46 -4.59
CA ASP H 15 69.17 14.59 -4.41
C ASP H 15 68.44 14.73 -5.73
N PRO H 16 67.63 13.72 -6.08
CA PRO H 16 66.89 13.77 -7.33
C PRO H 16 66.23 15.11 -7.53
N LEU H 17 65.84 15.73 -6.44
CA LEU H 17 65.17 17.01 -6.54
C LEU H 17 65.96 17.95 -7.43
N THR H 18 67.12 18.38 -6.96
CA THR H 18 67.97 19.30 -7.72
C THR H 18 68.21 18.90 -9.18
N THR H 19 68.21 17.60 -9.47
CA THR H 19 68.42 17.14 -10.84
C THR H 19 67.16 17.43 -11.66
N VAL H 20 66.01 17.02 -11.13
CA VAL H 20 64.73 17.22 -11.81
C VAL H 20 64.31 18.68 -11.89
N ARG H 21 65.00 19.54 -11.16
CA ARG H 21 64.72 20.96 -11.18
C ARG H 21 65.55 21.58 -12.30
N GLU H 22 66.78 21.11 -12.43
CA GLU H 22 67.65 21.61 -13.48
C GLU H 22 66.93 21.41 -14.80
N GLN H 23 66.37 20.23 -15.01
CA GLN H 23 65.63 19.94 -16.24
C GLN H 23 64.47 20.92 -16.37
N CYS H 24 63.57 20.88 -15.39
CA CYS H 24 62.41 21.76 -15.38
C CYS H 24 62.77 23.22 -15.67
N GLU H 25 63.80 23.73 -15.01
CA GLU H 25 64.23 25.11 -15.21
C GLU H 25 64.56 25.43 -16.65
N GLN H 26 64.54 24.42 -17.51
CA GLN H 26 64.85 24.57 -18.93
C GLN H 26 63.59 24.57 -19.82
N LEU H 27 62.46 24.15 -19.26
CA LEU H 27 61.20 24.11 -19.98
C LEU H 27 60.85 25.54 -20.38
N GLU H 28 60.05 25.70 -21.43
CA GLU H 28 59.68 27.04 -21.89
C GLU H 28 59.22 28.01 -20.79
N LYS H 29 58.04 27.73 -20.20
CA LYS H 29 57.48 28.58 -19.15
C LYS H 29 58.52 29.04 -18.15
N CYS H 30 59.35 28.11 -17.70
CA CYS H 30 60.38 28.43 -16.73
C CYS H 30 61.31 29.44 -17.37
N VAL H 31 62.01 29.01 -18.41
CA VAL H 31 62.95 29.86 -19.11
C VAL H 31 62.31 31.20 -19.44
N LYS H 32 61.08 31.15 -19.91
CA LYS H 32 60.38 32.39 -20.25
C LYS H 32 60.09 33.20 -18.98
N ALA H 33 59.91 32.51 -17.87
CA ALA H 33 59.61 33.15 -16.60
C ALA H 33 60.86 33.57 -15.84
N ARG H 34 61.91 32.77 -15.98
CA ARG H 34 63.19 33.05 -15.34
C ARG H 34 63.70 34.38 -15.86
N GLU H 35 63.52 34.58 -17.16
CA GLU H 35 63.96 35.80 -17.82
C GLU H 35 63.19 36.99 -17.27
N ARG H 36 61.87 36.97 -17.42
CA ARG H 36 61.04 38.07 -16.93
C ARG H 36 61.40 38.39 -15.48
N LEU H 37 62.04 37.44 -14.81
CA LEU H 37 62.45 37.59 -13.41
C LEU H 37 63.82 38.26 -13.27
N GLU H 38 64.82 37.69 -13.92
CA GLU H 38 66.18 38.21 -13.86
C GLU H 38 66.18 39.69 -14.21
N LEU H 39 65.28 40.09 -15.11
CA LEU H 39 65.19 41.50 -15.49
C LEU H 39 64.80 42.37 -14.29
N CYS H 40 63.67 42.04 -13.67
CA CYS H 40 63.18 42.78 -12.51
C CYS H 40 64.23 42.76 -11.42
N ASP H 41 64.91 41.63 -11.28
CA ASP H 41 65.92 41.49 -10.24
C ASP H 41 67.06 42.47 -10.45
N GLU H 42 67.60 42.52 -11.66
CA GLU H 42 68.70 43.42 -11.99
C GLU H 42 68.25 44.86 -12.08
N ARG H 43 66.95 45.09 -12.21
CA ARG H 43 66.42 46.44 -12.31
C ARG H 43 66.13 47.05 -10.94
N VAL H 44 65.72 46.24 -9.98
CA VAL H 44 65.39 46.73 -8.65
C VAL H 44 66.65 46.95 -7.84
N SER H 45 67.69 46.21 -8.19
CA SER H 45 68.95 46.36 -7.48
C SER H 45 69.79 47.47 -8.11
N SER H 46 69.35 47.98 -9.25
CA SER H 46 70.08 49.04 -9.94
C SER H 46 69.77 50.45 -9.42
N ARG H 47 68.60 50.65 -8.82
CA ARG H 47 68.27 51.97 -8.30
C ARG H 47 68.44 52.06 -6.79
N SER H 48 68.50 53.28 -6.27
CA SER H 48 68.66 53.53 -4.85
C SER H 48 67.32 53.76 -4.15
N GLN H 49 66.37 54.40 -4.83
CA GLN H 49 65.07 54.65 -4.21
C GLN H 49 63.83 54.17 -4.95
N THR H 50 63.55 52.86 -4.87
CA THR H 50 62.37 52.27 -5.52
C THR H 50 61.54 51.44 -4.54
N GLU H 51 60.24 51.43 -4.74
CA GLU H 51 59.34 50.65 -3.89
C GLU H 51 59.14 49.24 -4.43
N GLU H 52 59.44 49.01 -5.70
CA GLU H 52 59.23 47.70 -6.27
C GLU H 52 60.01 46.55 -5.62
N ASP H 53 59.37 45.39 -5.54
CA ASP H 53 59.97 44.17 -5.02
C ASP H 53 59.80 43.24 -6.21
N CYS H 54 60.58 42.17 -6.29
CA CYS H 54 60.41 41.25 -7.40
C CYS H 54 59.73 39.95 -6.97
N THR H 55 58.97 40.01 -5.88
CA THR H 55 58.25 38.87 -5.36
C THR H 55 57.42 38.23 -6.47
N GLU H 56 56.45 38.99 -6.97
CA GLU H 56 55.57 38.54 -8.05
C GLU H 56 56.35 37.74 -9.08
N GLU H 57 57.21 38.46 -9.82
CA GLU H 57 58.01 37.86 -10.85
C GLU H 57 58.66 36.57 -10.37
N LEU H 58 59.09 36.55 -9.12
CA LEU H 58 59.73 35.37 -8.57
C LEU H 58 58.80 34.19 -8.47
N PHE H 59 57.61 34.44 -7.91
CA PHE H 59 56.64 33.37 -7.75
C PHE H 59 56.34 32.73 -9.08
N ASP H 60 55.91 33.55 -10.04
CA ASP H 60 55.59 33.03 -11.35
C ASP H 60 56.63 32.00 -11.78
N PHE H 61 57.89 32.26 -11.46
CA PHE H 61 58.94 31.33 -11.83
C PHE H 61 58.82 30.06 -11.04
N LEU H 62 58.57 30.21 -9.74
CA LEU H 62 58.43 29.08 -8.83
C LEU H 62 57.13 28.33 -9.09
N HIS H 63 56.05 29.05 -9.36
CA HIS H 63 54.78 28.42 -9.62
C HIS H 63 54.88 27.60 -10.88
N ALA H 64 55.87 27.93 -11.70
CA ALA H 64 56.08 27.22 -12.97
C ALA H 64 57.11 26.12 -12.82
N ARG H 65 58.25 26.45 -12.22
CA ARG H 65 59.30 25.46 -12.03
C ARG H 65 58.68 24.26 -11.33
N ASP H 66 58.36 24.48 -10.06
CA ASP H 66 57.80 23.45 -9.22
C ASP H 66 56.68 22.62 -9.84
N HIS H 67 55.73 23.26 -10.51
CA HIS H 67 54.65 22.50 -11.10
C HIS H 67 55.11 21.26 -11.85
N CYS H 68 56.22 21.34 -12.57
CA CYS H 68 56.64 20.13 -13.26
C CYS H 68 57.56 19.31 -12.39
N VAL H 69 58.20 19.96 -11.43
CA VAL H 69 59.08 19.23 -10.51
C VAL H 69 58.23 18.15 -9.89
N ALA H 70 56.96 18.51 -9.64
CA ALA H 70 55.99 17.62 -9.03
C ALA H 70 55.64 16.47 -9.98
N HIS H 71 55.34 16.81 -11.23
CA HIS H 71 54.98 15.78 -12.20
C HIS H 71 56.01 14.66 -12.28
N LYS H 72 57.21 14.88 -11.74
CA LYS H 72 58.26 13.85 -11.82
C LYS H 72 59.04 13.52 -10.54
N LEU H 73 59.31 14.51 -9.70
CA LEU H 73 60.10 14.27 -8.50
C LEU H 73 59.85 12.91 -7.87
N PHE H 74 58.63 12.65 -7.42
CA PHE H 74 58.34 11.39 -6.77
C PHE H 74 58.65 10.11 -7.53
N ASN H 75 58.96 10.20 -8.83
CA ASN H 75 59.28 9.01 -9.60
C ASN H 75 60.57 8.39 -9.11
N SER H 76 61.47 9.24 -8.62
CA SER H 76 62.78 8.83 -8.14
C SER H 76 62.90 8.52 -6.66
N LEU H 77 61.99 9.06 -5.86
CA LEU H 77 61.99 8.83 -4.41
C LEU H 77 61.42 7.45 -4.08
N LYS H 78 61.94 6.82 -3.02
CA LYS H 78 61.45 5.50 -2.68
C LYS H 78 60.18 5.61 -1.84
N UNK I 1 -49.40 -12.43 -2.22
CA UNK I 1 -47.94 -12.70 -2.01
C UNK I 1 -47.64 -13.68 -0.86
N UNK I 2 -46.40 -13.64 -0.37
CA UNK I 2 -45.95 -14.50 0.73
C UNK I 2 -44.75 -13.82 1.45
N UNK I 3 -43.73 -14.57 1.87
CA UNK I 3 -42.55 -13.97 2.53
C UNK I 3 -41.43 -14.98 2.85
N UNK I 4 -40.33 -14.56 3.48
CA UNK I 4 -39.20 -15.50 3.75
C UNK I 4 -38.52 -15.58 5.13
N UNK I 5 -37.52 -16.47 5.22
CA UNK I 5 -36.79 -16.67 6.48
C UNK I 5 -35.31 -17.05 6.46
N UNK I 6 -34.74 -17.24 7.66
CA UNK I 6 -33.33 -17.57 7.98
C UNK I 6 -32.39 -18.34 7.04
N UNK I 7 -31.33 -17.65 6.61
CA UNK I 7 -30.27 -18.18 5.72
C UNK I 7 -30.47 -18.17 4.17
N UNK I 8 -31.27 -17.25 3.64
CA UNK I 8 -31.48 -17.23 2.19
C UNK I 8 -31.64 -15.89 1.49
N UNK I 9 -32.88 -15.52 1.19
CA UNK I 9 -33.15 -14.26 0.52
C UNK I 9 -34.43 -13.60 1.08
N UNK I 10 -35.12 -12.82 0.25
CA UNK I 10 -36.36 -12.15 0.65
C UNK I 10 -37.39 -12.40 -0.45
N UNK I 11 -38.24 -13.42 -0.25
CA UNK I 11 -39.26 -13.80 -1.24
C UNK I 11 -40.60 -13.09 -1.12
N UNK I 12 -41.03 -12.54 -2.25
CA UNK I 12 -42.30 -11.86 -2.42
C UNK I 12 -42.65 -12.36 -3.82
N UNK I 13 -43.66 -13.24 -3.93
CA UNK I 13 -44.07 -13.81 -5.23
C UNK I 13 -45.53 -13.54 -5.63
N UNK I 14 -45.92 -14.11 -6.77
CA UNK I 14 -47.28 -13.99 -7.32
C UNK I 14 -47.40 -14.56 -8.75
N UNK I 15 -47.77 -13.70 -9.71
CA UNK I 15 -47.93 -14.07 -11.13
C UNK I 15 -48.96 -15.16 -11.39
N UNK I 16 -48.47 -16.35 -11.72
CA UNK I 16 -49.31 -17.51 -12.00
C UNK I 16 -48.85 -18.76 -11.21
N UNK I 17 -49.76 -19.36 -10.43
CA UNK I 17 -49.51 -20.57 -9.61
C UNK I 17 -50.70 -20.96 -8.70
N UNK I 18 -31.64 -1.39 2.26
CA UNK I 18 -31.92 -1.73 0.83
C UNK I 18 -31.10 -2.91 0.26
N UNK I 19 -31.02 -4.02 1.00
CA UNK I 19 -30.30 -5.21 0.52
C UNK I 19 -31.08 -5.86 -0.64
N UNK I 20 -30.61 -5.66 -1.87
CA UNK I 20 -31.22 -6.19 -3.09
C UNK I 20 -31.83 -7.58 -2.97
N UNK I 21 -31.16 -8.47 -2.23
CA UNK I 21 -31.65 -9.84 -2.05
C UNK I 21 -30.71 -10.83 -2.73
N UNK I 22 -29.48 -10.88 -2.23
CA UNK I 22 -28.42 -11.76 -2.76
C UNK I 22 -28.61 -13.26 -2.52
N UNK I 23 -29.86 -13.66 -2.28
CA UNK I 23 -30.15 -15.06 -2.04
C UNK I 23 -29.96 -15.92 -3.27
N UNK I 24 -30.98 -15.93 -4.14
CA UNK I 24 -30.90 -16.74 -5.34
C UNK I 24 -31.39 -18.15 -5.02
N UNK I 25 -31.24 -18.54 -3.74
CA UNK I 25 -31.69 -19.85 -3.30
C UNK I 25 -30.65 -20.97 -3.32
N UNK I 26 -30.14 -21.29 -2.14
CA UNK I 26 -29.15 -22.35 -2.02
C UNK I 26 -29.75 -23.69 -1.65
N UNK I 27 -48.73 -13.21 -26.83
CA UNK I 27 -47.55 -14.12 -26.64
C UNK I 27 -46.29 -13.71 -27.40
N UNK I 28 -45.15 -13.71 -26.70
CA UNK I 28 -43.85 -13.34 -27.27
C UNK I 28 -42.70 -13.89 -26.41
N UNK I 29 -41.49 -13.35 -26.60
CA UNK I 29 -40.29 -13.77 -25.88
C UNK I 29 -40.55 -14.70 -24.69
N UNK I 30 -40.09 -15.95 -24.82
CA UNK I 30 -40.29 -16.94 -23.76
C UNK I 30 -41.46 -17.87 -24.05
N UNK I 31 -42.38 -17.46 -24.92
CA UNK I 31 -43.57 -18.23 -25.31
C UNK I 31 -44.69 -18.26 -24.24
N UNK I 32 -44.67 -19.22 -23.30
CA UNK I 32 -45.77 -19.15 -22.33
C UNK I 32 -45.63 -17.96 -21.39
N UNK I 33 -46.54 -17.01 -21.49
CA UNK I 33 -46.54 -15.81 -20.64
C UNK I 33 -47.18 -16.11 -19.28
N THR J 4 15.17 -24.98 -12.70
CA THR J 4 14.39 -23.71 -12.92
C THR J 4 14.52 -22.81 -11.71
N LEU J 5 15.77 -22.49 -11.36
CA LEU J 5 16.05 -21.64 -10.21
C LEU J 5 14.90 -20.70 -9.85
N THR J 6 14.78 -19.57 -10.55
CA THR J 6 13.72 -18.60 -10.27
C THR J 6 12.43 -19.27 -9.82
N ALA J 7 11.91 -20.18 -10.63
CA ALA J 7 10.69 -20.88 -10.24
C ALA J 7 10.92 -21.76 -9.02
N ARG J 8 12.03 -22.49 -9.02
CA ARG J 8 12.35 -23.34 -7.87
C ARG J 8 12.39 -22.42 -6.67
N LEU J 9 13.13 -21.32 -6.84
CA LEU J 9 13.30 -20.29 -5.82
C LEU J 9 11.98 -19.87 -5.19
N TYR J 10 11.08 -19.35 -6.03
CA TYR J 10 9.79 -18.92 -5.56
C TYR J 10 9.16 -20.00 -4.69
N SER J 11 8.80 -21.11 -5.33
CA SER J 11 8.17 -22.25 -4.67
C SER J 11 8.77 -22.56 -3.30
N LEU J 12 10.07 -22.81 -3.29
CA LEU J 12 10.78 -23.17 -2.07
C LEU J 12 11.16 -22.05 -1.12
N LEU J 13 11.58 -20.90 -1.67
CA LEU J 13 12.04 -19.81 -0.83
C LEU J 13 11.20 -18.56 -0.65
N PHE J 14 10.52 -18.12 -1.68
CA PHE J 14 9.79 -16.86 -1.56
C PHE J 14 8.30 -16.89 -1.33
N ARG J 15 7.68 -18.05 -1.42
CA ARG J 15 6.23 -18.17 -1.25
C ARG J 15 5.74 -17.94 0.19
N ARG J 16 6.32 -18.67 1.13
CA ARG J 16 5.94 -18.60 2.53
C ARG J 16 6.70 -17.48 3.28
N THR J 17 5.94 -16.56 3.88
CA THR J 17 6.53 -15.44 4.62
C THR J 17 7.61 -15.97 5.54
N SER J 18 7.37 -17.17 6.04
CA SER J 18 8.32 -17.84 6.92
C SER J 18 9.64 -18.12 6.20
N THR J 19 9.55 -18.84 5.09
CA THR J 19 10.71 -19.20 4.29
C THR J 19 11.51 -17.99 3.85
N PHE J 20 10.82 -16.95 3.42
CA PHE J 20 11.49 -15.75 2.95
C PHE J 20 12.47 -15.25 4.01
N ALA J 21 11.94 -14.88 5.17
CA ALA J 21 12.76 -14.36 6.26
C ALA J 21 13.92 -15.28 6.58
N LEU J 22 13.63 -16.57 6.69
CA LEU J 22 14.66 -17.53 6.99
C LEU J 22 15.81 -17.51 5.98
N THR J 23 15.55 -17.17 4.73
CA THR J 23 16.63 -17.13 3.75
C THR J 23 17.24 -15.74 3.68
N ILE J 24 16.61 -14.78 4.36
CA ILE J 24 17.15 -13.43 4.40
C ILE J 24 18.28 -13.48 5.39
N VAL J 25 18.16 -14.39 6.35
CA VAL J 25 19.17 -14.51 7.35
C VAL J 25 20.29 -15.38 6.78
N VAL J 26 20.01 -16.65 6.55
CA VAL J 26 21.05 -17.52 6.01
C VAL J 26 21.70 -16.84 4.82
N GLY J 27 20.91 -16.06 4.09
CA GLY J 27 21.42 -15.36 2.93
C GLY J 27 22.39 -14.27 3.33
N ALA J 28 22.14 -13.66 4.49
CA ALA J 28 22.97 -12.59 5.00
C ALA J 28 24.31 -13.13 5.49
N LEU J 29 24.26 -14.18 6.32
CA LEU J 29 25.48 -14.76 6.83
C LEU J 29 26.42 -15.04 5.68
N LEU J 30 25.93 -15.75 4.68
CA LEU J 30 26.74 -16.07 3.53
C LEU J 30 27.21 -14.83 2.77
N PHE J 31 26.34 -13.82 2.64
CA PHE J 31 26.71 -12.59 1.93
C PHE J 31 27.80 -11.85 2.67
N GLU J 32 27.70 -11.79 3.99
CA GLU J 32 28.70 -11.11 4.80
C GLU J 32 30.06 -11.74 4.50
N ARG J 33 30.27 -12.95 4.99
CA ARG J 33 31.51 -13.69 4.81
C ARG J 33 32.12 -13.53 3.42
N ALA J 34 31.30 -13.68 2.39
CA ALA J 34 31.80 -13.56 1.04
C ALA J 34 32.08 -12.13 0.62
N PHE J 35 31.19 -11.19 0.97
CA PHE J 35 31.39 -9.80 0.59
C PHE J 35 32.59 -9.16 1.24
N ASP J 36 32.91 -9.53 2.48
CA ASP J 36 34.06 -8.95 3.15
C ASP J 36 35.34 -9.44 2.45
N GLN J 37 35.62 -10.73 2.56
CA GLN J 37 36.82 -11.29 1.94
C GLN J 37 37.04 -10.59 0.60
N GLY J 38 36.08 -10.76 -0.29
CA GLY J 38 36.17 -10.12 -1.59
C GLY J 38 36.59 -8.67 -1.54
N ALA J 39 35.92 -7.85 -0.73
CA ALA J 39 36.27 -6.44 -0.66
C ALA J 39 37.68 -6.26 -0.16
N ASP J 40 37.97 -6.83 1.00
CA ASP J 40 39.29 -6.73 1.58
C ASP J 40 40.28 -7.07 0.50
N ALA J 41 40.14 -8.26 -0.06
CA ALA J 41 41.02 -8.71 -1.13
C ALA J 41 41.21 -7.58 -2.13
N ILE J 42 40.12 -7.15 -2.77
CA ILE J 42 40.20 -6.07 -3.75
C ILE J 42 40.93 -4.88 -3.19
N TYR J 43 40.61 -4.54 -1.95
CA TYR J 43 41.28 -3.41 -1.34
C TYR J 43 42.78 -3.64 -1.27
N GLU J 44 43.19 -4.56 -0.39
CA GLU J 44 44.59 -4.89 -0.18
C GLU J 44 45.38 -5.03 -1.47
N HIS J 45 44.87 -5.78 -2.42
CA HIS J 45 45.59 -5.94 -3.67
C HIS J 45 45.86 -4.62 -4.37
N ILE J 46 44.92 -3.69 -4.31
CA ILE J 46 45.16 -2.40 -4.96
C ILE J 46 46.24 -1.65 -4.19
N ASN J 47 46.70 -2.24 -3.09
CA ASN J 47 47.74 -1.62 -2.27
C ASN J 47 48.89 -2.53 -1.86
N GLU J 48 49.44 -3.28 -2.81
CA GLU J 48 50.53 -4.19 -2.51
C GLU J 48 51.77 -3.52 -1.93
N GLY J 49 52.39 -4.23 -0.99
CA GLY J 49 53.59 -3.75 -0.34
C GLY J 49 53.48 -2.48 0.47
N LYS J 50 52.26 -1.97 0.70
CA LYS J 50 52.10 -0.74 1.45
C LYS J 50 51.59 -0.97 2.87
N LEU J 51 50.72 -1.96 3.01
CA LEU J 51 50.13 -2.32 4.29
C LEU J 51 51.13 -3.03 5.16
N TRP J 52 51.01 -2.84 6.46
CA TRP J 52 51.90 -3.48 7.41
C TRP J 52 51.81 -4.98 7.24
N LYS J 53 50.62 -5.49 6.99
CA LYS J 53 50.48 -6.92 6.79
C LYS J 53 51.53 -7.39 5.78
N HIS J 54 52.00 -6.48 4.93
CA HIS J 54 52.98 -6.79 3.88
C HIS J 54 54.43 -6.55 4.31
N ILE J 55 54.65 -5.46 5.05
CA ILE J 55 55.96 -5.05 5.53
C ILE J 55 56.38 -5.81 6.78
N LYS J 56 55.41 -6.43 7.43
CA LYS J 56 55.60 -7.17 8.68
C LYS J 56 56.87 -8.00 8.83
N HIS J 57 57.06 -9.02 7.98
CA HIS J 57 58.23 -9.90 8.07
C HIS J 57 59.61 -9.28 8.24
N LYS J 58 59.88 -8.17 7.57
CA LYS J 58 61.18 -7.52 7.69
C LYS J 58 61.62 -7.33 9.14
N TYR J 59 60.67 -7.00 9.99
CA TYR J 59 60.98 -6.74 11.39
C TYR J 59 60.62 -7.90 12.28
N GLU J 60 59.71 -8.75 11.83
CA GLU J 60 59.38 -9.93 12.60
C GLU J 60 60.27 -10.93 11.87
N ASN J 61 61.57 -10.77 12.08
CA ASN J 61 62.62 -11.59 11.46
C ASN J 61 62.95 -11.16 10.02
N LYS J 62 62.51 -12.01 9.08
CA LYS J 62 62.70 -11.89 7.62
C LYS J 62 63.37 -10.64 7.03
#